data_6J55
#
_entry.id   6J55
#
_cell.length_a   127.486
_cell.length_b   127.486
_cell.length_c   327.064
_cell.angle_alpha   90.000
_cell.angle_beta   90.000
_cell.angle_gamma   120.000
#
_symmetry.space_group_name_H-M   'P 61'
#
loop_
_entity.id
_entity.type
_entity.pdbx_description
1 polymer 'Superoxide dismutase'
2 non-polymer 'FE (II) ION'
3 water water
#
_entity_poly.entity_id   1
_entity_poly.type   'polypeptide(L)'
_entity_poly.pdbx_seq_one_letter_code
;HHHHHHGSMLFTLNDPAYLKTGLEPAISAKTLDFHFNGHHKTYLNKTNDLVKGTSLENKSLEDVILVAKTTNNAALFNNA
TQLWNHSFFWDCMAPTNQTGQISPELEKLIKESFGSVADFKKKFTDSAIANFGSGWTWLVNINGKLEIQNTSNAESPVTL
RVTPLLTVDVWEHAYYLDHQNRRPEYLNKWWEVVNWKFVDQQLKQ
;
_entity_poly.pdbx_strand_id   A,B,C,D,E,F,G,H,I,J,K,L
#
loop_
_chem_comp.id
_chem_comp.type
_chem_comp.name
_chem_comp.formula
FE2 non-polymer 'FE (II) ION' 'Fe 2'
#
# COMPACT_ATOMS: atom_id res chain seq x y z
N HIS A 4 27.92 22.60 -21.15
CA HIS A 4 26.51 22.71 -20.76
C HIS A 4 26.31 23.90 -19.80
N HIS A 5 27.22 24.03 -18.84
CA HIS A 5 27.20 25.11 -17.86
C HIS A 5 28.54 25.14 -17.15
N HIS A 6 28.86 26.31 -16.61
CA HIS A 6 29.97 26.50 -15.69
C HIS A 6 29.50 27.34 -14.51
N GLY A 7 28.25 27.15 -14.14
CA GLY A 7 27.68 27.82 -12.99
C GLY A 7 27.13 26.83 -11.98
N SER A 8 27.98 25.88 -11.54
CA SER A 8 27.53 24.78 -10.69
C SER A 8 26.90 25.30 -9.42
N MET A 9 25.71 24.78 -9.10
CA MET A 9 25.05 25.06 -7.84
C MET A 9 24.69 23.76 -7.12
N LEU A 10 24.55 23.88 -5.80
CA LEU A 10 24.07 22.82 -4.94
C LEU A 10 23.01 23.39 -4.02
N PHE A 11 22.23 22.49 -3.42
CA PHE A 11 21.30 22.92 -2.37
C PHE A 11 22.07 23.22 -1.11
N THR A 12 21.54 24.11 -0.29
CA THR A 12 22.19 24.49 0.96
C THR A 12 21.13 24.58 2.06
N LEU A 13 21.60 24.54 3.30
CA LEU A 13 20.71 24.73 4.44
C LEU A 13 21.28 25.81 5.34
N ASN A 14 20.41 26.64 5.90
CA ASN A 14 20.77 27.58 6.94
C ASN A 14 20.22 27.14 8.29
N ASP A 15 20.95 27.45 9.37
CA ASP A 15 20.49 27.10 10.70
C ASP A 15 19.09 27.69 10.91
N PRO A 16 18.16 26.91 11.46
CA PRO A 16 16.95 27.53 12.02
C PRO A 16 17.37 28.54 13.07
N ALA A 17 16.63 29.64 13.16
CA ALA A 17 17.01 30.68 14.12
C ALA A 17 17.04 30.14 15.54
N TYR A 18 16.22 29.15 15.85
CA TYR A 18 16.14 28.63 17.20
C TYR A 18 16.97 27.36 17.40
N LEU A 19 17.92 27.10 16.49
CA LEU A 19 18.63 25.83 16.49
C LEU A 19 19.31 25.55 17.82
N LYS A 20 20.00 26.54 18.37
CA LYS A 20 20.82 26.33 19.55
C LYS A 20 20.07 26.57 20.86
N THR A 21 18.92 27.28 20.84
CA THR A 21 18.13 27.50 22.04
C THR A 21 17.02 26.47 22.21
N GLY A 22 16.59 25.81 21.13
CA GLY A 22 15.57 24.79 21.20
C GLY A 22 14.15 25.29 21.08
N LEU A 23 13.21 24.36 21.29
CA LEU A 23 11.77 24.60 21.23
C LEU A 23 11.07 23.92 22.43
N GLU A 24 11.54 24.21 23.65
CA GLU A 24 10.95 23.64 24.84
C GLU A 24 9.54 24.21 24.95
N PRO A 25 8.60 23.43 25.50
CA PRO A 25 8.75 22.07 26.07
C PRO A 25 8.57 20.94 25.07
N ALA A 26 8.43 21.27 23.80
CA ALA A 26 8.11 20.26 22.79
C ALA A 26 9.36 19.55 22.27
N ILE A 27 10.37 20.31 21.85
CA ILE A 27 11.53 19.75 21.19
C ILE A 27 12.76 20.39 21.81
N SER A 28 13.67 19.55 22.30
CA SER A 28 14.87 20.02 22.97
C SER A 28 15.92 20.50 21.96
N ALA A 29 16.85 21.32 22.45
CA ALA A 29 17.98 21.73 21.63
C ALA A 29 18.82 20.54 21.21
N LYS A 30 18.93 19.55 22.11
CA LYS A 30 19.62 18.30 21.77
C LYS A 30 18.96 17.63 20.57
N THR A 31 17.62 17.53 20.58
CA THR A 31 16.94 16.88 19.47
C THR A 31 17.18 17.65 18.19
N LEU A 32 17.15 18.97 18.26
CA LEU A 32 17.33 19.74 17.04
C LEU A 32 18.73 19.59 16.50
N ASP A 33 19.70 19.29 17.37
CA ASP A 33 21.04 19.07 16.88
C ASP A 33 21.11 17.84 16.00
N PHE A 34 20.64 16.71 16.52
CA PHE A 34 20.64 15.48 15.73
C PHE A 34 19.67 15.57 14.56
N HIS A 35 18.54 16.26 14.74
CA HIS A 35 17.54 16.33 13.69
C HIS A 35 18.03 17.16 12.51
N PHE A 36 18.62 18.34 12.78
CA PHE A 36 19.08 19.23 11.70
C PHE A 36 20.49 18.91 11.25
N ASN A 37 21.46 18.88 12.18
CA ASN A 37 22.84 18.60 11.79
C ASN A 37 23.01 17.13 11.40
N GLY A 38 22.18 16.24 11.95
CA GLY A 38 22.23 14.86 11.52
C GLY A 38 21.33 14.58 10.32
N HIS A 39 20.03 14.41 10.56
CA HIS A 39 19.15 13.93 9.50
C HIS A 39 19.08 14.91 8.32
N HIS A 40 18.77 16.18 8.59
CA HIS A 40 18.49 17.10 7.50
C HIS A 40 19.71 17.29 6.61
N LYS A 41 20.90 17.46 7.21
CA LYS A 41 22.12 17.60 6.41
C LYS A 41 22.47 16.31 5.70
N THR A 42 22.12 15.16 6.27
CA THR A 42 22.31 13.91 5.54
C THR A 42 21.45 13.92 4.28
N TYR A 43 20.18 14.29 4.39
CA TYR A 43 19.32 14.37 3.22
C TYR A 43 19.87 15.39 2.22
N LEU A 44 20.42 16.50 2.72
CA LEU A 44 20.96 17.53 1.83
C LEU A 44 22.16 17.01 1.05
N ASN A 45 23.10 16.34 1.74
CA ASN A 45 24.29 15.83 1.06
C ASN A 45 23.94 14.75 0.07
N LYS A 46 22.98 13.88 0.39
CA LYS A 46 22.60 12.79 -0.51
C LYS A 46 21.85 13.32 -1.73
N THR A 47 20.92 14.26 -1.54
CA THR A 47 20.29 14.90 -2.69
C THR A 47 21.35 15.50 -3.63
N ASN A 48 22.29 16.28 -3.07
CA ASN A 48 23.33 16.88 -3.87
C ASN A 48 24.19 15.84 -4.57
N ASP A 49 24.55 14.75 -3.88
CA ASP A 49 25.36 13.72 -4.55
C ASP A 49 24.61 13.07 -5.70
N LEU A 50 23.31 12.81 -5.53
CA LEU A 50 22.58 12.08 -6.57
C LEU A 50 22.32 12.93 -7.80
N VAL A 51 22.26 14.25 -7.64
CA VAL A 51 21.91 15.12 -8.74
C VAL A 51 23.10 15.57 -9.59
N LYS A 52 24.32 15.56 -9.03
CA LYS A 52 25.47 16.12 -9.75
C LYS A 52 25.86 15.25 -10.93
N GLY A 53 26.33 15.91 -11.99
CA GLY A 53 26.68 15.15 -13.17
C GLY A 53 25.51 14.58 -13.93
N THR A 54 24.28 14.96 -13.58
CA THR A 54 23.08 14.52 -14.29
C THR A 54 22.33 15.72 -14.85
N SER A 55 21.28 15.42 -15.62
CA SER A 55 20.43 16.49 -16.13
C SER A 55 19.65 17.20 -15.02
N LEU A 56 19.74 16.72 -13.78
CA LEU A 56 19.08 17.38 -12.67
C LEU A 56 19.96 18.39 -11.96
N GLU A 57 21.24 18.49 -12.33
CA GLU A 57 22.09 19.47 -11.67
C GLU A 57 21.55 20.88 -11.90
N ASN A 58 21.64 21.71 -10.86
CA ASN A 58 21.19 23.09 -10.89
C ASN A 58 19.68 23.27 -10.94
N LYS A 59 18.91 22.19 -11.14
CA LYS A 59 17.45 22.28 -11.08
C LYS A 59 16.97 22.60 -9.66
N SER A 60 15.83 23.28 -9.56
CA SER A 60 15.28 23.60 -8.25
C SER A 60 14.85 22.32 -7.52
N LEU A 61 14.71 22.44 -6.21
CA LEU A 61 14.40 21.27 -5.40
C LEU A 61 13.03 20.69 -5.77
N GLU A 62 12.03 21.56 -5.99
CA GLU A 62 10.70 21.08 -6.36
C GLU A 62 10.71 20.40 -7.73
N ASP A 63 11.47 20.93 -8.71
CA ASP A 63 11.62 20.20 -9.97
C ASP A 63 12.30 18.85 -9.77
N VAL A 64 13.32 18.80 -8.90
CA VAL A 64 13.96 17.51 -8.62
C VAL A 64 12.95 16.55 -7.97
N ILE A 65 12.13 17.05 -7.06
CA ILE A 65 11.15 16.18 -6.38
C ILE A 65 10.15 15.61 -7.38
N LEU A 66 9.62 16.45 -8.27
CA LEU A 66 8.61 15.98 -9.23
C LEU A 66 9.20 15.06 -10.29
N VAL A 67 10.46 15.27 -10.67
CA VAL A 67 11.11 14.35 -11.60
C VAL A 67 11.33 12.99 -10.92
N ALA A 68 11.77 13.00 -9.66
CA ALA A 68 11.93 11.75 -8.95
C ALA A 68 10.59 11.03 -8.81
N LYS A 69 9.52 11.77 -8.54
CA LYS A 69 8.23 11.10 -8.38
C LYS A 69 7.72 10.55 -9.71
N THR A 70 7.77 11.33 -10.79
CA THR A 70 7.21 10.88 -12.06
C THR A 70 8.04 9.79 -12.72
N THR A 71 9.34 9.73 -12.46
CA THR A 71 10.19 8.66 -12.99
C THR A 71 10.40 7.52 -12.01
N ASN A 72 9.73 7.57 -10.86
CA ASN A 72 9.83 6.50 -9.87
C ASN A 72 11.27 6.25 -9.40
N ASN A 73 11.97 7.32 -9.05
CA ASN A 73 13.35 7.23 -8.56
C ASN A 73 13.31 7.29 -7.04
N ALA A 74 13.38 6.12 -6.40
CA ALA A 74 13.10 6.05 -4.96
C ALA A 74 14.15 6.78 -4.15
N ALA A 75 15.43 6.48 -4.40
CA ALA A 75 16.52 7.08 -3.64
C ALA A 75 16.52 8.58 -3.77
N LEU A 76 16.31 9.09 -4.99
CA LEU A 76 16.26 10.53 -5.18
C LEU A 76 15.01 11.12 -4.55
N PHE A 77 13.87 10.46 -4.71
CA PHE A 77 12.64 10.98 -4.12
C PHE A 77 12.77 11.04 -2.59
N ASN A 78 13.30 9.98 -1.98
CA ASN A 78 13.32 9.94 -0.52
C ASN A 78 14.17 11.08 0.04
N ASN A 79 15.35 11.31 -0.54
CA ASN A 79 16.26 12.31 0.00
C ASN A 79 15.83 13.73 -0.36
N ALA A 80 15.46 13.96 -1.63
CA ALA A 80 15.07 15.32 -2.03
C ALA A 80 13.79 15.74 -1.32
N THR A 81 12.82 14.84 -1.17
CA THR A 81 11.58 15.27 -0.51
C THR A 81 11.77 15.38 1.01
N GLN A 82 12.58 14.50 1.61
CA GLN A 82 12.93 14.71 3.02
C GLN A 82 13.70 16.01 3.18
N LEU A 83 14.50 16.40 2.19
CA LEU A 83 15.16 17.70 2.30
C LEU A 83 14.13 18.82 2.35
N TRP A 84 13.11 18.76 1.49
CA TRP A 84 12.08 19.80 1.48
C TRP A 84 11.21 19.75 2.74
N ASN A 85 10.82 18.56 3.19
CA ASN A 85 9.90 18.47 4.33
C ASN A 85 10.49 19.11 5.59
N HIS A 86 11.78 18.88 5.86
CA HIS A 86 12.35 19.45 7.08
C HIS A 86 12.48 20.95 6.99
N SER A 87 12.88 21.47 5.82
CA SER A 87 12.90 22.92 5.65
C SER A 87 11.53 23.52 5.89
N PHE A 88 10.48 22.86 5.37
CA PHE A 88 9.11 23.31 5.65
C PHE A 88 8.79 23.18 7.13
N PHE A 89 9.20 22.05 7.73
CA PHE A 89 8.95 21.81 9.14
C PHE A 89 9.57 22.92 10.02
N TRP A 90 10.79 23.35 9.72
CA TRP A 90 11.41 24.37 10.58
C TRP A 90 10.62 25.68 10.54
N ASP A 91 10.11 26.07 9.36
CA ASP A 91 9.29 27.28 9.30
C ASP A 91 7.97 27.11 10.04
N CYS A 92 7.51 25.87 10.23
CA CYS A 92 6.24 25.66 10.93
C CYS A 92 6.32 25.91 12.43
N MET A 93 7.51 26.14 12.97
CA MET A 93 7.65 26.22 14.41
C MET A 93 8.42 27.47 14.81
N ALA A 94 8.25 27.87 16.06
CA ALA A 94 8.97 29.00 16.61
C ALA A 94 8.97 28.86 18.13
N PRO A 95 9.89 29.49 18.83
CA PRO A 95 9.83 29.48 20.29
C PRO A 95 8.47 30.00 20.73
N THR A 96 8.01 29.52 21.89
CA THR A 96 6.62 29.75 22.29
C THR A 96 6.25 31.23 22.26
N ASN A 97 7.08 32.07 22.86
CA ASN A 97 6.82 33.51 22.85
C ASN A 97 6.89 34.16 21.46
N GLN A 98 7.14 33.43 20.37
CA GLN A 98 7.22 34.08 19.07
C GLN A 98 6.29 33.44 18.04
N THR A 99 5.25 32.75 18.48
CA THR A 99 4.39 31.98 17.60
C THR A 99 3.30 32.79 16.89
N GLY A 100 2.94 33.95 17.40
CA GLY A 100 1.79 34.63 16.84
C GLY A 100 0.50 33.90 17.20
N GLN A 101 -0.56 34.23 16.48
CA GLN A 101 -1.83 33.55 16.72
C GLN A 101 -2.54 33.32 15.40
N ILE A 102 -3.56 32.46 15.45
CA ILE A 102 -4.35 32.16 14.27
C ILE A 102 -5.02 33.43 13.80
N SER A 103 -4.83 33.75 12.52
CA SER A 103 -5.41 34.94 11.95
C SER A 103 -6.92 34.76 11.85
N PRO A 104 -7.67 35.87 11.74
CA PRO A 104 -9.12 35.74 11.57
C PRO A 104 -9.51 34.95 10.34
N GLU A 105 -8.85 35.22 9.21
CA GLU A 105 -9.18 34.50 7.98
C GLU A 105 -8.87 33.01 8.12
N LEU A 106 -7.73 32.66 8.74
CA LEU A 106 -7.39 31.27 8.92
C LEU A 106 -8.32 30.60 9.92
N GLU A 107 -8.71 31.33 10.97
CA GLU A 107 -9.65 30.79 11.95
C GLU A 107 -11.00 30.46 11.30
N LYS A 108 -11.44 31.27 10.34
CA LYS A 108 -12.70 30.99 9.67
C LYS A 108 -12.64 29.66 8.93
N LEU A 109 -11.58 29.44 8.15
CA LEU A 109 -11.51 28.22 7.36
C LEU A 109 -11.32 26.99 8.23
N ILE A 110 -10.68 27.16 9.39
CA ILE A 110 -10.59 26.03 10.31
C ILE A 110 -11.99 25.69 10.85
N LYS A 111 -12.75 26.71 11.26
CA LYS A 111 -14.12 26.47 11.70
C LYS A 111 -14.94 25.81 10.59
N GLU A 112 -14.83 26.33 9.37
CA GLU A 112 -15.64 25.80 8.28
C GLU A 112 -15.30 24.35 8.00
N SER A 113 -14.02 24.00 8.02
CA SER A 113 -13.63 22.64 7.67
C SER A 113 -13.70 21.68 8.84
N PHE A 114 -13.59 22.18 10.08
CA PHE A 114 -13.53 21.31 11.25
C PHE A 114 -14.45 21.73 12.40
N GLY A 115 -15.24 22.78 12.23
CA GLY A 115 -16.14 23.13 13.31
C GLY A 115 -15.52 24.14 14.25
N SER A 116 -14.35 23.81 14.82
CA SER A 116 -13.67 24.72 15.73
C SER A 116 -12.17 24.48 15.69
N VAL A 117 -11.42 25.47 16.20
CA VAL A 117 -9.97 25.32 16.31
C VAL A 117 -9.62 24.18 17.26
N ALA A 118 -10.33 24.09 18.39
CA ALA A 118 -10.09 23.00 19.33
C ALA A 118 -10.35 21.65 18.68
N ASP A 119 -11.42 21.54 17.90
CA ASP A 119 -11.72 20.28 17.23
C ASP A 119 -10.64 19.94 16.20
N PHE A 120 -10.16 20.95 15.48
CA PHE A 120 -9.11 20.71 14.50
C PHE A 120 -7.88 20.12 15.16
N LYS A 121 -7.43 20.73 16.27
CA LYS A 121 -6.24 20.25 16.94
C LYS A 121 -6.39 18.78 17.37
N LYS A 122 -7.56 18.42 17.89
CA LYS A 122 -7.74 17.04 18.31
C LYS A 122 -7.73 16.10 17.11
N LYS A 123 -8.32 16.52 16.00
CA LYS A 123 -8.34 15.64 14.85
C LYS A 123 -6.98 15.60 14.16
N PHE A 124 -6.25 16.72 14.15
CA PHE A 124 -4.89 16.69 13.64
C PHE A 124 -4.03 15.77 14.50
N THR A 125 -4.18 15.88 15.82
CA THR A 125 -3.36 15.10 16.75
C THR A 125 -3.69 13.62 16.65
N ASP A 126 -4.97 13.28 16.64
CA ASP A 126 -5.37 11.88 16.51
C ASP A 126 -4.87 11.28 15.20
N SER A 127 -4.93 12.07 14.13
CA SER A 127 -4.42 11.60 12.86
C SER A 127 -2.91 11.36 12.93
N ALA A 128 -2.17 12.28 13.57
CA ALA A 128 -0.72 12.12 13.71
C ALA A 128 -0.37 10.91 14.57
N ILE A 129 -1.13 10.68 15.64
CA ILE A 129 -0.94 9.50 16.49
C ILE A 129 -1.21 8.22 15.71
N ALA A 130 -2.25 8.23 14.86
CA ALA A 130 -2.63 7.03 14.13
C ALA A 130 -1.72 6.72 12.94
N ASN A 131 -0.79 7.60 12.62
CA ASN A 131 0.09 7.46 11.46
C ASN A 131 1.18 6.45 11.78
N PHE A 132 0.99 5.23 11.30
CA PHE A 132 1.83 4.13 11.72
C PHE A 132 3.21 4.19 11.07
N GLY A 133 4.25 4.03 11.88
CA GLY A 133 5.61 4.07 11.36
C GLY A 133 6.12 5.49 11.21
N SER A 134 7.04 5.68 10.26
CA SER A 134 7.61 6.99 9.96
C SER A 134 6.75 7.76 8.98
N GLY A 135 6.64 9.06 9.18
CA GLY A 135 5.87 9.87 8.26
C GLY A 135 5.55 11.23 8.83
N TRP A 136 4.53 11.83 8.22
CA TRP A 136 4.20 13.22 8.48
C TRP A 136 2.70 13.38 8.46
N THR A 137 2.22 14.36 9.22
CA THR A 137 0.81 14.74 9.21
C THR A 137 0.74 16.21 8.82
N TRP A 138 -0.15 16.53 7.87
CA TRP A 138 -0.18 17.83 7.21
C TRP A 138 -1.56 18.49 7.31
N LEU A 139 -1.54 19.82 7.31
CA LEU A 139 -2.73 20.62 7.04
C LEU A 139 -2.56 21.24 5.66
N VAL A 140 -3.48 20.95 4.76
CA VAL A 140 -3.39 21.45 3.39
C VAL A 140 -4.66 22.21 3.05
N ASN A 141 -4.50 23.20 2.18
CA ASN A 141 -5.58 24.03 1.68
C ASN A 141 -5.86 23.65 0.23
N ILE A 142 -7.07 23.17 -0.04
CA ILE A 142 -7.48 22.81 -1.40
C ILE A 142 -8.49 23.82 -1.90
N ASN A 143 -8.01 24.89 -2.52
CA ASN A 143 -8.86 25.89 -3.18
C ASN A 143 -9.94 26.41 -2.24
N GLY A 144 -9.57 26.59 -0.98
CA GLY A 144 -10.46 27.12 0.04
C GLY A 144 -11.00 26.10 1.01
N LYS A 145 -10.79 24.81 0.76
CA LYS A 145 -11.21 23.75 1.67
C LYS A 145 -9.98 23.13 2.32
N LEU A 146 -10.00 23.02 3.66
CA LEU A 146 -8.85 22.54 4.40
C LEU A 146 -9.00 21.07 4.68
N GLU A 147 -7.87 20.37 4.74
CA GLU A 147 -7.85 18.93 4.94
C GLU A 147 -6.63 18.55 5.76
N ILE A 148 -6.76 17.42 6.45
CA ILE A 148 -5.65 16.81 7.17
C ILE A 148 -5.19 15.62 6.35
N GLN A 149 -3.89 15.54 6.09
CA GLN A 149 -3.33 14.46 5.30
C GLN A 149 -2.22 13.79 6.10
N ASN A 150 -2.27 12.45 6.16
CA ASN A 150 -1.15 11.65 6.64
C ASN A 150 -0.32 11.14 5.47
N THR A 151 1.01 11.25 5.59
CA THR A 151 1.90 10.57 4.67
C THR A 151 2.87 9.68 5.44
N SER A 152 3.39 8.71 4.75
CA SER A 152 4.35 7.77 5.29
C SER A 152 5.73 8.08 4.70
N ASN A 153 6.78 7.96 5.54
CA ASN A 153 8.20 8.15 5.18
C ASN A 153 8.46 9.52 4.57
N ALA A 154 8.86 9.65 3.30
CA ALA A 154 9.18 10.96 2.73
C ALA A 154 8.02 11.54 1.92
N GLU A 155 6.91 10.81 1.79
CA GLU A 155 5.82 11.30 0.95
C GLU A 155 5.31 12.61 1.54
N SER A 156 4.78 13.45 0.67
CA SER A 156 4.59 14.85 1.00
C SER A 156 3.62 15.48 0.03
N PRO A 157 2.78 16.41 0.45
CA PRO A 157 1.92 17.18 -0.46
C PRO A 157 2.67 18.23 -1.29
N VAL A 158 3.99 18.41 -1.11
CA VAL A 158 4.72 19.34 -1.97
C VAL A 158 4.57 18.94 -3.42
N THR A 159 4.36 17.64 -3.69
CA THR A 159 4.15 17.15 -5.05
C THR A 159 2.76 17.44 -5.61
N LEU A 160 1.77 17.70 -4.76
CA LEU A 160 0.36 17.75 -5.15
C LEU A 160 -0.09 19.18 -5.40
N ARG A 161 -1.16 19.30 -6.18
CA ARG A 161 -1.75 20.61 -6.44
C ARG A 161 -2.50 21.13 -5.22
N VAL A 162 -1.80 21.25 -4.08
CA VAL A 162 -2.40 21.76 -2.84
C VAL A 162 -1.43 22.78 -2.22
N THR A 163 -1.95 23.57 -1.28
CA THR A 163 -1.09 24.41 -0.48
C THR A 163 -0.88 23.82 0.90
N PRO A 164 0.32 23.38 1.25
CA PRO A 164 0.59 22.96 2.63
C PRO A 164 0.63 24.18 3.56
N LEU A 165 -0.06 24.07 4.68
CA LEU A 165 -0.10 25.11 5.70
C LEU A 165 0.71 24.75 6.93
N LEU A 166 0.78 23.47 7.26
CA LEU A 166 1.34 23.05 8.53
C LEU A 166 1.67 21.57 8.40
N THR A 167 2.76 21.15 9.03
CA THR A 167 3.11 19.73 9.11
C THR A 167 3.68 19.43 10.47
N VAL A 168 3.54 18.18 10.90
CA VAL A 168 4.30 17.66 12.04
C VAL A 168 5.04 16.41 11.59
N ASP A 169 6.29 16.28 12.03
CA ASP A 169 7.12 15.13 11.76
C ASP A 169 6.89 14.07 12.84
N VAL A 170 6.49 12.85 12.44
CA VAL A 170 6.33 11.78 13.42
C VAL A 170 7.25 10.61 13.15
N TRP A 171 8.23 10.77 12.28
CA TRP A 171 9.40 9.91 12.37
C TRP A 171 9.88 9.92 13.83
N GLU A 172 10.26 8.75 14.34
CA GLU A 172 10.59 8.69 15.77
C GLU A 172 11.77 9.58 16.15
N HIS A 173 12.70 9.85 15.21
CA HIS A 173 13.84 10.70 15.56
C HIS A 173 13.41 12.13 15.89
N ALA A 174 12.20 12.52 15.47
CA ALA A 174 11.71 13.87 15.79
C ALA A 174 11.39 14.04 17.28
N TYR A 175 11.19 12.95 18.00
CA TYR A 175 10.74 13.07 19.39
C TYR A 175 11.30 12.06 20.36
N TYR A 176 12.06 11.05 19.91
CA TYR A 176 12.37 9.94 20.81
C TYR A 176 13.31 10.37 21.94
N LEU A 177 14.23 11.32 21.68
CA LEU A 177 15.15 11.73 22.74
C LEU A 177 14.45 12.43 23.87
N ASP A 178 13.39 13.17 23.56
CA ASP A 178 12.62 13.89 24.56
C ASP A 178 11.41 13.12 25.07
N HIS A 179 10.79 12.29 24.23
CA HIS A 179 9.53 11.71 24.62
C HIS A 179 9.46 10.20 24.54
N GLN A 180 10.51 9.55 24.02
CA GLN A 180 10.57 8.13 23.77
C GLN A 180 9.26 7.71 23.10
N ASN A 181 8.55 6.69 23.60
CA ASN A 181 7.40 6.12 22.92
C ASN A 181 6.12 6.93 23.12
N ARG A 182 6.18 8.05 23.85
CA ARG A 182 5.01 8.86 24.14
C ARG A 182 4.81 9.92 23.06
N ARG A 183 4.54 9.46 21.83
CA ARG A 183 4.21 10.40 20.77
C ARG A 183 3.05 11.32 21.12
N PRO A 184 1.97 10.86 21.78
CA PRO A 184 0.90 11.81 22.14
C PRO A 184 1.39 12.98 22.98
N GLU A 185 2.30 12.72 23.93
CA GLU A 185 2.86 13.79 24.73
C GLU A 185 3.68 14.74 23.86
N TYR A 186 4.39 14.19 22.87
CA TYR A 186 5.11 15.03 21.91
C TYR A 186 4.16 15.92 21.12
N LEU A 187 3.07 15.37 20.60
CA LEU A 187 2.16 16.17 19.78
C LEU A 187 1.46 17.22 20.62
N ASN A 188 1.06 16.87 21.83
CA ASN A 188 0.41 17.81 22.73
C ASN A 188 1.27 19.05 22.95
N LYS A 189 2.55 18.88 23.26
CA LYS A 189 3.37 20.03 23.55
C LYS A 189 3.81 20.75 22.28
N TRP A 190 3.91 20.03 21.17
CA TRP A 190 4.22 20.64 19.88
C TRP A 190 3.25 21.76 19.53
N TRP A 191 2.00 21.69 20.00
CA TRP A 191 1.06 22.77 19.65
C TRP A 191 1.55 24.11 20.12
N GLU A 192 2.34 24.14 21.21
CA GLU A 192 2.86 25.40 21.73
C GLU A 192 3.97 26.01 20.90
N VAL A 193 4.55 25.29 19.93
CA VAL A 193 5.64 25.87 19.16
C VAL A 193 5.25 26.09 17.70
N VAL A 194 3.97 25.86 17.36
CA VAL A 194 3.49 26.06 15.99
C VAL A 194 3.57 27.55 15.64
N ASN A 195 4.25 27.85 14.54
CA ASN A 195 4.46 29.22 14.09
C ASN A 195 3.25 29.65 13.26
N TRP A 196 2.22 30.17 13.95
CA TRP A 196 0.99 30.53 13.28
C TRP A 196 1.15 31.69 12.31
N LYS A 197 2.20 32.50 12.48
CA LYS A 197 2.49 33.51 11.48
C LYS A 197 2.78 32.87 10.13
N PHE A 198 3.51 31.74 10.16
CA PHE A 198 3.85 31.03 8.94
C PHE A 198 2.63 30.35 8.31
N VAL A 199 1.77 29.74 9.12
CA VAL A 199 0.59 29.10 8.58
C VAL A 199 -0.26 30.12 7.82
N ASP A 200 -0.46 31.30 8.41
CA ASP A 200 -1.24 32.34 7.74
C ASP A 200 -0.56 32.82 6.47
N GLN A 201 0.77 32.96 6.49
CA GLN A 201 1.46 33.39 5.28
C GLN A 201 1.38 32.35 4.17
N GLN A 202 1.39 31.06 4.54
CA GLN A 202 1.15 30.01 3.55
C GLN A 202 -0.24 30.10 2.96
N LEU A 203 -1.20 30.59 3.75
CA LEU A 203 -2.56 30.68 3.25
C LEU A 203 -2.68 31.76 2.17
N LYS A 204 -1.91 32.83 2.28
CA LYS A 204 -1.95 33.89 1.27
C LYS A 204 -1.04 33.60 0.08
N GLN A 205 -1.22 32.43 -0.54
CA GLN A 205 -0.47 32.07 -1.76
C GLN A 205 -0.97 30.75 -2.36
N HIS B 4 -17.32 -20.13 23.73
CA HIS B 4 -18.21 -21.21 24.12
C HIS B 4 -17.50 -22.17 25.10
N HIS B 5 -16.18 -22.23 24.98
CA HIS B 5 -15.36 -23.11 25.81
C HIS B 5 -15.10 -22.50 27.18
N HIS B 6 -14.35 -23.21 28.02
CA HIS B 6 -14.12 -22.74 29.37
C HIS B 6 -12.64 -22.65 29.69
N GLY B 7 -11.84 -22.24 28.71
CA GLY B 7 -10.41 -22.02 28.89
C GLY B 7 -9.91 -20.87 28.04
N SER B 8 -10.33 -19.66 28.37
CA SER B 8 -9.88 -18.45 27.68
C SER B 8 -8.37 -18.32 27.75
N MET B 9 -7.79 -17.78 26.68
CA MET B 9 -6.35 -17.61 26.56
C MET B 9 -6.04 -16.23 26.02
N LEU B 10 -4.82 -15.76 26.28
CA LEU B 10 -4.32 -14.47 25.82
C LEU B 10 -2.87 -14.61 25.43
N PHE B 11 -2.42 -13.73 24.55
CA PHE B 11 -1.00 -13.59 24.30
C PHE B 11 -0.35 -12.96 25.52
N THR B 12 0.89 -13.36 25.77
CA THR B 12 1.69 -12.96 26.90
C THR B 12 3.12 -12.72 26.44
N LEU B 13 3.90 -12.00 27.24
CA LEU B 13 5.31 -11.80 26.99
C LEU B 13 6.12 -12.16 28.23
N ASN B 14 7.30 -12.75 28.03
CA ASN B 14 8.26 -12.94 29.10
C ASN B 14 9.44 -11.99 28.90
N ASP B 15 9.98 -11.48 30.00
CA ASP B 15 11.15 -10.62 29.91
C ASP B 15 12.28 -11.34 29.18
N PRO B 16 12.99 -10.68 28.28
CA PRO B 16 14.26 -11.24 27.81
C PRO B 16 15.18 -11.38 29.00
N ALA B 17 16.00 -12.45 28.96
CA ALA B 17 16.90 -12.73 30.07
C ALA B 17 17.87 -11.58 30.31
N TYR B 18 18.22 -10.82 29.27
CA TYR B 18 19.18 -9.72 29.37
C TYR B 18 18.49 -8.37 29.53
N LEU B 19 17.23 -8.35 29.95
CA LEU B 19 16.45 -7.12 29.97
C LEU B 19 17.11 -6.05 30.83
N LYS B 20 17.59 -6.43 32.01
CA LYS B 20 18.18 -5.47 32.93
C LYS B 20 19.67 -5.28 32.71
N THR B 21 20.37 -6.28 32.17
CA THR B 21 21.80 -6.14 31.92
C THR B 21 22.08 -5.39 30.62
N GLY B 22 21.15 -5.42 29.67
CA GLY B 22 21.37 -4.75 28.40
C GLY B 22 22.15 -5.65 27.48
N LEU B 23 22.50 -5.08 26.32
CA LEU B 23 23.30 -5.76 25.31
C LEU B 23 24.38 -4.82 24.78
N GLU B 24 25.16 -4.25 25.69
CA GLU B 24 26.21 -3.31 25.32
C GLU B 24 27.27 -4.02 24.49
N PRO B 25 27.88 -3.30 23.55
CA PRO B 25 27.69 -1.90 23.20
C PRO B 25 26.60 -1.67 22.14
N ALA B 26 25.84 -2.71 21.79
CA ALA B 26 24.86 -2.58 20.71
C ALA B 26 23.59 -1.91 21.21
N ILE B 27 23.01 -2.39 22.31
CA ILE B 27 21.75 -1.87 22.83
C ILE B 27 21.87 -1.73 24.34
N SER B 28 21.56 -0.54 24.87
CA SER B 28 21.65 -0.29 26.30
C SER B 28 20.42 -0.83 27.05
N ALA B 29 20.60 -1.03 28.36
CA ALA B 29 19.49 -1.49 29.19
C ALA B 29 18.35 -0.49 29.16
N LYS B 30 18.68 0.79 29.08
CA LYS B 30 17.64 1.81 29.01
C LYS B 30 16.82 1.68 27.73
N THR B 31 17.46 1.36 26.61
CA THR B 31 16.71 1.17 25.38
C THR B 31 15.80 -0.05 25.48
N LEU B 32 16.28 -1.13 26.11
CA LEU B 32 15.45 -2.32 26.20
C LEU B 32 14.24 -2.06 27.08
N ASP B 33 14.37 -1.14 28.02
CA ASP B 33 13.24 -0.79 28.88
C ASP B 33 12.11 -0.16 28.06
N PHE B 34 12.43 0.90 27.29
CA PHE B 34 11.41 1.51 26.45
C PHE B 34 11.01 0.56 25.31
N HIS B 35 11.95 -0.21 24.77
CA HIS B 35 11.64 -1.06 23.64
C HIS B 35 10.70 -2.20 24.05
N PHE B 36 10.99 -2.86 25.16
CA PHE B 36 10.20 -3.99 25.60
C PHE B 36 9.01 -3.54 26.45
N ASN B 37 9.28 -2.80 27.53
CA ASN B 37 8.18 -2.38 28.40
C ASN B 37 7.33 -1.30 27.74
N GLY B 38 7.91 -0.52 26.83
CA GLY B 38 7.15 0.46 26.09
C GLY B 38 6.53 -0.13 24.84
N HIS B 39 7.34 -0.32 23.78
CA HIS B 39 6.80 -0.71 22.49
C HIS B 39 6.21 -2.13 22.50
N HIS B 40 6.96 -3.13 22.97
CA HIS B 40 6.50 -4.52 22.83
C HIS B 40 5.22 -4.76 23.62
N LYS B 41 5.13 -4.24 24.85
CA LYS B 41 3.94 -4.44 25.66
C LYS B 41 2.75 -3.67 25.12
N THR B 42 2.99 -2.51 24.50
CA THR B 42 1.90 -1.80 23.85
C THR B 42 1.31 -2.64 22.71
N TYR B 43 2.17 -3.24 21.89
CA TYR B 43 1.69 -4.12 20.81
C TYR B 43 0.91 -5.32 21.36
N LEU B 44 1.36 -5.85 22.50
CA LEU B 44 0.69 -7.02 23.10
C LEU B 44 -0.72 -6.68 23.58
N ASN B 45 -0.87 -5.57 24.30
CA ASN B 45 -2.16 -5.22 24.86
C ASN B 45 -3.16 -4.85 23.76
N LYS B 46 -2.68 -4.13 22.73
CA LYS B 46 -3.54 -3.79 21.61
CA LYS B 46 -3.53 -3.79 21.60
C LYS B 46 -3.96 -5.02 20.84
N THR B 47 -3.05 -5.99 20.66
CA THR B 47 -3.44 -7.22 19.99
C THR B 47 -4.51 -7.96 20.80
N ASN B 48 -4.27 -8.15 22.10
CA ASN B 48 -5.26 -8.83 22.93
C ASN B 48 -6.58 -8.05 22.98
N ASP B 49 -6.51 -6.72 23.06
CA ASP B 49 -7.75 -5.94 23.09
C ASP B 49 -8.51 -6.03 21.77
N LEU B 50 -7.81 -6.13 20.63
CA LEU B 50 -8.52 -6.20 19.36
C LEU B 50 -9.16 -7.56 19.12
N VAL B 51 -8.54 -8.65 19.59
CA VAL B 51 -9.08 -9.97 19.28
C VAL B 51 -10.17 -10.42 20.25
N LYS B 52 -10.18 -9.94 21.49
CA LYS B 52 -11.05 -10.54 22.48
C LYS B 52 -12.49 -10.12 22.22
N GLY B 53 -13.41 -11.07 22.43
CA GLY B 53 -14.79 -10.85 22.06
C GLY B 53 -15.08 -11.03 20.60
N THR B 54 -14.10 -11.51 19.81
CA THR B 54 -14.22 -11.74 18.38
C THR B 54 -13.99 -13.21 18.07
N SER B 55 -14.19 -13.58 16.81
CA SER B 55 -13.92 -14.95 16.39
C SER B 55 -12.44 -15.28 16.36
N LEU B 56 -11.55 -14.32 16.60
CA LEU B 56 -10.13 -14.62 16.68
C LEU B 56 -9.65 -14.91 18.10
N GLU B 57 -10.53 -14.76 19.08
CA GLU B 57 -10.17 -15.06 20.47
C GLU B 57 -9.69 -16.50 20.58
N ASN B 58 -8.59 -16.69 21.31
CA ASN B 58 -7.92 -17.96 21.58
C ASN B 58 -7.23 -18.56 20.35
N LYS B 59 -7.16 -17.85 19.23
CA LYS B 59 -6.39 -18.33 18.08
C LYS B 59 -4.91 -18.00 18.27
N SER B 60 -4.05 -18.78 17.62
CA SER B 60 -2.61 -18.57 17.72
C SER B 60 -2.20 -17.24 17.09
N LEU B 61 -1.00 -16.77 17.45
CA LEU B 61 -0.56 -15.47 16.98
C LEU B 61 -0.42 -15.46 15.46
N GLU B 62 0.09 -16.56 14.91
CA GLU B 62 0.23 -16.67 13.46
C GLU B 62 -1.12 -16.70 12.74
N ASP B 63 -2.13 -17.37 13.30
CA ASP B 63 -3.44 -17.34 12.67
C ASP B 63 -4.03 -15.93 12.67
N VAL B 64 -3.88 -15.20 13.78
CA VAL B 64 -4.38 -13.84 13.89
C VAL B 64 -3.71 -12.94 12.84
N ILE B 65 -2.42 -13.15 12.60
CA ILE B 65 -1.69 -12.33 11.63
C ILE B 65 -2.18 -12.60 10.21
N LEU B 66 -2.35 -13.85 9.83
CA LEU B 66 -2.80 -14.14 8.48
C LEU B 66 -4.25 -13.69 8.27
N VAL B 67 -5.08 -13.77 9.29
CA VAL B 67 -6.43 -13.23 9.16
C VAL B 67 -6.38 -11.72 8.94
N ALA B 68 -5.52 -11.04 9.70
CA ALA B 68 -5.39 -9.59 9.52
C ALA B 68 -4.91 -9.26 8.13
N LYS B 69 -3.95 -10.03 7.63
CA LYS B 69 -3.35 -9.80 6.32
C LYS B 69 -4.33 -10.13 5.18
N THR B 70 -5.01 -11.27 5.27
CA THR B 70 -5.89 -11.67 4.19
C THR B 70 -7.14 -10.81 4.12
N THR B 71 -7.62 -10.27 5.24
CA THR B 71 -8.80 -9.42 5.25
C THR B 71 -8.44 -7.95 5.24
N ASN B 72 -7.16 -7.62 5.13
CA ASN B 72 -6.69 -6.23 5.04
C ASN B 72 -7.09 -5.41 6.27
N ASN B 73 -6.83 -5.98 7.44
CA ASN B 73 -7.17 -5.37 8.72
C ASN B 73 -5.89 -4.70 9.23
N ALA B 74 -5.77 -3.40 9.01
CA ALA B 74 -4.50 -2.70 9.23
C ALA B 74 -4.14 -2.64 10.71
N ALA B 75 -5.07 -2.18 11.56
CA ALA B 75 -4.79 -2.07 12.98
C ALA B 75 -4.46 -3.43 13.58
N LEU B 76 -5.16 -4.49 13.17
CA LEU B 76 -4.84 -5.80 13.71
C LEU B 76 -3.49 -6.30 13.20
N PHE B 77 -3.21 -6.13 11.91
CA PHE B 77 -1.94 -6.62 11.37
C PHE B 77 -0.75 -5.89 12.00
N ASN B 78 -0.83 -4.58 12.12
CA ASN B 78 0.32 -3.84 12.63
C ASN B 78 0.66 -4.27 14.05
N ASN B 79 -0.34 -4.43 14.91
CA ASN B 79 -0.06 -4.75 16.31
C ASN B 79 0.32 -6.21 16.47
N ALA B 80 -0.44 -7.11 15.86
CA ALA B 80 -0.17 -8.53 16.02
C ALA B 80 1.17 -8.92 15.42
N THR B 81 1.52 -8.34 14.27
CA THR B 81 2.76 -8.75 13.62
C THR B 81 3.96 -8.14 14.32
N GLN B 82 3.83 -6.90 14.79
CA GLN B 82 4.87 -6.32 15.63
C GLN B 82 5.04 -7.09 16.93
N LEU B 83 3.94 -7.65 17.48
CA LEU B 83 4.07 -8.48 18.68
C LEU B 83 4.97 -9.68 18.40
N TRP B 84 4.78 -10.31 17.24
CA TRP B 84 5.62 -11.44 16.82
C TRP B 84 7.04 -11.00 16.45
N ASN B 85 7.19 -9.88 15.72
CA ASN B 85 8.51 -9.45 15.25
C ASN B 85 9.47 -9.21 16.41
N HIS B 86 8.99 -8.57 17.47
CA HIS B 86 9.89 -8.31 18.57
C HIS B 86 10.23 -9.60 19.33
N SER B 87 9.24 -10.49 19.52
CA SER B 87 9.54 -11.75 20.21
C SER B 87 10.62 -12.51 19.48
N PHE B 88 10.55 -12.52 18.17
CA PHE B 88 11.60 -13.14 17.38
C PHE B 88 12.92 -12.39 17.55
N PHE B 89 12.87 -11.04 17.53
CA PHE B 89 14.08 -10.22 17.64
C PHE B 89 14.83 -10.51 18.95
N TRP B 90 14.10 -10.64 20.07
CA TRP B 90 14.78 -10.89 21.34
C TRP B 90 15.52 -12.20 21.32
N ASP B 91 14.94 -13.24 20.70
CA ASP B 91 15.69 -14.49 20.56
C ASP B 91 16.88 -14.37 19.63
N CYS B 92 16.89 -13.39 18.74
CA CYS B 92 18.02 -13.27 17.85
C CYS B 92 19.26 -12.73 18.53
N MET B 93 19.17 -12.27 19.77
CA MET B 93 20.29 -11.60 20.40
C MET B 93 20.65 -12.24 21.74
N ALA B 94 21.90 -12.01 22.16
CA ALA B 94 22.43 -12.48 23.42
C ALA B 94 23.62 -11.62 23.78
N PRO B 95 23.98 -11.52 25.06
CA PRO B 95 25.18 -10.78 25.44
C PRO B 95 26.43 -11.30 24.74
N THR B 96 27.39 -10.41 24.52
CA THR B 96 28.53 -10.70 23.64
C THR B 96 29.32 -11.95 24.06
N ASN B 97 29.27 -12.32 25.33
CA ASN B 97 29.93 -13.52 25.81
C ASN B 97 29.11 -14.79 25.65
N GLN B 98 27.85 -14.70 25.24
CA GLN B 98 26.97 -15.86 25.16
C GLN B 98 26.38 -16.07 23.78
N THR B 99 27.04 -15.57 22.73
CA THR B 99 26.47 -15.62 21.39
C THR B 99 26.67 -16.95 20.67
N GLY B 100 27.69 -17.72 21.04
CA GLY B 100 28.00 -18.90 20.26
C GLY B 100 28.61 -18.56 18.91
N GLN B 101 28.75 -19.59 18.08
CA GLN B 101 29.38 -19.42 16.78
C GLN B 101 28.50 -20.01 15.68
N ILE B 102 28.78 -19.58 14.45
CA ILE B 102 28.09 -20.13 13.30
C ILE B 102 28.49 -21.59 13.12
N SER B 103 27.49 -22.48 13.09
CA SER B 103 27.78 -23.89 12.93
C SER B 103 28.29 -24.16 11.52
N PRO B 104 29.06 -25.24 11.35
CA PRO B 104 29.55 -25.57 9.99
C PRO B 104 28.43 -25.79 8.97
N GLU B 105 27.23 -26.16 9.42
CA GLU B 105 26.13 -26.35 8.49
C GLU B 105 25.50 -25.02 8.11
N LEU B 106 25.30 -24.14 9.09
CA LEU B 106 24.82 -22.79 8.75
C LEU B 106 25.85 -22.04 7.92
N GLU B 107 27.13 -22.20 8.26
CA GLU B 107 28.18 -21.56 7.48
C GLU B 107 28.14 -22.06 6.04
N LYS B 108 27.82 -23.33 5.86
CA LYS B 108 27.74 -23.89 4.52
C LYS B 108 26.70 -23.17 3.68
N LEU B 109 25.51 -22.95 4.24
CA LEU B 109 24.47 -22.30 3.45
C LEU B 109 24.73 -20.81 3.22
N ILE B 110 25.45 -20.14 4.14
CA ILE B 110 25.79 -18.74 3.94
C ILE B 110 26.76 -18.58 2.77
N LYS B 111 27.86 -19.34 2.78
CA LYS B 111 28.83 -19.26 1.68
C LYS B 111 28.16 -19.53 0.35
N GLU B 112 27.20 -20.46 0.33
CA GLU B 112 26.57 -20.82 -0.93
C GLU B 112 25.69 -19.69 -1.46
N SER B 113 24.94 -19.03 -0.59
CA SER B 113 24.00 -18.01 -1.01
C SER B 113 24.65 -16.64 -1.12
N PHE B 114 25.77 -16.42 -0.42
CA PHE B 114 26.38 -15.11 -0.32
C PHE B 114 27.88 -15.11 -0.58
N GLY B 115 28.49 -16.26 -0.86
CA GLY B 115 29.90 -16.29 -1.14
C GLY B 115 30.73 -16.54 0.10
N SER B 116 30.55 -15.70 1.11
CA SER B 116 31.27 -15.85 2.37
C SER B 116 30.46 -15.24 3.51
N VAL B 117 30.83 -15.60 4.74
CA VAL B 117 30.23 -14.97 5.91
C VAL B 117 30.52 -13.47 5.93
N ALA B 118 31.74 -13.08 5.56
CA ALA B 118 32.06 -11.66 5.50
C ALA B 118 31.17 -10.95 4.51
N ASP B 119 30.95 -11.56 3.34
CA ASP B 119 30.10 -10.96 2.32
C ASP B 119 28.65 -10.89 2.78
N PHE B 120 28.18 -11.93 3.49
CA PHE B 120 26.81 -11.89 4.01
C PHE B 120 26.60 -10.72 4.95
N LYS B 121 27.48 -10.56 5.93
CA LYS B 121 27.31 -9.52 6.94
C LYS B 121 27.26 -8.14 6.30
N LYS B 122 28.13 -7.91 5.30
CA LYS B 122 28.11 -6.65 4.57
C LYS B 122 26.79 -6.45 3.86
N LYS B 123 26.32 -7.47 3.12
CA LYS B 123 25.05 -7.36 2.40
C LYS B 123 23.90 -7.10 3.36
N PHE B 124 23.83 -7.88 4.44
CA PHE B 124 22.79 -7.67 5.44
C PHE B 124 22.89 -6.26 6.01
N THR B 125 24.11 -5.82 6.31
CA THR B 125 24.27 -4.48 6.87
C THR B 125 23.88 -3.42 5.85
N ASP B 126 24.38 -3.57 4.62
CA ASP B 126 24.03 -2.60 3.59
C ASP B 126 22.53 -2.61 3.34
N SER B 127 21.92 -3.80 3.32
CA SER B 127 20.48 -3.90 3.13
C SER B 127 19.74 -3.17 4.25
N ALA B 128 20.18 -3.35 5.50
CA ALA B 128 19.51 -2.73 6.63
C ALA B 128 19.69 -1.21 6.65
N ILE B 129 20.88 -0.72 6.26
CA ILE B 129 21.10 0.73 6.16
C ILE B 129 20.18 1.35 5.10
N ALA B 130 20.01 0.66 3.96
CA ALA B 130 19.15 1.15 2.87
C ALA B 130 17.66 0.98 3.13
N ASN B 131 17.27 0.33 4.23
CA ASN B 131 15.86 0.10 4.52
C ASN B 131 15.26 1.42 5.00
N PHE B 132 14.66 2.16 4.09
CA PHE B 132 14.24 3.55 4.35
C PHE B 132 13.01 3.58 5.26
N GLY B 133 13.07 4.43 6.30
CA GLY B 133 11.98 4.54 7.26
C GLY B 133 12.04 3.47 8.35
N SER B 134 10.88 3.13 8.91
CA SER B 134 10.78 2.07 9.92
C SER B 134 10.66 0.70 9.25
N GLY B 135 11.27 -0.30 9.86
CA GLY B 135 11.15 -1.64 9.30
C GLY B 135 12.15 -2.58 9.90
N TRP B 136 12.38 -3.68 9.17
CA TRP B 136 13.16 -4.81 9.62
C TRP B 136 13.94 -5.36 8.44
N THR B 137 15.10 -5.93 8.72
CA THR B 137 15.86 -6.63 7.70
C THR B 137 16.05 -8.06 8.16
N TRP B 138 15.81 -9.00 7.25
CA TRP B 138 15.70 -10.42 7.59
C TRP B 138 16.67 -11.26 6.80
N LEU B 139 17.06 -12.35 7.43
CA LEU B 139 17.68 -13.50 6.78
C LEU B 139 16.64 -14.63 6.81
N VAL B 140 16.27 -15.12 5.63
CA VAL B 140 15.25 -16.14 5.53
C VAL B 140 15.81 -17.33 4.76
N ASN B 141 15.24 -18.50 5.05
CA ASN B 141 15.57 -19.73 4.35
C ASN B 141 14.38 -20.13 3.49
N ILE B 142 14.61 -20.24 2.18
CA ILE B 142 13.59 -20.67 1.24
C ILE B 142 13.95 -22.07 0.76
N ASN B 143 13.46 -23.08 1.48
CA ASN B 143 13.62 -24.49 1.12
C ASN B 143 15.09 -24.81 0.87
N GLY B 144 15.98 -24.22 1.68
CA GLY B 144 17.40 -24.49 1.56
C GLY B 144 18.22 -23.40 0.91
N LYS B 145 17.60 -22.38 0.32
CA LYS B 145 18.34 -21.25 -0.23
C LYS B 145 18.11 -20.03 0.65
N LEU B 146 19.17 -19.33 1.01
CA LEU B 146 19.08 -18.19 1.89
C LEU B 146 19.04 -16.88 1.12
N GLU B 147 18.30 -15.93 1.68
CA GLU B 147 18.07 -14.63 1.07
C GLU B 147 17.93 -13.57 2.16
N ILE B 148 18.22 -12.34 1.78
CA ILE B 148 18.04 -11.18 2.63
C ILE B 148 16.81 -10.42 2.18
N GLN B 149 15.92 -10.08 3.12
CA GLN B 149 14.68 -9.37 2.83
C GLN B 149 14.59 -8.12 3.68
N ASN B 150 14.23 -6.99 3.07
CA ASN B 150 13.86 -5.77 3.78
C ASN B 150 12.33 -5.75 3.86
N THR B 151 11.79 -5.42 5.03
CA THR B 151 10.37 -5.16 5.11
C THR B 151 10.18 -3.82 5.77
N SER B 152 8.99 -3.28 5.53
CA SER B 152 8.57 -1.98 5.99
C SER B 152 7.59 -2.10 7.15
N ASN B 153 7.73 -1.18 8.13
CA ASN B 153 6.82 -1.04 9.27
C ASN B 153 6.59 -2.36 9.99
N ALA B 154 5.40 -2.96 9.88
CA ALA B 154 5.15 -4.22 10.58
C ALA B 154 5.32 -5.44 9.69
N GLU B 155 5.54 -5.27 8.38
CA GLU B 155 5.59 -6.41 7.48
C GLU B 155 6.69 -7.40 7.87
N SER B 156 6.48 -8.66 7.52
CA SER B 156 7.32 -9.65 8.15
C SER B 156 7.24 -10.96 7.36
N PRO B 157 8.32 -11.71 7.29
CA PRO B 157 8.23 -13.05 6.69
C PRO B 157 7.46 -14.05 7.55
N VAL B 158 6.98 -13.67 8.74
CA VAL B 158 6.11 -14.60 9.45
C VAL B 158 4.85 -14.90 8.64
N THR B 159 4.45 -13.99 7.75
CA THR B 159 3.32 -14.23 6.85
C THR B 159 3.65 -15.20 5.72
N LEU B 160 4.93 -15.38 5.41
CA LEU B 160 5.35 -16.07 4.20
C LEU B 160 5.69 -17.52 4.47
N ARG B 161 5.72 -18.32 3.39
CA ARG B 161 6.14 -19.72 3.42
C ARG B 161 7.66 -19.83 3.36
N VAL B 162 8.30 -19.25 4.36
CA VAL B 162 9.76 -19.29 4.52
C VAL B 162 10.05 -19.46 6.01
N THR B 163 11.28 -19.82 6.31
CA THR B 163 11.72 -19.82 7.71
C THR B 163 12.59 -18.62 8.00
N PRO B 164 12.16 -17.69 8.85
CA PRO B 164 13.05 -16.61 9.29
C PRO B 164 14.16 -17.18 10.16
N LEU B 165 15.39 -16.76 9.88
CA LEU B 165 16.58 -17.15 10.64
C LEU B 165 17.11 -16.03 11.51
N LEU B 166 16.96 -14.78 11.09
CA LEU B 166 17.57 -13.68 11.83
C LEU B 166 16.90 -12.39 11.37
N THR B 167 16.69 -11.49 12.33
CA THR B 167 16.20 -10.18 11.99
C THR B 167 16.90 -9.13 12.83
N VAL B 168 17.01 -7.93 12.27
CA VAL B 168 17.36 -6.74 13.02
C VAL B 168 16.25 -5.73 12.88
N ASP B 169 15.94 -5.07 13.98
CA ASP B 169 14.94 -4.02 14.00
C ASP B 169 15.62 -2.70 13.62
N VAL B 170 15.11 -2.02 12.59
CA VAL B 170 15.64 -0.72 12.19
C VAL B 170 14.62 0.40 12.32
N TRP B 171 13.48 0.15 12.98
CA TRP B 171 12.72 1.25 13.54
C TRP B 171 13.67 2.10 14.40
N GLU B 172 13.49 3.43 14.33
CA GLU B 172 14.45 4.30 14.99
C GLU B 172 14.41 4.10 16.51
N HIS B 173 13.26 3.70 17.07
CA HIS B 173 13.23 3.48 18.51
C HIS B 173 14.14 2.33 18.92
N ALA B 174 14.56 1.47 18.00
CA ALA B 174 15.45 0.38 18.38
C ALA B 174 16.85 0.85 18.75
N TYR B 175 17.24 2.05 18.30
CA TYR B 175 18.62 2.49 18.43
C TYR B 175 18.82 3.97 18.73
N TYR B 176 17.77 4.80 18.72
CA TYR B 176 18.02 6.24 18.71
C TYR B 176 18.60 6.72 20.04
N LEU B 177 18.20 6.11 21.17
CA LEU B 177 18.72 6.54 22.47
C LEU B 177 20.21 6.25 22.61
N ASP B 178 20.69 5.17 21.99
CA ASP B 178 22.10 4.84 22.07
C ASP B 178 22.91 5.43 20.92
N HIS B 179 22.36 5.50 19.71
CA HIS B 179 23.13 5.80 18.51
C HIS B 179 22.59 6.96 17.69
N GLN B 180 21.46 7.54 18.08
CA GLN B 180 20.77 8.59 17.33
C GLN B 180 20.72 8.23 15.84
N ASN B 181 21.15 9.13 14.96
CA ASN B 181 21.01 8.92 13.53
C ASN B 181 22.09 8.01 12.96
N ARG B 182 22.98 7.49 13.80
CA ARG B 182 24.08 6.65 13.33
C ARG B 182 23.65 5.19 13.26
N ARG B 183 22.68 4.93 12.37
CA ARG B 183 22.23 3.57 12.14
C ARG B 183 23.36 2.63 11.70
N PRO B 184 24.30 3.02 10.82
CA PRO B 184 25.41 2.08 10.53
C PRO B 184 26.21 1.65 11.75
N GLU B 185 26.45 2.55 12.69
CA GLU B 185 27.18 2.20 13.90
C GLU B 185 26.38 1.26 14.79
N TYR B 186 25.05 1.43 14.84
CA TYR B 186 24.17 0.49 15.54
C TYR B 186 24.26 -0.90 14.93
N LEU B 187 24.20 -0.98 13.61
CA LEU B 187 24.25 -2.27 12.94
C LEU B 187 25.63 -2.90 13.09
N ASN B 188 26.66 -2.06 13.05
CA ASN B 188 28.03 -2.54 13.21
C ASN B 188 28.21 -3.26 14.55
N LYS B 189 27.74 -2.64 15.63
CA LYS B 189 27.86 -3.23 16.95
C LYS B 189 26.84 -4.33 17.18
N TRP B 190 25.74 -4.29 16.43
CA TRP B 190 24.69 -5.27 16.63
C TRP B 190 25.15 -6.67 16.28
N TRP B 191 26.13 -6.79 15.38
CA TRP B 191 26.67 -8.10 15.03
C TRP B 191 27.29 -8.75 16.25
N GLU B 192 27.77 -7.97 17.21
CA GLU B 192 28.40 -8.54 18.38
C GLU B 192 27.40 -9.12 19.38
N VAL B 193 26.10 -8.94 19.19
CA VAL B 193 25.12 -9.51 20.09
C VAL B 193 24.21 -10.52 19.40
N VAL B 194 24.48 -10.84 18.13
CA VAL B 194 23.67 -11.81 17.39
C VAL B 194 23.83 -13.20 18.00
N ASN B 195 22.70 -13.81 18.37
CA ASN B 195 22.68 -15.13 18.97
C ASN B 195 22.72 -16.18 17.87
N TRP B 196 23.93 -16.55 17.48
CA TRP B 196 24.09 -17.50 16.40
C TRP B 196 23.49 -18.87 16.73
N LYS B 197 23.39 -19.22 18.01
CA LYS B 197 22.80 -20.53 18.25
C LYS B 197 21.30 -20.51 18.06
N PHE B 198 20.66 -19.35 18.26
CA PHE B 198 19.27 -19.25 17.87
C PHE B 198 19.12 -19.36 16.35
N VAL B 199 20.01 -18.70 15.61
CA VAL B 199 19.98 -18.79 14.16
C VAL B 199 20.15 -20.23 13.70
N ASP B 200 21.02 -20.99 14.38
CA ASP B 200 21.18 -22.40 14.00
C ASP B 200 19.91 -23.19 14.30
N GLN B 201 19.25 -22.91 15.43
CA GLN B 201 18.05 -23.68 15.77
C GLN B 201 16.93 -23.42 14.77
N GLN B 202 16.81 -22.19 14.26
CA GLN B 202 15.78 -21.88 13.28
C GLN B 202 15.98 -22.64 11.98
N LEU B 203 17.24 -22.88 11.62
CA LEU B 203 17.55 -23.58 10.38
C LEU B 203 17.20 -25.06 10.46
N LYS B 204 17.28 -25.64 11.65
CA LYS B 204 17.17 -27.07 11.86
C LYS B 204 15.91 -27.41 12.64
N GLN B 205 14.80 -26.78 12.27
CA GLN B 205 13.53 -27.06 12.90
C GLN B 205 12.42 -27.02 11.85
N HIS C 4 20.40 14.52 68.14
CA HIS C 4 19.76 13.66 67.13
C HIS C 4 18.53 14.33 66.50
N HIS C 5 17.83 13.58 65.65
CA HIS C 5 16.75 14.12 64.85
C HIS C 5 16.06 13.00 64.08
N HIS C 6 14.80 13.22 63.75
CA HIS C 6 14.06 12.41 62.80
C HIS C 6 13.56 13.30 61.67
N GLY C 7 14.43 14.22 61.24
CA GLY C 7 14.12 15.13 60.17
C GLY C 7 15.34 15.29 59.28
N SER C 8 15.73 14.22 58.60
CA SER C 8 16.97 14.27 57.86
C SER C 8 16.78 15.04 56.56
N MET C 9 17.82 15.75 56.18
CA MET C 9 17.80 16.62 55.02
C MET C 9 18.93 16.25 54.07
N LEU C 10 18.85 16.80 52.86
CA LEU C 10 19.87 16.62 51.85
C LEU C 10 20.02 17.88 51.02
N PHE C 11 21.22 18.09 50.48
CA PHE C 11 21.41 19.18 49.53
C PHE C 11 20.58 18.90 48.28
N THR C 12 20.16 19.95 47.60
CA THR C 12 19.33 19.79 46.41
C THR C 12 19.77 20.80 45.36
N LEU C 13 19.47 20.49 44.10
CA LEU C 13 19.75 21.41 43.02
C LEU C 13 18.48 21.66 42.22
N ASN C 14 18.25 22.90 41.86
CA ASN C 14 17.22 23.26 40.88
C ASN C 14 17.90 23.68 39.58
N ASP C 15 17.24 23.39 38.48
CA ASP C 15 17.77 23.72 37.17
C ASP C 15 18.10 25.21 37.09
N PRO C 16 19.25 25.58 36.54
CA PRO C 16 19.46 26.98 36.14
C PRO C 16 18.37 27.39 35.16
N ALA C 17 17.98 28.67 35.24
CA ALA C 17 16.87 29.16 34.42
C ALA C 17 17.13 28.99 32.94
N TYR C 18 18.38 29.06 32.49
CA TYR C 18 18.73 28.99 31.08
C TYR C 18 19.23 27.60 30.67
N LEU C 19 18.96 26.58 31.50
CA LEU C 19 19.55 25.26 31.29
C LEU C 19 19.24 24.70 29.92
N LYS C 20 17.97 24.73 29.51
CA LYS C 20 17.60 24.11 28.25
C LYS C 20 17.76 25.06 27.07
N THR C 21 18.09 26.33 27.30
CA THR C 21 18.31 27.28 26.20
C THR C 21 19.78 27.60 25.96
N GLY C 22 20.64 27.37 26.94
CA GLY C 22 22.05 27.62 26.77
C GLY C 22 22.44 29.06 27.02
N LEU C 23 23.73 29.33 26.82
CA LEU C 23 24.31 30.65 26.99
C LEU C 23 25.18 30.97 25.78
N GLU C 24 24.61 30.80 24.59
CA GLU C 24 25.30 31.06 23.33
C GLU C 24 25.63 32.54 23.29
N PRO C 25 26.78 32.90 22.68
CA PRO C 25 27.76 32.01 22.02
C PRO C 25 28.84 31.49 22.96
N ALA C 26 28.67 31.68 24.27
CA ALA C 26 29.73 31.31 25.20
C ALA C 26 29.69 29.81 25.52
N ILE C 27 28.51 29.33 25.92
CA ILE C 27 28.34 27.97 26.41
C ILE C 27 27.06 27.44 25.78
N SER C 28 27.13 26.28 25.15
CA SER C 28 25.96 25.72 24.49
C SER C 28 25.04 25.00 25.48
N ALA C 29 23.81 24.79 25.05
CA ALA C 29 22.89 23.96 25.83
C ALA C 29 23.43 22.56 25.98
N LYS C 30 24.10 22.06 24.95
CA LYS C 30 24.77 20.76 25.05
C LYS C 30 25.72 20.74 26.23
N THR C 31 26.55 21.78 26.34
CA THR C 31 27.56 21.80 27.39
C THR C 31 26.90 21.89 28.75
N LEU C 32 25.85 22.72 28.85
CA LEU C 32 25.14 22.88 30.10
C LEU C 32 24.46 21.59 30.51
N ASP C 33 24.09 20.74 29.55
CA ASP C 33 23.47 19.47 29.92
C ASP C 33 24.46 18.58 30.67
N PHE C 34 25.64 18.35 30.10
CA PHE C 34 26.65 17.52 30.76
C PHE C 34 27.23 18.22 31.97
N HIS C 35 27.39 19.54 31.89
CA HIS C 35 27.97 20.29 33.01
C HIS C 35 27.05 20.25 34.22
N PHE C 36 25.74 20.47 34.01
CA PHE C 36 24.82 20.47 35.16
C PHE C 36 24.29 19.07 35.48
N ASN C 37 23.71 18.37 34.51
CA ASN C 37 23.16 17.05 34.81
C ASN C 37 24.25 16.00 35.08
N GLY C 38 25.44 16.18 34.50
CA GLY C 38 26.58 15.29 34.78
C GLY C 38 27.41 15.72 35.99
N HIS C 39 28.27 16.72 35.83
CA HIS C 39 29.22 17.06 36.90
C HIS C 39 28.50 17.58 38.17
N HIS C 40 27.64 18.58 38.03
CA HIS C 40 27.07 19.20 39.21
C HIS C 40 26.23 18.21 40.02
N LYS C 41 25.39 17.40 39.35
CA LYS C 41 24.60 16.42 40.09
C LYS C 41 25.47 15.29 40.65
N THR C 42 26.55 14.94 39.95
CA THR C 42 27.48 13.96 40.51
C THR C 42 28.11 14.51 41.79
N TYR C 43 28.52 15.77 41.77
CA TYR C 43 29.02 16.40 42.99
C TYR C 43 27.95 16.44 44.08
N LEU C 44 26.68 16.65 43.71
CA LEU C 44 25.61 16.70 44.68
C LEU C 44 25.41 15.35 45.37
N ASN C 45 25.34 14.28 44.58
CA ASN C 45 25.08 12.94 45.10
C ASN C 45 26.23 12.46 45.96
N LYS C 46 27.46 12.72 45.52
CA LYS C 46 28.65 12.39 46.29
C LYS C 46 28.65 13.10 47.64
N THR C 47 28.39 14.42 47.64
CA THR C 47 28.35 15.16 48.89
C THR C 47 27.32 14.55 49.85
N ASN C 48 26.11 14.28 49.36
CA ASN C 48 25.06 13.70 50.22
C ASN C 48 25.46 12.34 50.73
N ASP C 49 26.03 11.50 49.88
CA ASP C 49 26.44 10.19 50.35
C ASP C 49 27.56 10.26 51.37
N LEU C 50 28.46 11.25 51.25
CA LEU C 50 29.56 11.32 52.19
C LEU C 50 29.13 11.83 53.56
N VAL C 51 28.09 12.68 53.64
CA VAL C 51 27.67 13.18 54.93
C VAL C 51 26.68 12.24 55.61
N LYS C 52 25.86 11.52 54.84
CA LYS C 52 24.82 10.69 55.41
C LYS C 52 25.36 9.70 56.42
N GLY C 53 24.73 9.65 57.60
CA GLY C 53 25.14 8.77 58.67
C GLY C 53 26.30 9.25 59.51
N THR C 54 26.74 10.49 59.33
CA THR C 54 27.85 11.09 60.07
C THR C 54 27.39 12.35 60.80
N SER C 55 28.34 12.92 61.54
CA SER C 55 28.05 14.15 62.27
C SER C 55 27.83 15.34 61.35
N LEU C 56 28.07 15.22 60.05
CA LEU C 56 27.85 16.34 59.15
C LEU C 56 26.47 16.36 58.54
N GLU C 57 25.67 15.32 58.77
CA GLU C 57 24.32 15.28 58.22
C GLU C 57 23.49 16.46 58.72
N ASN C 58 22.67 17.02 57.83
CA ASN C 58 21.79 18.15 58.05
C ASN C 58 22.53 19.46 58.29
N LYS C 59 23.86 19.45 58.36
CA LYS C 59 24.60 20.71 58.41
C LYS C 59 24.55 21.43 57.07
N SER C 60 24.67 22.75 57.12
CA SER C 60 24.70 23.57 55.92
C SER C 60 25.94 23.25 55.07
N LEU C 61 25.87 23.63 53.79
CA LEU C 61 26.97 23.30 52.88
C LEU C 61 28.25 24.04 53.27
N GLU C 62 28.14 25.30 53.70
CA GLU C 62 29.34 26.01 54.11
C GLU C 62 30.00 25.36 55.34
N ASP C 63 29.19 24.87 56.28
CA ASP C 63 29.77 24.16 57.41
C ASP C 63 30.43 22.87 56.97
N VAL C 64 29.81 22.14 56.04
CA VAL C 64 30.42 20.89 55.56
C VAL C 64 31.76 21.19 54.89
N ILE C 65 31.84 22.24 54.09
CA ILE C 65 33.07 22.59 53.39
C ILE C 65 34.15 23.00 54.38
N LEU C 66 33.80 23.81 55.38
CA LEU C 66 34.78 24.28 56.34
C LEU C 66 35.28 23.15 57.24
N VAL C 67 34.39 22.20 57.57
CA VAL C 67 34.82 21.01 58.32
C VAL C 67 35.72 20.11 57.47
N ALA C 68 35.36 19.90 56.21
CA ALA C 68 36.21 19.08 55.34
C ALA C 68 37.58 19.73 55.16
N LYS C 69 37.61 21.07 55.07
CA LYS C 69 38.87 21.77 54.87
C LYS C 69 39.76 21.69 56.12
N THR C 70 39.19 21.93 57.31
CA THR C 70 40.02 21.97 58.53
C THR C 70 40.43 20.58 58.99
N THR C 71 39.64 19.56 58.68
CA THR C 71 39.96 18.20 59.06
C THR C 71 40.72 17.46 57.98
N ASN C 72 41.12 18.16 56.92
CA ASN C 72 41.93 17.58 55.85
C ASN C 72 41.19 16.42 55.19
N ASN C 73 39.90 16.61 54.89
CA ASN C 73 39.10 15.55 54.27
C ASN C 73 39.00 15.84 52.77
N ALA C 74 39.87 15.19 51.98
CA ALA C 74 40.00 15.53 50.57
C ALA C 74 38.75 15.18 49.78
N ALA C 75 38.24 13.95 49.93
CA ALA C 75 37.05 13.56 49.17
C ALA C 75 35.85 14.42 49.51
N LEU C 76 35.61 14.69 50.81
CA LEU C 76 34.44 15.51 51.12
C LEU C 76 34.65 16.92 50.62
N PHE C 77 35.86 17.45 50.78
CA PHE C 77 36.14 18.80 50.33
C PHE C 77 35.96 18.92 48.82
N ASN C 78 36.49 17.96 48.06
CA ASN C 78 36.42 18.12 46.60
C ASN C 78 34.97 18.14 46.11
N ASN C 79 34.14 17.24 46.65
CA ASN C 79 32.77 17.17 46.18
C ASN C 79 31.91 18.30 46.74
N ALA C 80 32.00 18.58 48.04
CA ALA C 80 31.13 19.60 48.62
C ALA C 80 31.45 20.98 48.09
N THR C 81 32.73 21.29 47.91
CA THR C 81 33.08 22.63 47.44
C THR C 81 32.76 22.80 45.94
N GLN C 82 33.00 21.75 45.14
CA GLN C 82 32.53 21.79 43.75
C GLN C 82 31.02 21.91 43.68
N LEU C 83 30.30 21.34 44.66
CA LEU C 83 28.86 21.57 44.70
C LEU C 83 28.57 23.05 44.88
N TRP C 84 29.28 23.71 45.78
CA TRP C 84 29.10 25.15 45.96
C TRP C 84 29.58 25.94 44.75
N ASN C 85 30.74 25.60 44.20
CA ASN C 85 31.31 26.40 43.10
C ASN C 85 30.37 26.47 41.90
N HIS C 86 29.74 25.36 41.52
CA HIS C 86 28.90 25.41 40.33
C HIS C 86 27.63 26.18 40.56
N SER C 87 27.03 26.00 41.74
CA SER C 87 25.86 26.77 42.10
C SER C 87 26.14 28.26 42.02
N PHE C 88 27.30 28.68 42.53
CA PHE C 88 27.72 30.09 42.40
C PHE C 88 27.98 30.43 40.94
N PHE C 89 28.62 29.52 40.21
CA PHE C 89 28.91 29.74 38.80
C PHE C 89 27.63 30.03 38.01
N TRP C 90 26.55 29.26 38.26
CA TRP C 90 25.33 29.47 37.47
C TRP C 90 24.74 30.85 37.71
N ASP C 91 24.74 31.33 38.96
CA ASP C 91 24.28 32.70 39.23
C ASP C 91 25.19 33.77 38.63
N CYS C 92 26.45 33.45 38.32
CA CYS C 92 27.33 34.43 37.70
C CYS C 92 27.00 34.67 36.23
N MET C 93 26.07 33.92 35.63
CA MET C 93 25.81 34.03 34.20
C MET C 93 24.31 34.18 33.91
N ALA C 94 24.03 34.74 32.75
CA ALA C 94 22.67 34.94 32.27
C ALA C 94 22.73 35.09 30.76
N PRO C 95 21.62 34.85 30.06
CA PRO C 95 21.64 35.07 28.60
C PRO C 95 22.07 36.49 28.25
N THR C 96 22.71 36.61 27.09
CA THR C 96 23.36 37.83 26.67
C THR C 96 22.43 39.02 26.70
N ASN C 97 21.12 38.80 26.56
CA ASN C 97 20.15 39.88 26.58
C ASN C 97 19.72 40.25 27.99
N GLN C 98 20.08 39.45 29.01
CA GLN C 98 19.60 39.65 30.36
C GLN C 98 20.74 39.87 31.34
N THR C 99 21.89 40.35 30.86
CA THR C 99 23.07 40.41 31.72
C THR C 99 23.09 41.60 32.66
N GLY C 100 22.34 42.67 32.37
CA GLY C 100 22.42 43.91 33.12
C GLY C 100 23.72 44.63 32.85
N GLN C 101 23.97 45.66 33.66
CA GLN C 101 25.17 46.47 33.49
C GLN C 101 25.97 46.55 34.78
N ILE C 102 27.18 47.08 34.66
CA ILE C 102 28.01 47.33 35.84
C ILE C 102 27.52 48.59 36.53
N SER C 103 27.22 48.44 37.83
CA SER C 103 26.71 49.53 38.66
C SER C 103 27.81 50.55 38.94
N PRO C 104 27.44 51.80 39.29
CA PRO C 104 28.45 52.81 39.60
C PRO C 104 29.40 52.40 40.71
N GLU C 105 28.89 51.71 41.74
CA GLU C 105 29.75 51.29 42.84
C GLU C 105 30.73 50.22 42.39
N LEU C 106 30.23 49.22 41.65
CA LEU C 106 31.13 48.20 41.13
C LEU C 106 32.12 48.76 40.12
N GLU C 107 31.68 49.69 39.27
CA GLU C 107 32.66 50.30 38.37
C GLU C 107 33.69 51.12 39.16
N LYS C 108 33.25 51.79 40.23
CA LYS C 108 34.17 52.57 41.05
C LYS C 108 35.26 51.67 41.64
N LEU C 109 34.86 50.54 42.23
CA LEU C 109 35.84 49.65 42.84
C LEU C 109 36.69 48.93 41.80
N ILE C 110 36.15 48.69 40.59
CA ILE C 110 36.96 48.08 39.54
C ILE C 110 38.06 49.04 39.09
N LYS C 111 37.71 50.31 38.82
CA LYS C 111 38.73 51.31 38.47
C LYS C 111 39.79 51.44 39.57
N GLU C 112 39.36 51.36 40.83
CA GLU C 112 40.26 51.63 41.94
C GLU C 112 41.27 50.50 42.11
N SER C 113 40.83 49.24 41.98
CA SER C 113 41.74 48.12 42.19
C SER C 113 42.49 47.73 40.92
N PHE C 114 41.97 48.07 39.73
CA PHE C 114 42.52 47.62 38.47
C PHE C 114 42.72 48.72 37.43
N GLY C 115 42.40 49.96 37.75
CA GLY C 115 42.64 51.00 36.77
C GLY C 115 41.44 51.24 35.86
N SER C 116 40.99 50.19 35.19
CA SER C 116 39.85 50.33 34.29
C SER C 116 39.08 49.01 34.21
N VAL C 117 37.83 49.12 33.72
CA VAL C 117 37.04 47.92 33.50
C VAL C 117 37.68 47.06 32.42
N ALA C 118 38.14 47.70 31.34
CA ALA C 118 38.82 46.98 30.26
C ALA C 118 40.10 46.31 30.78
N ASP C 119 40.88 47.02 31.57
CA ASP C 119 42.10 46.46 32.13
C ASP C 119 41.79 45.34 33.09
N PHE C 120 40.72 45.50 33.88
CA PHE C 120 40.28 44.40 34.74
C PHE C 120 39.94 43.18 33.90
N LYS C 121 39.12 43.37 32.87
CA LYS C 121 38.68 42.24 32.06
C LYS C 121 39.88 41.54 31.41
N LYS C 122 40.90 42.30 31.02
CA LYS C 122 42.10 41.67 30.49
C LYS C 122 42.87 40.95 31.59
N LYS C 123 42.98 41.57 32.77
CA LYS C 123 43.68 40.89 33.86
C LYS C 123 42.97 39.60 34.23
N PHE C 124 41.63 39.63 34.29
CA PHE C 124 40.86 38.44 34.65
C PHE C 124 41.07 37.35 33.62
N THR C 125 41.03 37.72 32.34
CA THR C 125 41.17 36.75 31.26
C THR C 125 42.56 36.10 31.25
N ASP C 126 43.61 36.91 31.39
CA ASP C 126 44.98 36.39 31.40
C ASP C 126 45.22 35.44 32.56
N SER C 127 44.68 35.77 33.72
CA SER C 127 44.77 34.90 34.88
C SER C 127 44.04 33.57 34.63
N ALA C 128 42.87 33.65 34.00
CA ALA C 128 42.12 32.44 33.70
C ALA C 128 42.86 31.59 32.65
N ILE C 129 43.47 32.23 31.66
CA ILE C 129 44.25 31.49 30.66
C ILE C 129 45.46 30.83 31.30
N ALA C 130 46.12 31.54 32.21
CA ALA C 130 47.32 31.03 32.84
C ALA C 130 47.03 30.02 33.94
N ASN C 131 45.76 29.79 34.29
CA ASN C 131 45.43 28.90 35.39
C ASN C 131 45.63 27.48 34.87
N PHE C 132 46.77 26.89 35.21
CA PHE C 132 47.17 25.63 34.60
C PHE C 132 46.37 24.46 35.14
N GLY C 133 45.90 23.61 34.23
CA GLY C 133 45.10 22.46 34.64
C GLY C 133 43.66 22.86 34.89
N SER C 134 42.98 22.10 35.75
CA SER C 134 41.60 22.40 36.14
C SER C 134 41.59 23.43 37.26
N GLY C 135 40.57 24.29 37.27
CA GLY C 135 40.45 25.23 38.37
C GLY C 135 39.46 26.33 38.07
N TRP C 136 39.56 27.41 38.83
CA TRP C 136 38.62 28.51 38.76
C TRP C 136 39.37 29.83 38.88
N THR C 137 38.82 30.87 38.26
CA THR C 137 39.35 32.21 38.39
C THR C 137 38.27 33.11 38.98
N TRP C 138 38.63 33.87 40.01
CA TRP C 138 37.66 34.57 40.84
C TRP C 138 37.93 36.05 40.92
N LEU C 139 36.86 36.80 41.09
CA LEU C 139 36.92 38.18 41.55
C LEU C 139 36.42 38.19 42.99
N VAL C 140 37.25 38.64 43.92
CA VAL C 140 36.88 38.63 45.34
C VAL C 140 36.97 40.03 45.93
N ASN C 141 36.15 40.27 46.95
CA ASN C 141 36.15 41.53 47.64
C ASN C 141 36.69 41.32 49.05
N ILE C 142 37.80 41.99 49.35
CA ILE C 142 38.38 41.94 50.69
C ILE C 142 38.18 43.31 51.36
N ASN C 143 37.06 43.47 52.06
CA ASN C 143 36.79 44.68 52.85
C ASN C 143 36.91 45.95 52.02
N GLY C 144 36.48 45.90 50.77
CA GLY C 144 36.48 47.08 49.94
C GLY C 144 37.58 47.15 48.90
N LYS C 145 38.56 46.25 48.95
CA LYS C 145 39.61 46.19 47.94
C LYS C 145 39.41 44.94 47.10
N LEU C 146 39.39 45.10 45.77
CA LEU C 146 39.10 43.98 44.88
C LEU C 146 40.37 43.30 44.40
N GLU C 147 40.27 41.99 44.22
CA GLU C 147 41.40 41.15 43.92
C GLU C 147 40.95 40.04 42.98
N ILE C 148 41.88 39.55 42.15
CA ILE C 148 41.65 38.37 41.32
C ILE C 148 42.42 37.20 41.91
N GLN C 149 41.74 36.06 42.03
CA GLN C 149 42.29 34.85 42.62
C GLN C 149 42.12 33.71 41.65
N ASN C 150 43.19 32.92 41.44
CA ASN C 150 43.14 31.62 40.79
C ASN C 150 43.14 30.52 41.85
N THR C 151 42.29 29.52 41.65
CA THR C 151 42.36 28.31 42.46
C THR C 151 42.45 27.10 41.54
N SER C 152 42.96 26.03 42.12
CA SER C 152 43.14 24.74 41.46
C SER C 152 42.06 23.76 41.90
N ASN C 153 41.58 22.95 40.95
CA ASN C 153 40.61 21.89 41.23
C ASN C 153 39.36 22.37 41.97
N ALA C 154 39.18 21.97 43.23
CA ALA C 154 37.97 22.38 43.94
C ALA C 154 38.16 23.62 44.82
N GLU C 155 39.39 24.12 44.97
CA GLU C 155 39.61 25.21 45.90
C GLU C 155 38.81 26.43 45.48
N SER C 156 38.44 27.23 46.47
CA SER C 156 37.42 28.24 46.31
C SER C 156 37.53 29.22 47.44
N PRO C 157 37.28 30.51 47.20
CA PRO C 157 37.26 31.49 48.30
C PRO C 157 36.06 31.34 49.20
N VAL C 158 35.17 30.38 48.94
CA VAL C 158 34.05 30.18 49.87
C VAL C 158 34.60 29.85 51.25
N THR C 159 35.79 29.27 51.33
CA THR C 159 36.39 28.96 52.63
C THR C 159 36.94 30.18 53.35
N LEU C 160 37.23 31.27 52.63
CA LEU C 160 37.99 32.40 53.14
C LEU C 160 37.09 33.54 53.60
N ARG C 161 37.64 34.39 54.48
CA ARG C 161 36.89 35.56 54.95
C ARG C 161 36.93 36.67 53.90
N VAL C 162 36.37 36.35 52.73
CA VAL C 162 36.31 37.26 51.60
C VAL C 162 34.92 37.10 50.99
N THR C 163 34.50 38.08 50.18
CA THR C 163 33.26 37.93 49.43
C THR C 163 33.53 37.65 47.96
N PRO C 164 33.17 36.47 47.46
CA PRO C 164 33.28 36.20 46.02
C PRO C 164 32.23 36.99 45.25
N LEU C 165 32.65 37.63 44.18
CA LEU C 165 31.79 38.43 43.33
C LEU C 165 31.49 37.77 41.98
N LEU C 166 32.43 36.98 41.47
CA LEU C 166 32.34 36.46 40.12
C LEU C 166 33.34 35.33 39.99
N THR C 167 32.97 34.28 39.25
CA THR C 167 33.93 33.23 38.91
C THR C 167 33.69 32.78 37.48
N VAL C 168 34.76 32.25 36.88
CA VAL C 168 34.68 31.49 35.64
C VAL C 168 35.26 30.11 35.91
N ASP C 169 34.60 29.08 35.40
CA ASP C 169 35.06 27.71 35.51
C ASP C 169 36.03 27.42 34.36
N VAL C 170 37.26 26.97 34.69
CA VAL C 170 38.20 26.63 33.62
C VAL C 170 38.59 25.16 33.64
N TRP C 171 37.88 24.31 34.39
CA TRP C 171 37.90 22.89 34.09
C TRP C 171 37.58 22.68 32.62
N GLU C 172 38.27 21.72 31.99
CA GLU C 172 38.09 21.60 30.55
C GLU C 172 36.65 21.23 30.17
N HIS C 173 35.94 20.53 31.06
CA HIS C 173 34.55 20.18 30.75
C HIS C 173 33.67 21.40 30.64
N ALA C 174 34.08 22.53 31.19
CA ALA C 174 33.25 23.72 31.09
C ALA C 174 33.18 24.24 29.65
N TYR C 175 34.15 23.90 28.80
CA TYR C 175 34.22 24.51 27.49
C TYR C 175 34.64 23.59 26.36
N TYR C 176 35.04 22.35 26.63
CA TYR C 176 35.70 21.60 25.57
C TYR C 176 34.74 21.25 24.44
N LEU C 177 33.46 21.03 24.75
CA LEU C 177 32.54 20.66 23.70
C LEU C 177 32.37 21.78 22.69
N ASP C 178 32.43 23.02 23.15
CA ASP C 178 32.22 24.18 22.29
C ASP C 178 33.50 24.80 21.77
N HIS C 179 34.59 24.76 22.53
CA HIS C 179 35.78 25.48 22.15
C HIS C 179 37.04 24.63 22.12
N GLN C 180 36.94 23.35 22.50
CA GLN C 180 38.08 22.45 22.62
C GLN C 180 39.23 23.16 23.33
N ASN C 181 40.42 23.13 22.74
CA ASN C 181 41.60 23.67 23.40
C ASN C 181 41.66 25.18 23.36
N ARG C 182 40.68 25.83 22.76
CA ARG C 182 40.71 27.29 22.63
C ARG C 182 40.08 27.94 23.87
N ARG C 183 40.69 27.68 25.01
CA ARG C 183 40.23 28.34 26.25
C ARG C 183 40.18 29.85 26.13
N PRO C 184 41.13 30.53 25.48
CA PRO C 184 40.97 31.99 25.27
C PRO C 184 39.68 32.38 24.55
N GLU C 185 39.26 31.60 23.56
CA GLU C 185 38.04 31.96 22.84
C GLU C 185 36.81 31.74 23.71
N TYR C 186 36.88 30.73 24.58
CA TYR C 186 35.83 30.53 25.57
C TYR C 186 35.71 31.73 26.50
N LEU C 187 36.84 32.22 27.01
CA LEU C 187 36.77 33.33 27.97
C LEU C 187 36.38 34.62 27.30
N ASN C 188 36.85 34.83 26.06
CA ASN C 188 36.41 36.00 25.31
C ASN C 188 34.90 36.04 25.16
N LYS C 189 34.26 34.91 24.90
CA LYS C 189 32.82 34.93 24.69
C LYS C 189 32.06 34.91 26.01
N TRP C 190 32.67 34.36 27.06
CA TRP C 190 32.04 34.27 28.38
C TRP C 190 31.72 35.66 28.94
N TRP C 191 32.46 36.69 28.52
CA TRP C 191 32.15 38.04 29.02
C TRP C 191 30.75 38.48 28.65
N GLU C 192 30.21 38.00 27.52
CA GLU C 192 28.88 38.42 27.11
C GLU C 192 27.77 37.77 27.93
N VAL C 193 28.09 36.78 28.77
CA VAL C 193 27.07 36.15 29.58
C VAL C 193 27.28 36.39 31.08
N VAL C 194 28.23 37.25 31.44
CA VAL C 194 28.40 37.63 32.85
C VAL C 194 27.17 38.38 33.33
N ASN C 195 26.55 37.88 34.40
CA ASN C 195 25.35 38.45 35.03
C ASN C 195 25.80 39.55 36.00
N TRP C 196 25.93 40.78 35.46
CA TRP C 196 26.44 41.89 36.28
C TRP C 196 25.49 42.27 37.41
N LYS C 197 24.17 42.13 37.22
CA LYS C 197 23.25 42.32 38.33
C LYS C 197 23.67 41.48 39.53
N PHE C 198 23.92 40.20 39.31
CA PHE C 198 24.33 39.32 40.39
C PHE C 198 25.66 39.77 41.01
N VAL C 199 26.63 40.18 40.18
CA VAL C 199 27.89 40.64 40.75
C VAL C 199 27.64 41.83 41.66
N ASP C 200 26.77 42.75 41.24
CA ASP C 200 26.45 43.90 42.07
C ASP C 200 25.77 43.47 43.36
N GLN C 201 24.81 42.55 43.27
CA GLN C 201 24.18 42.01 44.47
C GLN C 201 25.21 41.42 45.42
N GLN C 202 26.25 40.78 44.89
CA GLN C 202 27.27 40.21 45.76
C GLN C 202 28.04 41.29 46.49
N LEU C 203 28.24 42.43 45.83
CA LEU C 203 28.99 43.55 46.38
C LEU C 203 28.24 44.25 47.51
N LYS C 204 27.00 44.62 47.26
CA LYS C 204 26.17 45.26 48.27
C LYS C 204 25.42 44.18 49.03
N GLN C 205 25.49 44.21 50.35
CA GLN C 205 24.92 43.18 51.22
C GLN C 205 25.21 41.78 50.71
N HIS D 5 79.09 26.91 18.75
CA HIS D 5 78.77 25.75 17.92
C HIS D 5 77.85 26.13 16.75
N HIS D 6 77.68 25.20 15.83
CA HIS D 6 76.91 25.42 14.61
C HIS D 6 76.03 24.20 14.31
N GLY D 7 75.41 23.65 15.35
CA GLY D 7 74.43 22.59 15.20
C GLY D 7 73.27 22.80 16.14
N SER D 8 72.46 23.85 15.89
CA SER D 8 71.27 24.10 16.69
C SER D 8 70.29 22.96 16.54
N MET D 9 69.67 22.55 17.66
CA MET D 9 68.64 21.52 17.64
C MET D 9 67.40 22.02 18.35
N LEU D 10 66.27 21.39 18.03
CA LEU D 10 64.99 21.66 18.67
C LEU D 10 64.33 20.33 18.92
N PHE D 11 63.35 20.33 19.83
CA PHE D 11 62.44 19.20 20.01
C PHE D 11 61.44 19.16 18.87
N THR D 12 61.05 17.94 18.50
CA THR D 12 60.11 17.74 17.42
C THR D 12 59.11 16.67 17.82
N LEU D 13 57.97 16.66 17.13
CA LEU D 13 56.99 15.60 17.26
C LEU D 13 56.69 15.04 15.87
N ASN D 14 56.51 13.73 15.79
CA ASN D 14 56.00 13.07 14.59
C ASN D 14 54.60 12.51 14.82
N ASP D 15 53.80 12.46 13.76
CA ASP D 15 52.43 11.95 13.90
C ASP D 15 52.45 10.54 14.49
N PRO D 16 51.55 10.25 15.45
CA PRO D 16 51.34 8.84 15.81
C PRO D 16 50.83 8.07 14.60
N ALA D 17 51.23 6.80 14.51
CA ALA D 17 50.90 6.04 13.31
C ALA D 17 49.40 6.01 13.08
N TYR D 18 48.60 6.02 14.15
CA TYR D 18 47.15 5.87 14.08
C TYR D 18 46.41 7.20 14.13
N LEU D 19 47.09 8.31 13.85
CA LEU D 19 46.51 9.64 14.06
C LEU D 19 45.18 9.81 13.33
N LYS D 20 45.16 9.45 12.05
CA LYS D 20 44.00 9.67 11.19
C LYS D 20 42.92 8.61 11.38
N THR D 21 43.28 7.39 11.77
CA THR D 21 42.31 6.30 11.93
C THR D 21 41.71 6.24 13.33
N GLY D 22 42.40 6.76 14.35
CA GLY D 22 41.87 6.74 15.69
C GLY D 22 42.18 5.49 16.46
N LEU D 23 41.59 5.43 17.66
CA LEU D 23 41.72 4.30 18.58
C LEU D 23 40.35 3.93 19.13
N GLU D 24 39.40 3.76 18.22
CA GLU D 24 38.03 3.42 18.57
C GLU D 24 38.01 2.05 19.22
N PRO D 25 37.10 1.83 20.18
CA PRO D 25 36.08 2.75 20.68
C PRO D 25 36.57 3.64 21.84
N ALA D 26 37.86 3.63 22.12
CA ALA D 26 38.38 4.37 23.27
C ALA D 26 38.54 5.85 22.96
N ILE D 27 39.26 6.15 21.89
CA ILE D 27 39.60 7.53 21.53
C ILE D 27 39.34 7.67 20.04
N SER D 28 38.54 8.67 19.66
CA SER D 28 38.23 8.89 18.26
C SER D 28 39.38 9.61 17.53
N ALA D 29 39.34 9.56 16.20
CA ALA D 29 40.28 10.36 15.40
C ALA D 29 40.11 11.86 15.64
N LYS D 30 38.87 12.31 15.80
CA LYS D 30 38.63 13.71 16.13
C LYS D 30 39.32 14.10 17.44
N THR D 31 39.24 13.25 18.45
CA THR D 31 39.90 13.59 19.70
C THR D 31 41.41 13.65 19.49
N LEU D 32 41.95 12.73 18.71
CA LEU D 32 43.40 12.73 18.51
C LEU D 32 43.84 13.97 17.74
N ASP D 33 42.96 14.54 16.92
CA ASP D 33 43.31 15.76 16.19
C ASP D 33 43.54 16.92 17.15
N PHE D 34 42.58 17.18 18.05
CA PHE D 34 42.74 18.25 19.02
C PHE D 34 43.82 17.90 20.04
N HIS D 35 43.91 16.64 20.41
CA HIS D 35 44.85 16.20 21.43
C HIS D 35 46.29 16.31 20.93
N PHE D 36 46.57 15.85 19.71
CA PHE D 36 47.93 15.87 19.19
C PHE D 36 48.25 17.21 18.51
N ASN D 37 47.43 17.61 17.51
CA ASN D 37 47.72 18.87 16.83
C ASN D 37 47.42 20.09 17.68
N GLY D 38 46.49 19.98 18.64
CA GLY D 38 46.25 21.10 19.53
C GLY D 38 47.18 21.08 20.73
N HIS D 39 46.87 20.25 21.73
CA HIS D 39 47.58 20.29 22.99
C HIS D 39 49.06 19.93 22.85
N HIS D 40 49.36 18.79 22.22
CA HIS D 40 50.73 18.30 22.24
C HIS D 40 51.66 19.27 21.51
N LYS D 41 51.23 19.78 20.35
CA LYS D 41 52.07 20.73 19.62
C LYS D 41 52.20 22.06 20.34
N THR D 42 51.16 22.48 21.06
CA THR D 42 51.26 23.68 21.89
C THR D 42 52.33 23.50 22.97
N TYR D 43 52.31 22.36 23.66
CA TYR D 43 53.37 22.04 24.61
C TYR D 43 54.74 22.00 23.92
N LEU D 44 54.78 21.48 22.69
CA LEU D 44 56.03 21.40 21.96
C LEU D 44 56.57 22.79 21.63
N ASN D 45 55.71 23.65 21.10
CA ASN D 45 56.17 24.98 20.70
C ASN D 45 56.57 25.81 21.90
N LYS D 46 55.84 25.66 23.00
CA LYS D 46 56.14 26.45 24.19
C LYS D 46 57.45 26.00 24.81
N THR D 47 57.71 24.69 24.84
CA THR D 47 58.99 24.21 25.33
C THR D 47 60.15 24.73 24.47
N ASN D 48 60.03 24.62 23.13
CA ASN D 48 61.08 25.15 22.27
C ASN D 48 61.26 26.65 22.46
N ASP D 49 60.15 27.39 22.59
CA ASP D 49 60.27 28.82 22.80
C ASP D 49 60.94 29.10 24.14
N LEU D 50 60.69 28.27 25.16
CA LEU D 50 61.23 28.60 26.47
C LEU D 50 62.71 28.28 26.58
N VAL D 51 63.21 27.26 25.89
CA VAL D 51 64.62 26.92 26.06
C VAL D 51 65.51 27.71 25.10
N LYS D 52 64.96 28.24 24.00
CA LYS D 52 65.74 28.97 22.99
C LYS D 52 66.49 30.16 23.59
N GLY D 53 67.79 30.24 23.30
CA GLY D 53 68.59 31.34 23.81
C GLY D 53 69.01 31.22 25.24
N THR D 54 68.82 30.05 25.84
CA THR D 54 69.16 29.80 27.23
C THR D 54 70.23 28.71 27.30
N SER D 55 70.74 28.47 28.50
CA SER D 55 71.67 27.37 28.71
C SER D 55 71.02 26.00 28.57
N LEU D 56 69.71 25.94 28.37
CA LEU D 56 69.03 24.67 28.15
C LEU D 56 68.95 24.30 26.67
N GLU D 57 69.36 25.19 25.78
CA GLU D 57 69.34 24.89 24.36
C GLU D 57 70.20 23.67 24.04
N ASN D 58 69.67 22.80 23.18
CA ASN D 58 70.28 21.55 22.74
C ASN D 58 70.40 20.51 23.84
N LYS D 59 69.88 20.77 25.04
CA LYS D 59 69.81 19.73 26.08
C LYS D 59 68.63 18.78 25.81
N SER D 60 68.79 17.54 26.23
CA SER D 60 67.75 16.54 26.04
C SER D 60 66.51 16.90 26.87
N LEU D 61 65.39 16.28 26.50
CA LEU D 61 64.13 16.62 27.14
C LEU D 61 64.16 16.23 28.62
N GLU D 62 64.74 15.07 28.96
CA GLU D 62 64.80 14.70 30.38
C GLU D 62 65.67 15.66 31.18
N ASP D 63 66.74 16.17 30.58
CA ASP D 63 67.55 17.19 31.25
C ASP D 63 66.78 18.48 31.46
N VAL D 64 66.00 18.91 30.48
CA VAL D 64 65.21 20.13 30.65
C VAL D 64 64.19 19.96 31.76
N ILE D 65 63.57 18.79 31.82
CA ILE D 65 62.53 18.52 32.83
C ILE D 65 63.13 18.54 34.24
N LEU D 66 64.26 17.87 34.44
CA LEU D 66 64.87 17.80 35.77
C LEU D 66 65.42 19.15 36.20
N VAL D 67 65.91 19.97 35.26
CA VAL D 67 66.29 21.33 35.61
C VAL D 67 65.06 22.13 36.01
N ALA D 68 63.98 22.00 35.24
CA ALA D 68 62.76 22.72 35.60
C ALA D 68 62.28 22.31 36.99
N LYS D 69 62.34 21.02 37.29
CA LYS D 69 61.84 20.56 38.58
C LYS D 69 62.72 21.04 39.72
N THR D 70 64.04 20.91 39.58
CA THR D 70 64.91 21.23 40.71
C THR D 70 64.98 22.74 40.95
N THR D 71 64.77 23.54 39.92
CA THR D 71 64.82 24.99 40.03
C THR D 71 63.45 25.62 40.22
N ASN D 72 62.40 24.81 40.36
CA ASN D 72 61.06 25.32 40.59
C ASN D 72 60.64 26.30 39.48
N ASN D 73 60.84 25.88 38.25
CA ASN D 73 60.47 26.69 37.09
C ASN D 73 59.14 26.15 36.58
N ALA D 74 58.04 26.81 36.94
CA ALA D 74 56.70 26.25 36.71
C ALA D 74 56.35 26.20 35.22
N ALA D 75 56.51 27.31 34.52
CA ALA D 75 56.15 27.34 33.09
C ALA D 75 56.96 26.31 32.29
N LEU D 76 58.25 26.19 32.56
CA LEU D 76 59.07 25.24 31.82
C LEU D 76 58.71 23.79 32.17
N PHE D 77 58.48 23.50 33.45
CA PHE D 77 58.16 22.13 33.85
C PHE D 77 56.83 21.69 33.24
N ASN D 78 55.83 22.55 33.32
CA ASN D 78 54.51 22.15 32.85
C ASN D 78 54.55 21.81 31.36
N ASN D 79 55.24 22.62 30.55
CA ASN D 79 55.25 22.41 29.12
C ASN D 79 56.19 21.29 28.72
N ALA D 80 57.40 21.29 29.29
CA ALA D 80 58.38 20.28 28.91
C ALA D 80 57.94 18.89 29.36
N THR D 81 57.35 18.78 30.56
CA THR D 81 56.92 17.47 31.02
C THR D 81 55.64 17.01 30.32
N GLN D 82 54.72 17.92 30.01
CA GLN D 82 53.55 17.53 29.23
C GLN D 82 53.97 17.04 27.84
N LEU D 83 55.01 17.67 27.28
CA LEU D 83 55.53 17.20 26.01
C LEU D 83 56.02 15.77 26.14
N TRP D 84 56.74 15.47 27.22
CA TRP D 84 57.18 14.10 27.43
C TRP D 84 56.01 13.17 27.73
N ASN D 85 55.08 13.58 28.59
CA ASN D 85 53.99 12.69 29.00
C ASN D 85 53.18 12.21 27.80
N HIS D 86 52.85 13.11 26.88
CA HIS D 86 52.04 12.73 25.73
C HIS D 86 52.80 11.83 24.76
N SER D 87 54.09 12.12 24.52
CA SER D 87 54.86 11.24 23.66
C SER D 87 54.90 9.85 24.25
N PHE D 88 55.07 9.76 25.57
CA PHE D 88 54.99 8.46 26.21
C PHE D 88 53.60 7.86 26.04
N PHE D 89 52.57 8.69 26.14
CA PHE D 89 51.18 8.22 26.03
C PHE D 89 50.88 7.58 24.68
N TRP D 90 51.34 8.20 23.59
CA TRP D 90 51.01 7.66 22.28
C TRP D 90 51.55 6.26 22.08
N ASP D 91 52.79 6.02 22.52
CA ASP D 91 53.36 4.68 22.44
C ASP D 91 52.66 3.69 23.34
N CYS D 92 51.93 4.17 24.36
CA CYS D 92 51.20 3.26 25.22
C CYS D 92 49.97 2.68 24.55
N MET D 93 49.62 3.17 23.38
CA MET D 93 48.37 2.74 22.76
C MET D 93 48.62 2.25 21.34
N ALA D 94 47.69 1.44 20.86
CA ALA D 94 47.70 0.91 19.50
C ALA D 94 46.27 0.49 19.17
N PRO D 95 45.90 0.44 17.89
CA PRO D 95 44.57 -0.05 17.54
C PRO D 95 44.34 -1.46 18.08
N THR D 96 43.05 -1.76 18.31
CA THR D 96 42.65 -2.96 19.02
C THR D 96 43.20 -4.23 18.38
N ASN D 97 43.29 -4.26 17.05
CA ASN D 97 43.81 -5.44 16.40
C ASN D 97 45.33 -5.49 16.37
N GLN D 98 46.02 -4.51 16.98
CA GLN D 98 47.48 -4.45 16.92
C GLN D 98 48.12 -4.22 18.28
N THR D 99 47.42 -4.56 19.37
CA THR D 99 47.93 -4.26 20.71
C THR D 99 48.95 -5.26 21.20
N GLY D 100 49.00 -6.45 20.62
CA GLY D 100 49.83 -7.46 21.23
C GLY D 100 49.19 -7.98 22.50
N GLN D 101 50.01 -8.54 23.39
CA GLN D 101 49.51 -9.22 24.57
C GLN D 101 50.59 -9.22 25.65
N ILE D 102 50.17 -9.50 26.89
CA ILE D 102 51.06 -9.43 28.04
C ILE D 102 52.01 -10.62 28.01
N SER D 103 53.31 -10.34 28.00
CA SER D 103 54.30 -11.40 27.97
C SER D 103 54.32 -12.11 29.32
N PRO D 104 54.84 -13.34 29.38
CA PRO D 104 54.93 -14.03 30.67
C PRO D 104 55.75 -13.29 31.72
N GLU D 105 56.78 -12.54 31.31
CA GLU D 105 57.58 -11.80 32.27
C GLU D 105 56.91 -10.52 32.74
N LEU D 106 55.87 -10.06 32.04
CA LEU D 106 55.08 -8.93 32.56
C LEU D 106 53.95 -9.43 33.46
N GLU D 107 53.35 -10.57 33.12
CA GLU D 107 52.29 -11.16 33.94
C GLU D 107 52.81 -11.54 35.33
N LYS D 108 54.06 -12.00 35.40
CA LYS D 108 54.66 -12.43 36.65
C LYS D 108 54.71 -11.31 37.68
N LEU D 109 55.27 -10.16 37.30
CA LEU D 109 55.37 -9.06 38.23
C LEU D 109 54.01 -8.43 38.50
N ILE D 110 53.10 -8.50 37.53
CA ILE D 110 51.74 -8.02 37.74
C ILE D 110 51.03 -8.91 38.75
N LYS D 111 51.24 -10.23 38.66
CA LYS D 111 50.68 -11.13 39.67
C LYS D 111 51.38 -10.96 41.01
N GLU D 112 52.69 -10.70 41.00
CA GLU D 112 53.40 -10.47 42.26
C GLU D 112 52.92 -9.19 42.94
N SER D 113 52.74 -8.11 42.19
CA SER D 113 52.42 -6.85 42.84
C SER D 113 50.92 -6.65 43.06
N PHE D 114 50.07 -7.29 42.27
CA PHE D 114 48.64 -7.02 42.33
C PHE D 114 47.76 -8.26 42.36
N GLY D 115 48.33 -9.46 42.41
CA GLY D 115 47.54 -10.67 42.50
C GLY D 115 47.22 -11.27 41.15
N SER D 116 46.55 -10.50 40.29
CA SER D 116 46.22 -10.99 38.97
C SER D 116 46.14 -9.81 38.02
N VAL D 117 46.16 -10.12 36.72
CA VAL D 117 46.00 -9.08 35.70
C VAL D 117 44.66 -8.40 35.83
N ALA D 118 43.60 -9.19 36.06
CA ALA D 118 42.29 -8.59 36.26
C ALA D 118 42.28 -7.66 37.47
N ASP D 119 42.93 -8.07 38.56
CA ASP D 119 42.96 -7.22 39.75
C ASP D 119 43.80 -5.98 39.53
N PHE D 120 44.91 -6.10 38.78
CA PHE D 120 45.69 -4.92 38.43
C PHE D 120 44.85 -3.90 37.69
N LYS D 121 44.14 -4.35 36.65
CA LYS D 121 43.35 -3.43 35.83
C LYS D 121 42.32 -2.70 36.67
N LYS D 122 41.65 -3.44 37.56
CA LYS D 122 40.69 -2.82 38.46
C LYS D 122 41.34 -1.71 39.27
N LYS D 123 42.41 -2.03 40.00
CA LYS D 123 43.10 -1.03 40.82
C LYS D 123 43.56 0.14 39.99
N PHE D 124 44.09 -0.13 38.79
CA PHE D 124 44.56 0.95 37.92
C PHE D 124 43.39 1.83 37.50
N THR D 125 42.27 1.21 37.12
CA THR D 125 41.11 1.96 36.68
C THR D 125 40.55 2.79 37.84
N ASP D 126 40.41 2.17 39.01
CA ASP D 126 39.90 2.90 40.17
C ASP D 126 40.82 4.06 40.54
N SER D 127 42.13 3.83 40.48
CA SER D 127 43.08 4.91 40.77
C SER D 127 42.90 6.06 39.79
N ALA D 128 42.74 5.76 38.51
CA ALA D 128 42.55 6.82 37.54
C ALA D 128 41.20 7.50 37.71
N ILE D 129 40.16 6.74 38.05
CA ILE D 129 38.86 7.34 38.31
C ILE D 129 38.94 8.34 39.45
N ALA D 130 39.68 7.97 40.50
CA ALA D 130 39.82 8.82 41.68
C ALA D 130 40.82 9.97 41.51
N ASN D 131 41.55 10.05 40.41
CA ASN D 131 42.57 11.10 40.26
C ASN D 131 41.84 12.41 39.99
N PHE D 132 41.64 13.20 41.03
CA PHE D 132 40.75 14.35 40.96
C PHE D 132 41.39 15.48 40.17
N GLY D 133 40.63 16.06 39.25
CA GLY D 133 41.13 17.12 38.38
C GLY D 133 41.89 16.55 37.20
N SER D 134 42.81 17.36 36.65
CA SER D 134 43.64 16.95 35.52
C SER D 134 44.85 16.18 36.01
N GLY D 135 45.27 15.17 35.27
CA GLY D 135 46.43 14.42 35.68
C GLY D 135 46.59 13.13 34.88
N TRP D 136 47.40 12.23 35.45
CA TRP D 136 47.86 11.00 34.81
C TRP D 136 47.93 9.90 35.84
N THR D 137 47.68 8.66 35.39
CA THR D 137 47.83 7.51 36.26
C THR D 137 48.83 6.54 35.65
N TRP D 138 49.78 6.12 36.47
CA TRP D 138 50.95 5.44 35.95
C TRP D 138 51.08 4.05 36.57
N LEU D 139 51.65 3.16 35.78
CA LEU D 139 52.22 1.92 36.27
C LEU D 139 53.73 2.06 36.16
N VAL D 140 54.44 1.97 37.29
CA VAL D 140 55.88 2.19 37.33
C VAL D 140 56.58 0.96 37.90
N ASN D 141 57.84 0.78 37.49
CA ASN D 141 58.67 -0.33 37.94
C ASN D 141 59.75 0.20 38.88
N ILE D 142 59.74 -0.28 40.11
CA ILE D 142 60.76 0.09 41.08
C ILE D 142 61.65 -1.12 41.33
N ASN D 143 62.69 -1.29 40.53
CA ASN D 143 63.68 -2.34 40.73
C ASN D 143 63.04 -3.73 40.85
N GLY D 144 62.01 -3.98 40.05
CA GLY D 144 61.35 -5.26 40.04
C GLY D 144 60.02 -5.29 40.76
N LYS D 145 59.65 -4.23 41.47
CA LYS D 145 58.36 -4.16 42.15
C LYS D 145 57.48 -3.14 41.45
N LEU D 146 56.26 -3.56 41.06
CA LEU D 146 55.41 -2.66 40.30
C LEU D 146 54.46 -1.94 41.24
N GLU D 147 54.10 -0.73 40.84
CA GLU D 147 53.33 0.19 41.67
C GLU D 147 52.43 1.01 40.77
N ILE D 148 51.30 1.44 41.32
CA ILE D 148 50.39 2.35 40.64
C ILE D 148 50.54 3.73 41.27
N GLN D 149 50.75 4.74 40.42
CA GLN D 149 50.97 6.13 40.83
C GLN D 149 50.00 7.05 40.09
N ASN D 150 49.36 7.95 40.84
CA ASN D 150 48.61 9.09 40.32
C ASN D 150 49.46 10.36 40.41
N THR D 151 49.43 11.17 39.36
CA THR D 151 49.99 12.51 39.43
C THR D 151 48.97 13.54 38.96
N SER D 152 49.23 14.78 39.34
CA SER D 152 48.38 15.93 39.05
C SER D 152 48.99 16.79 37.95
N ASN D 153 48.12 17.27 37.04
CA ASN D 153 48.49 18.19 35.97
C ASN D 153 49.68 17.67 35.15
N ALA D 154 50.86 18.31 35.22
CA ALA D 154 51.98 17.84 34.41
C ALA D 154 52.93 16.90 35.14
N GLU D 155 52.76 16.69 36.45
CA GLU D 155 53.69 15.88 37.21
C GLU D 155 53.78 14.46 36.65
N SER D 156 54.95 13.82 36.85
CA SER D 156 55.25 12.62 36.08
C SER D 156 56.39 11.83 36.71
N PRO D 157 56.36 10.49 36.65
CA PRO D 157 57.51 9.71 37.12
C PRO D 157 58.74 9.82 36.22
N VAL D 158 58.68 10.55 35.11
CA VAL D 158 59.90 10.76 34.32
C VAL D 158 60.96 11.43 35.18
N THR D 159 60.55 12.17 36.22
CA THR D 159 61.48 12.78 37.16
C THR D 159 62.09 11.78 38.12
N LEU D 160 61.44 10.63 38.32
CA LEU D 160 61.76 9.76 39.44
C LEU D 160 62.70 8.65 39.02
N ARG D 161 63.43 8.12 40.00
CA ARG D 161 64.27 6.95 39.77
C ARG D 161 63.40 5.71 39.65
N VAL D 162 62.61 5.65 38.57
CA VAL D 162 61.75 4.50 38.32
C VAL D 162 61.65 4.34 36.81
N THR D 163 61.19 3.16 36.38
CA THR D 163 60.86 2.98 34.97
C THR D 163 59.35 3.08 34.80
N PRO D 164 58.83 4.10 34.11
CA PRO D 164 57.40 4.10 33.79
C PRO D 164 57.10 3.05 32.74
N LEU D 165 56.04 2.28 32.97
CA LEU D 165 55.63 1.22 32.06
C LEU D 165 54.42 1.57 31.22
N LEU D 166 53.51 2.37 31.77
CA LEU D 166 52.20 2.58 31.16
C LEU D 166 51.62 3.82 31.79
N THR D 167 50.90 4.60 31.01
CA THR D 167 50.20 5.74 31.55
C THR D 167 48.86 5.85 30.87
N VAL D 168 47.88 6.41 31.59
CA VAL D 168 46.65 6.88 30.99
C VAL D 168 46.50 8.35 31.32
N ASP D 169 46.11 9.12 30.32
CA ASP D 169 45.84 10.55 30.49
C ASP D 169 44.38 10.76 30.91
N VAL D 170 44.16 11.39 32.07
CA VAL D 170 42.81 11.71 32.53
C VAL D 170 42.56 13.22 32.63
N TRP D 171 43.42 14.04 32.02
CA TRP D 171 42.96 15.38 31.64
C TRP D 171 41.69 15.25 30.82
N GLU D 172 40.73 16.16 31.05
CA GLU D 172 39.42 16.01 30.43
C GLU D 172 39.48 16.12 28.91
N HIS D 173 40.45 16.85 28.36
CA HIS D 173 40.55 16.88 26.91
C HIS D 173 40.90 15.50 26.34
N ALA D 174 41.44 14.59 27.15
CA ALA D 174 41.77 13.27 26.59
C ALA D 174 40.54 12.48 26.20
N TYR D 175 39.38 12.81 26.76
CA TYR D 175 38.21 11.98 26.55
C TYR D 175 36.90 12.71 26.39
N TYR D 176 36.84 14.03 26.56
CA TYR D 176 35.54 14.67 26.72
C TYR D 176 34.71 14.63 25.44
N LEU D 177 35.36 14.72 24.27
CA LEU D 177 34.59 14.72 23.03
C LEU D 177 33.92 13.36 22.80
N ASP D 178 34.53 12.27 23.25
CA ASP D 178 33.93 10.95 23.05
C ASP D 178 33.11 10.49 24.24
N HIS D 179 33.47 10.86 25.48
CA HIS D 179 32.86 10.28 26.64
C HIS D 179 32.30 11.31 27.62
N GLN D 180 32.48 12.60 27.36
CA GLN D 180 32.08 13.72 28.22
C GLN D 180 32.46 13.38 29.65
N ASN D 181 31.55 13.45 30.62
CA ASN D 181 31.87 13.21 32.01
C ASN D 181 32.01 11.74 32.35
N ARG D 182 31.86 10.82 31.39
CA ARG D 182 31.92 9.39 31.72
C ARG D 182 33.37 8.90 31.65
N ARG D 183 34.18 9.44 32.56
CA ARG D 183 35.57 8.97 32.65
C ARG D 183 35.66 7.47 32.89
N PRO D 184 34.85 6.83 33.75
CA PRO D 184 34.95 5.36 33.88
C PRO D 184 34.74 4.63 32.57
N GLU D 185 33.82 5.09 31.74
CA GLU D 185 33.61 4.43 30.46
C GLU D 185 34.81 4.62 29.55
N TYR D 186 35.46 5.77 29.64
CA TYR D 186 36.69 6.01 28.89
C TYR D 186 37.78 5.04 29.30
N LEU D 187 37.92 4.82 30.60
CA LEU D 187 38.99 3.92 31.05
C LEU D 187 38.70 2.48 30.65
N ASN D 188 37.44 2.04 30.74
CA ASN D 188 37.15 0.65 30.40
C ASN D 188 37.47 0.35 28.94
N LYS D 189 37.16 1.28 28.04
CA LYS D 189 37.45 1.07 26.63
C LYS D 189 38.93 1.26 26.30
N TRP D 190 39.63 2.09 27.07
CA TRP D 190 41.05 2.35 26.82
C TRP D 190 41.89 1.07 26.95
N TRP D 191 41.44 0.12 27.77
CA TRP D 191 42.18 -1.14 27.91
C TRP D 191 42.28 -1.87 26.59
N GLU D 192 41.29 -1.68 25.70
CA GLU D 192 41.34 -2.36 24.42
C GLU D 192 42.37 -1.78 23.47
N VAL D 193 42.96 -0.63 23.79
CA VAL D 193 43.99 -0.03 22.93
C VAL D 193 45.34 0.03 23.62
N VAL D 194 45.46 -0.53 24.82
CA VAL D 194 46.74 -0.51 25.50
C VAL D 194 47.72 -1.35 24.68
N ASN D 195 48.85 -0.75 24.33
CA ASN D 195 49.89 -1.44 23.55
C ASN D 195 50.78 -2.22 24.50
N TRP D 196 50.38 -3.46 24.79
CA TRP D 196 51.11 -4.32 25.69
C TRP D 196 52.50 -4.68 25.17
N LYS D 197 52.71 -4.59 23.87
CA LYS D 197 54.06 -4.81 23.34
C LYS D 197 55.00 -3.70 23.79
N PHE D 198 54.50 -2.46 23.86
CA PHE D 198 55.28 -1.36 24.40
C PHE D 198 55.54 -1.51 25.89
N VAL D 199 54.54 -1.94 26.67
CA VAL D 199 54.76 -2.08 28.11
C VAL D 199 55.85 -3.10 28.40
N ASP D 200 55.83 -4.23 27.70
CA ASP D 200 56.85 -5.24 27.92
C ASP D 200 58.22 -4.72 27.51
N GLN D 201 58.27 -3.98 26.40
CA GLN D 201 59.48 -3.30 25.95
C GLN D 201 60.05 -2.40 27.05
N GLN D 202 59.18 -1.67 27.76
CA GLN D 202 59.61 -0.82 28.87
C GLN D 202 60.17 -1.63 30.03
N LEU D 203 59.70 -2.85 30.19
CA LEU D 203 60.19 -3.67 31.28
C LEU D 203 61.63 -4.11 31.07
N LYS D 204 62.04 -4.35 29.83
CA LYS D 204 63.39 -4.83 29.53
C LYS D 204 64.28 -3.69 29.04
N GLN D 205 64.34 -2.58 29.77
CA GLN D 205 65.25 -1.49 29.41
C GLN D 205 66.26 -1.27 30.52
N MET E 9 -26.19 20.68 -9.08
CA MET E 9 -25.46 20.38 -10.30
C MET E 9 -24.58 19.13 -10.16
N LEU E 10 -24.95 18.08 -10.87
CA LEU E 10 -24.12 16.90 -10.98
C LEU E 10 -23.11 17.09 -12.11
N PHE E 11 -21.95 16.43 -11.97
CA PHE E 11 -21.01 16.28 -13.08
C PHE E 11 -21.72 15.64 -14.27
N THR E 12 -21.28 16.02 -15.48
CA THR E 12 -21.88 15.51 -16.71
C THR E 12 -20.79 15.21 -17.74
N LEU E 13 -21.14 14.39 -18.72
CA LEU E 13 -20.28 14.09 -19.86
C LEU E 13 -21.02 14.34 -21.16
N ASN E 14 -20.30 14.83 -22.15
CA ASN E 14 -20.80 14.88 -23.51
C ASN E 14 -20.07 13.84 -24.35
N ASP E 15 -20.78 13.29 -25.32
CA ASP E 15 -20.19 12.31 -26.21
C ASP E 15 -18.94 12.89 -26.89
N PRO E 16 -17.86 12.13 -26.97
CA PRO E 16 -16.77 12.54 -27.85
C PRO E 16 -17.28 12.69 -29.27
N ALA E 17 -16.71 13.65 -30.00
CA ALA E 17 -17.15 13.97 -31.35
C ALA E 17 -17.10 12.76 -32.28
N TYR E 18 -16.13 11.87 -32.09
CA TYR E 18 -15.92 10.73 -32.96
C TYR E 18 -16.52 9.44 -32.40
N LEU E 19 -17.48 9.57 -31.48
CA LEU E 19 -18.00 8.40 -30.75
C LEU E 19 -18.56 7.34 -31.68
N LYS E 20 -19.36 7.75 -32.69
CA LYS E 20 -19.94 6.78 -33.61
C LYS E 20 -19.00 6.42 -34.74
N THR E 21 -18.07 7.33 -35.07
CA THR E 21 -17.12 7.14 -36.16
C THR E 21 -15.98 6.20 -35.78
N GLY E 22 -15.59 6.16 -34.51
CA GLY E 22 -14.46 5.36 -34.09
C GLY E 22 -13.14 6.08 -34.26
N LEU E 23 -12.07 5.36 -33.91
CA LEU E 23 -10.71 5.83 -34.09
C LEU E 23 -9.87 4.72 -34.68
N GLU E 24 -10.36 4.16 -35.79
CA GLU E 24 -9.63 3.12 -36.51
C GLU E 24 -8.33 3.72 -37.04
N PRO E 25 -7.27 2.91 -37.14
CA PRO E 25 -7.25 1.49 -36.78
C PRO E 25 -6.92 1.24 -35.29
N ALA E 26 -6.92 2.28 -34.47
CA ALA E 26 -6.54 2.06 -33.08
C ALA E 26 -7.71 1.54 -32.26
N ILE E 27 -8.83 2.23 -32.29
CA ILE E 27 -9.94 1.89 -31.42
C ILE E 27 -11.21 1.97 -32.27
N SER E 28 -11.99 0.87 -32.30
CA SER E 28 -13.20 0.78 -33.09
C SER E 28 -14.31 1.53 -32.39
N ALA E 29 -15.35 1.88 -33.16
CA ALA E 29 -16.52 2.48 -32.54
C ALA E 29 -17.19 1.53 -31.56
N LYS E 30 -17.11 0.23 -31.82
CA LYS E 30 -17.61 -0.75 -30.87
C LYS E 30 -16.92 -0.58 -29.52
N THR E 31 -15.58 -0.54 -29.52
CA THR E 31 -14.83 -0.44 -28.27
C THR E 31 -15.17 0.87 -27.56
N LEU E 32 -15.30 1.95 -28.35
CA LEU E 32 -15.64 3.26 -27.83
C LEU E 32 -17.04 3.28 -27.21
N ASP E 33 -17.94 2.43 -27.69
CA ASP E 33 -19.25 2.33 -27.06
C ASP E 33 -19.12 1.75 -25.65
N PHE E 34 -18.38 0.66 -25.51
CA PHE E 34 -18.19 0.10 -24.18
C PHE E 34 -17.34 1.03 -23.32
N HIS E 35 -16.31 1.63 -23.90
CA HIS E 35 -15.39 2.46 -23.15
C HIS E 35 -16.05 3.74 -22.65
N PHE E 36 -16.83 4.39 -23.51
CA PHE E 36 -17.46 5.63 -23.07
C PHE E 36 -18.81 5.34 -22.39
N ASN E 37 -19.72 4.63 -23.07
CA ASN E 37 -21.04 4.39 -22.50
C ASN E 37 -20.98 3.42 -21.33
N GLY E 38 -20.00 2.52 -21.30
CA GLY E 38 -19.85 1.68 -20.13
C GLY E 38 -18.96 2.29 -19.06
N HIS E 39 -17.63 2.20 -19.26
CA HIS E 39 -16.68 2.53 -18.18
C HIS E 39 -16.79 3.99 -17.77
N HIS E 40 -16.71 4.91 -18.73
CA HIS E 40 -16.65 6.32 -18.38
C HIS E 40 -17.93 6.81 -17.71
N LYS E 41 -19.09 6.38 -18.22
CA LYS E 41 -20.33 6.77 -17.55
C LYS E 41 -20.49 6.07 -16.20
N THR E 42 -19.97 4.85 -16.07
CA THR E 42 -20.01 4.18 -14.75
C THR E 42 -19.24 4.98 -13.72
N TYR E 43 -18.02 5.41 -14.07
CA TYR E 43 -17.23 6.27 -13.20
C TYR E 43 -17.96 7.57 -12.91
N LEU E 44 -18.68 8.09 -13.91
CA LEU E 44 -19.40 9.35 -13.71
C LEU E 44 -20.53 9.16 -12.71
N ASN E 45 -21.24 8.03 -12.79
CA ASN E 45 -22.36 7.77 -11.90
C ASN E 45 -21.88 7.57 -10.46
N LYS E 46 -20.90 6.69 -10.28
CA LYS E 46 -20.33 6.48 -8.94
C LYS E 46 -19.83 7.81 -8.34
N THR E 47 -19.12 8.62 -9.12
CA THR E 47 -18.60 9.89 -8.59
C THR E 47 -19.73 10.77 -8.08
N ASN E 48 -20.76 10.96 -8.92
CA ASN E 48 -21.91 11.78 -8.52
C ASN E 48 -22.58 11.22 -7.27
N ASP E 49 -22.68 9.90 -7.18
CA ASP E 49 -23.29 9.27 -6.00
C ASP E 49 -22.44 9.51 -4.76
N LEU E 50 -21.12 9.48 -4.90
CA LEU E 50 -20.24 9.62 -3.74
C LEU E 50 -20.21 11.05 -3.25
N VAL E 51 -20.42 12.00 -4.14
CA VAL E 51 -20.37 13.41 -3.79
C VAL E 51 -21.72 13.95 -3.33
N LYS E 52 -22.82 13.38 -3.82
CA LYS E 52 -24.16 13.85 -3.49
C LYS E 52 -24.42 13.72 -1.98
N GLY E 53 -24.79 14.83 -1.36
CA GLY E 53 -25.08 14.87 0.05
C GLY E 53 -23.88 15.12 0.94
N THR E 54 -22.75 15.47 0.35
CA THR E 54 -21.50 15.73 1.05
C THR E 54 -21.11 17.19 0.85
N SER E 55 -20.04 17.60 1.53
CA SER E 55 -19.48 18.92 1.31
C SER E 55 -18.82 19.06 -0.06
N LEU E 56 -18.68 17.97 -0.81
CA LEU E 56 -18.05 18.04 -2.12
C LEU E 56 -19.01 18.41 -3.24
N GLU E 57 -20.30 18.44 -2.96
CA GLU E 57 -21.26 18.89 -3.94
C GLU E 57 -20.97 20.34 -4.28
N ASN E 58 -21.05 20.67 -5.58
CA ASN E 58 -20.70 22.00 -6.08
C ASN E 58 -19.23 22.32 -5.87
N LYS E 59 -18.37 21.34 -6.08
CA LYS E 59 -16.94 21.56 -6.21
C LYS E 59 -16.46 20.93 -7.51
N SER E 60 -15.40 21.52 -8.07
CA SER E 60 -14.89 21.03 -9.34
C SER E 60 -14.35 19.61 -9.18
N LEU E 61 -14.20 18.93 -10.31
CA LEU E 61 -13.72 17.57 -10.28
C LEU E 61 -12.29 17.52 -9.74
N GLU E 62 -11.46 18.52 -10.09
CA GLU E 62 -10.08 18.53 -9.63
C GLU E 62 -10.00 18.67 -8.12
N ASP E 63 -10.82 19.55 -7.55
CA ASP E 63 -10.90 19.66 -6.09
C ASP E 63 -11.36 18.35 -5.48
N VAL E 64 -12.34 17.71 -6.11
CA VAL E 64 -12.84 16.44 -5.60
C VAL E 64 -11.72 15.40 -5.61
N ILE E 65 -10.93 15.38 -6.67
CA ILE E 65 -9.80 14.44 -6.79
C ILE E 65 -8.74 14.72 -5.72
N LEU E 66 -8.38 15.97 -5.52
CA LEU E 66 -7.37 16.24 -4.53
C LEU E 66 -7.90 15.99 -3.12
N VAL E 67 -9.18 16.26 -2.84
CA VAL E 67 -9.74 15.92 -1.53
C VAL E 67 -9.67 14.42 -1.32
N ALA E 68 -10.02 13.64 -2.34
CA ALA E 68 -9.98 12.19 -2.22
C ALA E 68 -8.57 11.69 -1.96
N LYS E 69 -7.58 12.25 -2.65
CA LYS E 69 -6.20 11.82 -2.50
C LYS E 69 -5.64 12.18 -1.13
N THR E 70 -5.89 13.41 -0.67
CA THR E 70 -5.29 13.86 0.58
C THR E 70 -5.94 13.21 1.78
N THR E 71 -7.23 12.82 1.67
CA THR E 71 -7.93 12.14 2.75
C THR E 71 -7.90 10.62 2.60
N ASN E 72 -7.19 10.09 1.61
CA ASN E 72 -7.06 8.65 1.40
C ASN E 72 -8.43 7.95 1.25
N ASN E 73 -9.27 8.51 0.40
CA ASN E 73 -10.60 7.96 0.13
C ASN E 73 -10.55 7.19 -1.18
N ALA E 74 -10.37 5.87 -1.09
CA ALA E 74 -10.08 5.05 -2.26
C ALA E 74 -11.24 5.06 -3.24
N ALA E 75 -12.46 4.80 -2.74
CA ALA E 75 -13.62 4.72 -3.62
C ALA E 75 -13.83 6.02 -4.36
N LEU E 76 -13.74 7.14 -3.64
CA LEU E 76 -13.91 8.43 -4.30
C LEU E 76 -12.75 8.73 -5.24
N PHE E 77 -11.51 8.45 -4.81
CA PHE E 77 -10.35 8.70 -5.67
C PHE E 77 -10.42 7.87 -6.94
N ASN E 78 -10.78 6.59 -6.83
CA ASN E 78 -10.75 5.73 -8.00
C ASN E 78 -11.76 6.17 -9.06
N ASN E 79 -12.98 6.53 -8.64
CA ASN E 79 -14.01 6.89 -9.62
C ASN E 79 -13.84 8.30 -10.16
N ALA E 80 -13.60 9.27 -9.27
CA ALA E 80 -13.46 10.66 -9.70
C ALA E 80 -12.21 10.85 -10.57
N THR E 81 -11.11 10.19 -10.23
CA THR E 81 -9.91 10.34 -11.05
C THR E 81 -10.04 9.59 -12.36
N GLN E 82 -10.67 8.42 -12.35
CA GLN E 82 -10.96 7.75 -13.61
C GLN E 82 -11.90 8.60 -14.45
N LEU E 83 -12.82 9.33 -13.82
CA LEU E 83 -13.69 10.22 -14.58
C LEU E 83 -12.87 11.31 -15.27
N TRP E 84 -11.88 11.88 -14.57
CA TRP E 84 -11.04 12.89 -15.20
C TRP E 84 -10.15 12.27 -16.27
N ASN E 85 -9.54 11.10 -15.98
CA ASN E 85 -8.56 10.53 -16.90
C ASN E 85 -9.14 10.28 -18.28
N HIS E 86 -10.39 9.82 -18.36
CA HIS E 86 -10.97 9.49 -19.65
C HIS E 86 -11.33 10.75 -20.45
N SER E 87 -11.84 11.77 -19.77
CA SER E 87 -12.09 13.05 -20.43
C SER E 87 -10.80 13.60 -21.03
N PHE E 88 -9.69 13.49 -20.31
CA PHE E 88 -8.39 13.86 -20.86
C PHE E 88 -8.01 12.93 -22.00
N PHE E 89 -8.26 11.63 -21.82
CA PHE E 89 -7.91 10.66 -22.85
C PHE E 89 -8.65 10.94 -24.15
N TRP E 90 -9.94 11.26 -24.08
CA TRP E 90 -10.70 11.52 -25.30
C TRP E 90 -10.16 12.76 -26.01
N ASP E 91 -9.79 13.78 -25.23
CA ASP E 91 -9.24 14.99 -25.81
C ASP E 91 -7.89 14.74 -26.48
N CYS E 92 -7.17 13.70 -26.07
CA CYS E 92 -5.87 13.36 -26.63
C CYS E 92 -5.94 12.69 -28.00
N MET E 93 -7.13 12.39 -28.51
CA MET E 93 -7.23 11.62 -29.74
C MET E 93 -8.13 12.32 -30.74
N ALA E 94 -7.94 11.93 -32.00
CA ALA E 94 -8.74 12.41 -33.11
C ALA E 94 -8.63 11.41 -34.24
N PRO E 95 -9.60 11.36 -35.15
CA PRO E 95 -9.46 10.49 -36.32
C PRO E 95 -8.21 10.86 -37.10
N THR E 96 -7.67 9.87 -37.83
CA THR E 96 -6.34 10.00 -38.43
C THR E 96 -6.18 11.23 -39.33
N ASN E 97 -7.27 11.77 -39.87
CA ASN E 97 -7.20 12.94 -40.74
C ASN E 97 -7.40 14.24 -39.98
N GLN E 98 -7.52 14.21 -38.65
CA GLN E 98 -7.76 15.43 -37.89
C GLN E 98 -6.78 15.59 -36.75
N THR E 99 -5.63 14.93 -36.85
CA THR E 99 -4.66 14.86 -35.77
C THR E 99 -3.83 16.14 -35.63
N GLY E 100 -3.73 16.95 -36.69
CA GLY E 100 -2.81 18.05 -36.62
C GLY E 100 -1.39 17.53 -36.67
N GLN E 101 -0.48 18.35 -36.14
CA GLN E 101 0.94 18.03 -36.21
C GLN E 101 1.66 18.58 -34.99
N ILE E 102 2.85 18.03 -34.75
CA ILE E 102 3.68 18.47 -33.63
C ILE E 102 4.22 19.87 -33.90
N SER E 103 3.95 20.78 -32.97
CA SER E 103 4.34 22.17 -33.12
C SER E 103 5.84 22.36 -33.02
N PRO E 104 6.38 23.47 -33.55
CA PRO E 104 7.81 23.75 -33.36
C PRO E 104 8.21 23.82 -31.89
N GLU E 105 7.41 24.48 -31.05
CA GLU E 105 7.74 24.55 -29.63
C GLU E 105 7.76 23.16 -29.02
N LEU E 106 6.76 22.33 -29.32
CA LEU E 106 6.70 21.00 -28.71
C LEU E 106 7.80 20.08 -29.24
N GLU E 107 8.14 20.16 -30.52
CA GLU E 107 9.21 19.31 -31.04
C GLU E 107 10.53 19.66 -30.36
N LYS E 108 10.72 20.95 -30.10
CA LYS E 108 11.91 21.45 -29.44
C LYS E 108 12.09 20.82 -28.06
N LEU E 109 11.03 20.82 -27.26
CA LEU E 109 11.12 20.19 -25.95
C LEU E 109 11.17 18.67 -26.05
N ILE E 110 10.58 18.08 -27.08
CA ILE E 110 10.72 16.64 -27.24
C ILE E 110 12.16 16.28 -27.58
N LYS E 111 12.78 17.02 -28.49
CA LYS E 111 14.17 16.72 -28.86
C LYS E 111 15.09 16.89 -27.66
N GLU E 112 14.81 17.91 -26.82
CA GLU E 112 15.65 18.17 -25.64
C GLU E 112 15.62 16.99 -24.65
N SER E 113 14.44 16.44 -24.39
CA SER E 113 14.36 15.41 -23.35
C SER E 113 14.63 14.02 -23.88
N PHE E 114 14.45 13.78 -25.17
CA PHE E 114 14.54 12.43 -25.69
C PHE E 114 15.40 12.30 -26.94
N GLY E 115 16.00 13.39 -27.41
CA GLY E 115 16.86 13.33 -28.57
C GLY E 115 16.12 13.60 -29.87
N SER E 116 15.09 12.81 -30.15
CA SER E 116 14.32 12.95 -31.36
C SER E 116 12.88 12.56 -31.07
N VAL E 117 11.97 12.94 -31.98
CA VAL E 117 10.58 12.54 -31.86
C VAL E 117 10.45 11.03 -31.97
N ALA E 118 11.20 10.43 -32.90
CA ALA E 118 11.18 8.98 -33.05
C ALA E 118 11.60 8.30 -31.77
N ASP E 119 12.64 8.83 -31.11
CA ASP E 119 13.09 8.25 -29.86
C ASP E 119 12.05 8.43 -28.76
N PHE E 120 11.38 9.58 -28.73
CA PHE E 120 10.33 9.80 -27.75
C PHE E 120 9.22 8.77 -27.91
N LYS E 121 8.76 8.57 -29.15
CA LYS E 121 7.70 7.62 -29.40
C LYS E 121 8.13 6.23 -28.95
N LYS E 122 9.37 5.83 -29.28
CA LYS E 122 9.87 4.54 -28.84
C LYS E 122 9.79 4.40 -27.32
N LYS E 123 10.40 5.33 -26.59
CA LYS E 123 10.43 5.18 -25.14
C LYS E 123 9.03 5.24 -24.54
N PHE E 124 8.18 6.11 -25.08
CA PHE E 124 6.80 6.20 -24.62
C PHE E 124 6.08 4.89 -24.83
N THR E 125 6.34 4.26 -25.97
CA THR E 125 5.71 2.99 -26.29
C THR E 125 6.24 1.89 -25.36
N ASP E 126 7.56 1.81 -25.18
CA ASP E 126 8.14 0.82 -24.27
C ASP E 126 7.65 1.02 -22.84
N SER E 127 7.50 2.27 -22.40
CA SER E 127 7.00 2.52 -21.06
C SER E 127 5.58 2.01 -20.91
N ALA E 128 4.72 2.24 -21.92
CA ALA E 128 3.36 1.72 -21.82
C ALA E 128 3.35 0.19 -21.85
N ILE E 129 4.23 -0.41 -22.64
CA ILE E 129 4.31 -1.87 -22.68
C ILE E 129 4.75 -2.42 -21.34
N ALA E 130 5.70 -1.76 -20.68
CA ALA E 130 6.21 -2.25 -19.40
C ALA E 130 5.26 -1.98 -18.25
N ASN E 131 4.16 -1.26 -18.47
CA ASN E 131 3.25 -0.88 -17.40
C ASN E 131 2.35 -2.07 -17.03
N PHE E 132 2.78 -2.84 -16.03
CA PHE E 132 2.17 -4.12 -15.69
C PHE E 132 0.82 -3.94 -15.00
N GLY E 133 -0.20 -4.69 -15.45
CA GLY E 133 -1.55 -4.55 -14.92
C GLY E 133 -2.32 -3.41 -15.59
N SER E 134 -3.28 -2.85 -14.85
CA SER E 134 -4.06 -1.70 -15.29
C SER E 134 -3.34 -0.40 -14.97
N GLY E 135 -3.50 0.59 -15.85
CA GLY E 135 -2.90 1.90 -15.61
C GLY E 135 -2.87 2.74 -16.87
N TRP E 136 -1.99 3.74 -16.85
CA TRP E 136 -1.90 4.78 -17.86
C TRP E 136 -0.44 5.13 -18.08
N THR E 137 -0.11 5.62 -19.28
CA THR E 137 1.23 6.12 -19.53
C THR E 137 1.13 7.57 -19.99
N TRP E 138 1.93 8.44 -19.38
CA TRP E 138 1.76 9.87 -19.54
C TRP E 138 3.03 10.55 -20.03
N LEU E 139 2.83 11.62 -20.79
CA LEU E 139 3.88 12.60 -21.05
C LEU E 139 3.51 13.86 -20.27
N VAL E 140 4.42 14.32 -19.41
CA VAL E 140 4.13 15.47 -18.57
C VAL E 140 5.21 16.51 -18.80
N ASN E 141 4.86 17.76 -18.53
CA ASN E 141 5.80 18.86 -18.61
C ASN E 141 6.14 19.27 -17.18
N ILE E 142 7.43 19.18 -16.83
CA ILE E 142 7.86 19.62 -15.51
C ILE E 142 8.67 20.90 -15.69
N ASN E 143 7.97 22.03 -15.71
CA ASN E 143 8.59 23.35 -15.73
C ASN E 143 9.62 23.46 -16.86
N GLY E 144 9.29 22.88 -18.02
CA GLY E 144 10.11 22.93 -19.21
C GLY E 144 10.87 21.67 -19.55
N LYS E 145 10.86 20.67 -18.67
CA LYS E 145 11.49 19.38 -18.93
C LYS E 145 10.40 18.35 -19.08
N LEU E 146 10.50 17.54 -20.13
CA LEU E 146 9.46 16.55 -20.38
C LEU E 146 9.86 15.24 -19.74
N GLU E 147 8.85 14.49 -19.32
CA GLU E 147 9.06 13.24 -18.63
C GLU E 147 7.97 12.26 -19.06
N ILE E 148 8.32 10.99 -19.05
CA ILE E 148 7.37 9.90 -19.29
C ILE E 148 7.06 9.25 -17.94
N GLN E 149 5.78 9.16 -17.59
CA GLN E 149 5.36 8.62 -16.31
C GLN E 149 4.35 7.50 -16.48
N ASN E 150 4.59 6.38 -15.80
CA ASN E 150 3.61 5.32 -15.65
C ASN E 150 2.85 5.47 -14.35
N THR E 151 1.54 5.33 -14.41
CA THR E 151 0.70 5.24 -13.24
C THR E 151 -0.11 3.97 -13.31
N SER E 152 -0.55 3.53 -12.14
CA SER E 152 -1.33 2.32 -11.92
C SER E 152 -2.79 2.63 -11.64
N ASN E 153 -3.67 1.77 -12.18
CA ASN E 153 -5.10 1.85 -11.95
C ASN E 153 -5.62 3.23 -12.26
N ALA E 154 -6.05 3.97 -11.24
CA ALA E 154 -6.63 5.29 -11.43
C ALA E 154 -5.64 6.43 -11.21
N GLU E 155 -4.40 6.13 -10.79
CA GLU E 155 -3.43 7.17 -10.46
C GLU E 155 -3.14 8.04 -11.67
N SER E 156 -2.78 9.29 -11.41
CA SER E 156 -2.81 10.28 -12.47
C SER E 156 -1.96 11.50 -12.13
N PRO E 157 -1.28 12.09 -13.12
CA PRO E 157 -0.56 13.35 -12.85
C PRO E 157 -1.46 14.55 -12.64
N VAL E 158 -2.79 14.41 -12.80
CA VAL E 158 -3.70 15.50 -12.48
C VAL E 158 -3.58 15.92 -11.02
N THR E 159 -3.14 14.99 -10.15
CA THR E 159 -2.90 15.35 -8.74
C THR E 159 -1.61 16.16 -8.55
N LEU E 160 -0.66 16.08 -9.47
CA LEU E 160 0.69 16.59 -9.24
C LEU E 160 0.86 17.99 -9.80
N ARG E 161 1.84 18.72 -9.26
CA ARG E 161 2.19 20.05 -9.79
C ARG E 161 2.98 19.92 -11.10
N VAL E 162 2.36 19.22 -12.06
CA VAL E 162 2.91 19.05 -13.39
C VAL E 162 1.79 19.28 -14.39
N THR E 163 2.16 19.50 -15.66
CA THR E 163 1.19 19.59 -16.76
C THR E 163 1.17 18.30 -17.57
N PRO E 164 0.07 17.55 -17.55
CA PRO E 164 -0.06 16.40 -18.45
C PRO E 164 -0.24 16.89 -19.87
N LEU E 165 0.52 16.28 -20.79
CA LEU E 165 0.41 16.66 -22.19
C LEU E 165 -0.33 15.62 -23.01
N LEU E 166 -0.23 14.35 -22.61
CA LEU E 166 -0.71 13.23 -23.41
C LEU E 166 -0.85 12.02 -22.48
N THR E 167 -1.84 11.19 -22.76
CA THR E 167 -1.92 9.93 -22.05
C THR E 167 -2.41 8.85 -23.00
N VAL E 168 -1.99 7.63 -22.75
CA VAL E 168 -2.60 6.47 -23.35
C VAL E 168 -3.10 5.54 -22.24
N ASP E 169 -4.30 5.01 -22.43
CA ASP E 169 -4.93 4.10 -21.48
C ASP E 169 -4.49 2.67 -21.77
N VAL E 170 -3.89 2.01 -20.77
CA VAL E 170 -3.47 0.62 -20.96
C VAL E 170 -4.21 -0.34 -20.02
N TRP E 171 -5.29 0.09 -19.38
CA TRP E 171 -6.29 -0.88 -18.92
C TRP E 171 -6.64 -1.78 -20.09
N GLU E 172 -6.84 -3.06 -19.81
CA GLU E 172 -7.09 -3.99 -20.93
C GLU E 172 -8.41 -3.66 -21.65
N HIS E 173 -9.37 -3.04 -20.96
CA HIS E 173 -10.62 -2.73 -21.65
C HIS E 173 -10.44 -1.67 -22.75
N ALA E 174 -9.35 -0.90 -22.71
CA ALA E 174 -9.11 0.09 -23.76
C ALA E 174 -8.76 -0.56 -25.08
N TYR E 175 -8.34 -1.83 -25.08
CA TYR E 175 -7.87 -2.43 -26.31
C TYR E 175 -8.20 -3.90 -26.49
N TYR E 176 -8.83 -4.56 -25.50
CA TYR E 176 -8.89 -6.02 -25.63
C TYR E 176 -9.85 -6.45 -26.75
N LEU E 177 -10.94 -5.72 -26.99
CA LEU E 177 -11.89 -6.16 -28.02
C LEU E 177 -11.29 -6.09 -29.43
N ASP E 178 -10.47 -5.07 -29.71
CA ASP E 178 -9.90 -4.97 -31.05
C ASP E 178 -8.60 -5.73 -31.14
N HIS E 179 -7.83 -5.80 -30.05
CA HIS E 179 -6.48 -6.32 -30.14
C HIS E 179 -6.17 -7.46 -29.17
N GLN E 180 -7.09 -7.83 -28.30
CA GLN E 180 -6.85 -8.84 -27.23
C GLN E 180 -5.49 -8.54 -26.58
N ASN E 181 -4.59 -9.50 -26.44
CA ASN E 181 -3.36 -9.24 -25.70
C ASN E 181 -2.31 -8.48 -26.52
N ARG E 182 -2.62 -8.03 -27.74
CA ARG E 182 -1.60 -7.36 -28.56
C ARG E 182 -1.52 -5.87 -28.20
N ARG E 183 -1.11 -5.62 -26.95
CA ARG E 183 -0.93 -4.23 -26.50
C ARG E 183 0.12 -3.47 -27.31
N PRO E 184 1.28 -4.04 -27.68
CA PRO E 184 2.19 -3.28 -28.55
C PRO E 184 1.54 -2.82 -29.84
N GLU E 185 0.73 -3.67 -30.46
CA GLU E 185 0.10 -3.31 -31.72
C GLU E 185 -0.93 -2.21 -31.51
N TYR E 186 -1.60 -2.23 -30.35
CA TYR E 186 -2.51 -1.16 -29.98
C TYR E 186 -1.78 0.18 -29.85
N LEU E 187 -0.62 0.16 -29.22
CA LEU E 187 0.07 1.42 -28.96
C LEU E 187 0.58 2.04 -30.26
N ASN E 188 1.19 1.24 -31.12
CA ASN E 188 1.77 1.79 -32.34
C ASN E 188 0.69 2.27 -33.31
N LYS E 189 -0.43 1.57 -33.39
CA LYS E 189 -1.57 2.15 -34.11
C LYS E 189 -2.13 3.37 -33.39
N TRP E 190 -2.04 3.40 -32.06
CA TRP E 190 -2.57 4.55 -31.30
C TRP E 190 -1.87 5.84 -31.68
N TRP E 191 -0.62 5.76 -32.13
CA TRP E 191 0.08 6.98 -32.53
C TRP E 191 -0.64 7.69 -33.66
N GLU E 192 -1.36 6.96 -34.52
CA GLU E 192 -2.04 7.59 -35.64
C GLU E 192 -3.28 8.38 -35.24
N VAL E 193 -3.75 8.27 -33.99
CA VAL E 193 -4.93 9.03 -33.58
C VAL E 193 -4.59 10.06 -32.52
N VAL E 194 -3.31 10.28 -32.24
CA VAL E 194 -2.91 11.29 -31.27
C VAL E 194 -3.30 12.67 -31.79
N ASN E 195 -4.05 13.42 -30.99
CA ASN E 195 -4.48 14.77 -31.31
C ASN E 195 -3.36 15.73 -30.90
N TRP E 196 -2.43 15.97 -31.82
CA TRP E 196 -1.26 16.79 -31.52
C TRP E 196 -1.59 18.25 -31.25
N LYS E 197 -2.62 18.79 -31.90
CA LYS E 197 -2.98 20.17 -31.56
C LYS E 197 -3.47 20.27 -30.12
N PHE E 198 -4.15 19.24 -29.61
CA PHE E 198 -4.50 19.20 -28.19
C PHE E 198 -3.26 19.15 -27.32
N VAL E 199 -2.28 18.34 -27.69
CA VAL E 199 -1.03 18.28 -26.94
C VAL E 199 -0.36 19.65 -26.88
N ASP E 200 -0.31 20.33 -28.03
CA ASP E 200 0.32 21.64 -28.09
C ASP E 200 -0.46 22.66 -27.28
N GLN E 201 -1.79 22.54 -27.27
CA GLN E 201 -2.59 23.45 -26.46
C GLN E 201 -2.37 23.21 -24.97
N GLN E 202 -2.05 21.97 -24.57
CA GLN E 202 -1.79 21.72 -23.16
C GLN E 202 -0.49 22.39 -22.74
N LEU E 203 0.46 22.48 -23.65
CA LEU E 203 1.74 23.12 -23.41
C LEU E 203 1.60 24.64 -23.29
N LYS E 204 0.53 25.22 -23.83
CA LYS E 204 0.36 26.66 -23.92
C LYS E 204 -1.06 27.00 -23.46
N GLN E 205 -1.30 26.84 -22.16
CA GLN E 205 -2.59 27.19 -21.57
C GLN E 205 -2.43 28.45 -20.74
N LEU F 10 66.63 -5.69 59.24
CA LEU F 10 66.34 -4.28 59.45
C LEU F 10 67.45 -3.35 58.94
N PHE F 11 67.07 -2.08 58.76
CA PHE F 11 68.01 -0.97 58.58
C PHE F 11 68.75 -0.71 59.89
N THR F 12 69.97 -0.17 59.75
CA THR F 12 70.84 0.14 60.86
C THR F 12 71.48 1.50 60.62
N LEU F 13 72.00 2.10 61.69
CA LEU F 13 72.80 3.31 61.60
C LEU F 13 74.11 3.12 62.36
N ASN F 14 75.19 3.68 61.84
CA ASN F 14 76.43 3.76 62.58
C ASN F 14 76.69 5.19 63.02
N ASP F 15 77.33 5.33 64.18
CA ASP F 15 77.67 6.64 64.70
C ASP F 15 78.49 7.43 63.68
N PRO F 16 78.23 8.72 63.51
CA PRO F 16 79.16 9.55 62.73
C PRO F 16 80.53 9.47 63.38
N ALA F 17 81.58 9.46 62.55
CA ALA F 17 82.93 9.33 63.08
C ALA F 17 83.25 10.46 64.05
N TYR F 18 82.69 11.64 63.80
CA TYR F 18 82.90 12.84 64.59
C TYR F 18 81.76 13.08 65.59
N LEU F 19 81.00 12.03 65.92
CA LEU F 19 79.83 12.18 66.76
C LEU F 19 80.18 12.85 68.09
N LYS F 20 81.16 12.30 68.81
CA LYS F 20 81.45 12.85 70.13
C LYS F 20 82.31 14.11 70.08
N THR F 21 83.10 14.31 69.02
CA THR F 21 83.96 15.49 68.98
C THR F 21 83.22 16.71 68.45
N GLY F 22 82.16 16.53 67.66
CA GLY F 22 81.44 17.66 67.12
C GLY F 22 82.03 18.18 65.82
N LEU F 23 81.46 19.28 65.35
CA LEU F 23 81.92 19.97 64.14
C LEU F 23 81.99 21.47 64.38
N GLU F 24 82.71 21.86 65.43
CA GLU F 24 82.91 23.28 65.74
C GLU F 24 83.68 23.95 64.62
N PRO F 25 83.40 25.24 64.38
CA PRO F 25 82.45 26.08 65.10
C PRO F 25 81.04 26.00 64.54
N ALA F 26 80.80 25.04 63.65
CA ALA F 26 79.50 25.00 62.98
C ALA F 26 78.44 24.30 63.81
N ILE F 27 78.72 23.08 64.25
CA ILE F 27 77.75 22.22 64.90
C ILE F 27 78.41 21.61 66.12
N SER F 28 77.80 21.79 67.29
CA SER F 28 78.44 21.29 68.50
C SER F 28 78.23 19.79 68.63
N ALA F 29 79.08 19.16 69.44
CA ALA F 29 78.86 17.76 69.78
C ALA F 29 77.55 17.58 70.56
N LYS F 30 77.10 18.62 71.25
CA LYS F 30 75.78 18.56 71.89
C LYS F 30 74.68 18.52 70.84
N THR F 31 74.78 19.40 69.84
CA THR F 31 73.78 19.38 68.76
C THR F 31 73.79 18.04 68.06
N LEU F 32 74.97 17.46 67.83
CA LEU F 32 75.04 16.18 67.15
C LEU F 32 74.46 15.05 67.98
N ASP F 33 74.44 15.19 69.31
CA ASP F 33 73.86 14.16 70.15
C ASP F 33 72.35 14.06 69.93
N PHE F 34 71.65 15.19 70.05
CA PHE F 34 70.22 15.19 69.82
C PHE F 34 69.89 14.94 68.37
N HIS F 35 70.71 15.46 67.47
CA HIS F 35 70.42 15.34 66.04
C HIS F 35 70.51 13.89 65.58
N PHE F 36 71.57 13.20 66.00
CA PHE F 36 71.78 11.81 65.60
C PHE F 36 71.12 10.82 66.56
N ASN F 37 71.38 10.95 67.86
CA ASN F 37 70.79 9.99 68.79
C ASN F 37 69.29 10.21 68.94
N GLY F 38 68.82 11.45 68.74
CA GLY F 38 67.39 11.73 68.77
C GLY F 38 66.70 11.62 67.43
N HIS F 39 66.84 12.64 66.58
CA HIS F 39 66.05 12.73 65.35
C HIS F 39 66.37 11.57 64.40
N HIS F 40 67.65 11.37 64.11
CA HIS F 40 68.01 10.38 63.09
C HIS F 40 67.64 8.97 63.52
N LYS F 41 67.86 8.64 64.81
CA LYS F 41 67.47 7.31 65.28
C LYS F 41 65.95 7.17 65.42
N THR F 42 65.24 8.26 65.73
CA THR F 42 63.78 8.20 65.69
C THR F 42 63.30 7.88 64.27
N TYR F 43 63.85 8.59 63.25
CA TYR F 43 63.50 8.28 61.86
C TYR F 43 63.84 6.83 61.53
N LEU F 44 64.94 6.30 62.10
CA LEU F 44 65.31 4.91 61.83
C LEU F 44 64.27 3.96 62.41
N ASN F 45 63.81 4.24 63.64
CA ASN F 45 62.83 3.39 64.31
C ASN F 45 61.48 3.41 63.60
N LYS F 46 60.95 4.61 63.32
CA LYS F 46 59.67 4.71 62.63
C LYS F 46 59.72 3.96 61.31
N THR F 47 60.80 4.17 60.54
CA THR F 47 60.97 3.49 59.26
C THR F 47 60.97 1.97 59.44
N ASN F 48 61.77 1.47 60.38
CA ASN F 48 61.78 0.02 60.63
C ASN F 48 60.41 -0.47 61.09
N ASP F 49 59.74 0.33 61.92
CA ASP F 49 58.43 -0.06 62.42
C ASP F 49 57.43 -0.18 61.29
N LEU F 50 57.53 0.72 60.31
CA LEU F 50 56.58 0.72 59.19
C LEU F 50 56.88 -0.38 58.19
N VAL F 51 58.14 -0.78 58.09
CA VAL F 51 58.55 -1.78 57.10
C VAL F 51 58.39 -3.21 57.64
N LYS F 52 58.46 -3.39 58.96
CA LYS F 52 58.47 -4.73 59.54
C LYS F 52 57.18 -5.49 59.18
N GLY F 53 57.33 -6.71 58.70
CA GLY F 53 56.19 -7.52 58.37
C GLY F 53 55.48 -7.18 57.07
N THR F 54 56.08 -6.33 56.23
CA THR F 54 55.48 -5.90 54.98
C THR F 54 56.31 -6.37 53.80
N SER F 55 55.80 -6.10 52.60
CA SER F 55 56.55 -6.38 51.38
C SER F 55 57.78 -5.50 51.25
N LEU F 56 58.01 -4.57 52.19
CA LEU F 56 59.17 -3.69 52.18
C LEU F 56 60.37 -4.29 52.93
N GLU F 57 60.19 -5.41 53.65
CA GLU F 57 61.34 -6.07 54.24
C GLU F 57 62.29 -6.53 53.15
N ASN F 58 63.58 -6.41 53.43
CA ASN F 58 64.70 -6.76 52.56
C ASN F 58 64.87 -5.75 51.42
N LYS F 59 63.93 -4.83 51.22
CA LYS F 59 64.12 -3.83 50.17
C LYS F 59 65.15 -2.81 50.62
N SER F 60 65.90 -2.27 49.64
CA SER F 60 66.85 -1.24 49.96
C SER F 60 66.11 0.01 50.41
N LEU F 61 66.84 0.89 51.08
CA LEU F 61 66.22 2.11 51.59
C LEU F 61 65.71 2.99 50.44
N GLU F 62 66.48 3.06 49.35
CA GLU F 62 66.08 3.88 48.21
C GLU F 62 64.82 3.32 47.55
N ASP F 63 64.71 1.99 47.47
CA ASP F 63 63.48 1.37 46.97
C ASP F 63 62.30 1.68 47.89
N VAL F 64 62.55 1.67 49.20
CA VAL F 64 61.48 1.98 50.15
C VAL F 64 61.00 3.42 49.96
N ILE F 65 61.93 4.34 49.74
CA ILE F 65 61.58 5.74 49.53
C ILE F 65 60.76 5.90 48.24
N LEU F 66 61.20 5.26 47.16
CA LEU F 66 60.46 5.39 45.90
C LEU F 66 59.07 4.75 45.97
N VAL F 67 58.92 3.63 46.69
CA VAL F 67 57.58 3.06 46.88
C VAL F 67 56.72 4.05 47.64
N ALA F 68 57.27 4.63 48.70
CA ALA F 68 56.53 5.60 49.50
C ALA F 68 56.13 6.80 48.68
N LYS F 69 57.03 7.28 47.82
CA LYS F 69 56.70 8.45 47.02
C LYS F 69 55.65 8.13 45.96
N THR F 70 55.78 7.00 45.27
CA THR F 70 54.84 6.75 44.18
C THR F 70 53.45 6.38 44.68
N THR F 71 53.35 5.81 45.89
CA THR F 71 52.08 5.45 46.49
C THR F 71 51.51 6.52 47.41
N ASN F 72 52.14 7.70 47.50
CA ASN F 72 51.64 8.79 48.34
C ASN F 72 51.48 8.35 49.78
N ASN F 73 52.47 7.65 50.31
CA ASN F 73 52.45 7.16 51.68
C ASN F 73 53.25 8.15 52.52
N ALA F 74 52.53 9.08 53.14
CA ALA F 74 53.16 10.22 53.78
C ALA F 74 54.05 9.80 54.96
N ALA F 75 53.51 8.99 55.88
CA ALA F 75 54.29 8.60 57.05
C ALA F 75 55.52 7.79 56.65
N LEU F 76 55.37 6.86 55.71
CA LEU F 76 56.52 6.09 55.26
C LEU F 76 57.51 6.98 54.51
N PHE F 77 57.01 7.88 53.65
CA PHE F 77 57.91 8.77 52.91
C PHE F 77 58.70 9.66 53.85
N ASN F 78 58.01 10.28 54.82
CA ASN F 78 58.65 11.25 55.70
C ASN F 78 59.76 10.62 56.52
N ASN F 79 59.53 9.44 57.09
CA ASN F 79 60.54 8.88 57.95
C ASN F 79 61.66 8.23 57.17
N ALA F 80 61.33 7.46 56.13
CA ALA F 80 62.36 6.78 55.36
C ALA F 80 63.26 7.78 54.65
N THR F 81 62.68 8.86 54.13
CA THR F 81 63.49 9.83 53.40
C THR F 81 64.31 10.69 54.34
N GLN F 82 63.75 11.04 55.50
CA GLN F 82 64.55 11.70 56.54
C GLN F 82 65.68 10.80 57.02
N LEU F 83 65.46 9.48 57.05
CA LEU F 83 66.53 8.56 57.40
C LEU F 83 67.68 8.62 56.39
N TRP F 84 67.34 8.67 55.08
CA TRP F 84 68.37 8.78 54.05
C TRP F 84 69.01 10.16 54.08
N ASN F 85 68.19 11.20 54.24
CA ASN F 85 68.74 12.56 54.19
C ASN F 85 69.82 12.76 55.25
N HIS F 86 69.63 12.23 56.44
CA HIS F 86 70.61 12.49 57.48
C HIS F 86 71.91 11.74 57.24
N SER F 87 71.83 10.50 56.76
CA SER F 87 73.04 9.76 56.43
C SER F 87 73.84 10.49 55.36
N PHE F 88 73.17 11.02 54.34
CA PHE F 88 73.85 11.83 53.33
C PHE F 88 74.45 13.09 53.96
N PHE F 89 73.70 13.71 54.89
CA PHE F 89 74.19 14.90 55.60
C PHE F 89 75.47 14.62 56.36
N TRP F 90 75.52 13.49 57.09
CA TRP F 90 76.71 13.20 57.90
C TRP F 90 77.94 12.99 57.02
N ASP F 91 77.77 12.31 55.88
CA ASP F 91 78.88 12.10 54.98
C ASP F 91 79.32 13.39 54.30
N CYS F 92 78.44 14.40 54.21
CA CYS F 92 78.80 15.66 53.59
C CYS F 92 79.71 16.51 54.45
N MET F 93 79.94 16.11 55.69
CA MET F 93 80.66 16.96 56.63
C MET F 93 81.84 16.21 57.21
N ALA F 94 82.79 16.98 57.72
CA ALA F 94 83.99 16.45 58.35
C ALA F 94 84.58 17.55 59.23
N PRO F 95 85.42 17.18 60.19
CA PRO F 95 86.12 18.21 60.97
C PRO F 95 86.92 19.11 60.03
N THR F 96 87.13 20.36 60.47
CA THR F 96 87.68 21.42 59.61
C THR F 96 89.01 21.04 58.98
N ASN F 97 89.80 20.19 59.61
CA ASN F 97 91.09 19.79 59.03
C ASN F 97 91.02 18.46 58.27
N GLN F 98 89.81 17.97 57.97
CA GLN F 98 89.66 16.77 57.14
C GLN F 98 88.69 17.02 55.99
N THR F 99 88.46 18.28 55.64
CA THR F 99 87.45 18.62 54.65
C THR F 99 87.94 18.43 53.21
N GLY F 100 89.24 18.40 52.98
CA GLY F 100 89.72 18.35 51.61
C GLY F 100 89.48 19.66 50.90
N GLN F 101 89.65 19.60 49.57
CA GLN F 101 89.52 20.79 48.72
C GLN F 101 88.68 20.47 47.49
N ILE F 102 88.02 21.52 46.97
CA ILE F 102 87.25 21.41 45.75
C ILE F 102 88.15 20.92 44.62
N SER F 103 87.79 19.80 44.00
CA SER F 103 88.61 19.23 42.94
C SER F 103 88.51 20.09 41.69
N PRO F 104 89.49 19.96 40.78
CA PRO F 104 89.41 20.72 39.52
C PRO F 104 88.16 20.43 38.71
N GLU F 105 87.87 19.15 38.47
CA GLU F 105 86.62 18.75 37.85
C GLU F 105 85.44 19.43 38.52
N LEU F 106 85.36 19.31 39.85
CA LEU F 106 84.26 19.94 40.58
C LEU F 106 84.33 21.45 40.44
N GLU F 107 85.54 22.01 40.47
CA GLU F 107 85.69 23.45 40.32
C GLU F 107 85.23 23.91 38.94
N LYS F 108 85.54 23.12 37.91
CA LYS F 108 85.15 23.45 36.55
C LYS F 108 83.62 23.50 36.39
N LEU F 109 82.90 22.49 36.89
CA LEU F 109 81.44 22.53 36.71
C LEU F 109 80.81 23.62 37.57
N ILE F 110 81.42 23.96 38.70
CA ILE F 110 80.85 25.04 39.51
C ILE F 110 80.94 26.38 38.78
N LYS F 111 82.04 26.61 38.06
CA LYS F 111 82.17 27.86 37.30
C LYS F 111 81.24 27.88 36.10
N GLU F 112 81.14 26.75 35.40
CA GLU F 112 80.22 26.67 34.27
C GLU F 112 78.81 27.01 34.70
N SER F 113 78.37 26.46 35.84
CA SER F 113 76.99 26.58 36.31
C SER F 113 76.75 27.81 37.19
N PHE F 114 77.77 28.34 37.84
CA PHE F 114 77.58 29.46 38.74
C PHE F 114 78.60 30.57 38.55
N GLY F 115 79.50 30.43 37.58
CA GLY F 115 80.47 31.50 37.37
C GLY F 115 81.74 31.30 38.17
N SER F 116 81.61 31.20 39.50
CA SER F 116 82.78 31.01 40.36
C SER F 116 82.37 30.26 41.63
N VAL F 117 83.37 29.74 42.34
CA VAL F 117 83.14 29.09 43.63
C VAL F 117 82.55 30.07 44.62
N ALA F 118 83.06 31.30 44.64
CA ALA F 118 82.53 32.34 45.52
C ALA F 118 81.07 32.62 45.20
N ASP F 119 80.73 32.73 43.93
CA ASP F 119 79.35 33.02 43.56
C ASP F 119 78.44 31.85 43.89
N PHE F 120 78.89 30.62 43.66
CA PHE F 120 78.10 29.44 44.00
C PHE F 120 77.74 29.44 45.49
N LYS F 121 78.73 29.69 46.34
CA LYS F 121 78.51 29.71 47.79
C LYS F 121 77.52 30.79 48.20
N LYS F 122 77.61 31.97 47.60
CA LYS F 122 76.62 33.01 47.84
C LYS F 122 75.23 32.54 47.46
N LYS F 123 75.10 31.88 46.31
CA LYS F 123 73.80 31.41 45.86
C LYS F 123 73.26 30.30 46.76
N PHE F 124 74.07 29.26 47.00
CA PHE F 124 73.68 28.18 47.90
C PHE F 124 73.30 28.72 49.27
N THR F 125 74.06 29.68 49.78
CA THR F 125 73.78 30.24 51.09
C THR F 125 72.46 31.00 51.09
N ASP F 126 72.24 31.84 50.08
CA ASP F 126 70.99 32.57 49.94
C ASP F 126 69.81 31.62 49.79
N SER F 127 70.00 30.52 49.06
CA SER F 127 68.93 29.55 48.90
C SER F 127 68.54 28.91 50.24
N ALA F 128 69.53 28.56 51.05
CA ALA F 128 69.20 27.94 52.33
C ALA F 128 68.50 28.93 53.24
N ILE F 129 68.90 30.21 53.21
CA ILE F 129 68.26 31.23 54.02
C ILE F 129 66.80 31.45 53.61
N ALA F 130 66.50 31.42 52.31
CA ALA F 130 65.14 31.66 51.83
C ALA F 130 64.22 30.45 51.96
N ASN F 131 64.74 29.30 52.34
CA ASN F 131 64.00 28.05 52.42
C ASN F 131 63.11 28.12 53.67
N PHE F 132 61.87 28.52 53.48
CA PHE F 132 60.98 28.85 54.59
C PHE F 132 60.51 27.58 55.33
N GLY F 133 60.60 27.60 56.67
CA GLY F 133 60.17 26.45 57.43
C GLY F 133 61.24 25.38 57.53
N SER F 134 60.80 24.15 57.70
CA SER F 134 61.71 23.01 57.77
C SER F 134 62.08 22.56 56.36
N GLY F 135 63.32 22.10 56.19
CA GLY F 135 63.72 21.62 54.88
C GLY F 135 65.22 21.48 54.71
N TRP F 136 65.63 21.42 53.44
CA TRP F 136 66.98 21.12 53.03
C TRP F 136 67.32 21.96 51.80
N THR F 137 68.60 22.27 51.65
CA THR F 137 69.10 22.90 50.44
C THR F 137 70.18 21.99 49.86
N TRP F 138 70.08 21.73 48.55
CA TRP F 138 70.88 20.70 47.87
C TRP F 138 71.67 21.30 46.70
N LEU F 139 72.82 20.69 46.41
CA LEU F 139 73.53 20.88 45.15
C LEU F 139 73.41 19.59 44.36
N VAL F 140 72.88 19.67 43.13
CA VAL F 140 72.64 18.47 42.36
C VAL F 140 73.33 18.58 41.00
N ASN F 141 73.70 17.41 40.47
CA ASN F 141 74.30 17.29 39.15
C ASN F 141 73.26 16.69 38.23
N ILE F 142 72.88 17.46 37.21
CA ILE F 142 71.95 16.97 36.21
C ILE F 142 72.73 16.75 34.93
N ASN F 143 73.30 15.55 34.80
CA ASN F 143 73.98 15.13 33.57
C ASN F 143 75.06 16.12 33.16
N GLY F 144 75.78 16.66 34.14
CA GLY F 144 76.88 17.56 33.88
C GLY F 144 76.58 19.02 34.10
N LYS F 145 75.34 19.35 34.35
CA LYS F 145 74.90 20.70 34.65
C LYS F 145 74.53 20.75 36.13
N LEU F 146 75.06 21.72 36.85
CA LEU F 146 74.81 21.76 38.28
C LEU F 146 73.68 22.72 38.60
N GLU F 147 72.95 22.38 39.66
CA GLU F 147 71.79 23.15 40.05
C GLU F 147 71.67 23.15 41.56
N ILE F 148 71.06 24.22 42.09
CA ILE F 148 70.74 24.32 43.51
C ILE F 148 69.24 24.13 43.70
N GLN F 149 68.87 23.23 44.60
CA GLN F 149 67.49 22.87 44.86
C GLN F 149 67.16 23.08 46.33
N ASN F 150 66.04 23.75 46.60
CA ASN F 150 65.43 23.78 47.93
C ASN F 150 64.34 22.73 48.00
N THR F 151 64.31 21.95 49.10
CA THR F 151 63.18 21.07 49.39
C THR F 151 62.63 21.37 50.78
N SER F 152 61.38 20.96 50.96
CA SER F 152 60.66 21.20 52.19
C SER F 152 60.53 19.91 52.98
N ASN F 153 60.64 20.02 54.29
CA ASN F 153 60.43 18.89 55.19
C ASN F 153 61.25 17.67 54.82
N ALA F 154 60.63 16.59 54.38
CA ALA F 154 61.42 15.40 54.06
C ALA F 154 61.77 15.28 52.59
N GLU F 155 61.27 16.17 51.74
CA GLU F 155 61.52 16.03 50.30
C GLU F 155 63.01 16.12 49.98
N SER F 156 63.41 15.42 48.92
CA SER F 156 64.82 15.12 48.65
C SER F 156 65.03 14.72 47.21
N PRO F 157 66.16 15.10 46.60
CA PRO F 157 66.48 14.62 45.24
C PRO F 157 66.86 13.17 45.20
N VAL F 158 66.92 12.48 46.33
CA VAL F 158 67.13 11.03 46.27
C VAL F 158 66.03 10.36 45.43
N THR F 159 64.84 10.98 45.36
CA THR F 159 63.77 10.45 44.52
C THR F 159 64.02 10.68 43.02
N LEU F 160 64.83 11.68 42.67
CA LEU F 160 64.93 12.22 41.33
C LEU F 160 66.10 11.63 40.55
N ARG F 161 65.99 11.67 39.21
CA ARG F 161 67.06 11.23 38.32
C ARG F 161 68.15 12.29 38.23
N VAL F 162 68.71 12.64 39.39
CA VAL F 162 69.86 13.52 39.51
C VAL F 162 70.81 12.87 40.50
N THR F 163 72.06 13.36 40.49
CA THR F 163 73.02 13.00 41.51
C THR F 163 73.12 14.12 42.52
N PRO F 164 72.70 13.93 43.77
CA PRO F 164 72.94 14.94 44.80
C PRO F 164 74.42 14.94 45.17
N LEU F 165 74.99 16.15 45.26
CA LEU F 165 76.38 16.36 45.62
C LEU F 165 76.57 16.88 47.04
N LEU F 166 75.64 17.68 47.53
CA LEU F 166 75.81 18.37 48.79
C LEU F 166 74.45 18.78 49.31
N THR F 167 74.26 18.70 50.63
CA THR F 167 73.06 19.20 51.28
C THR F 167 73.42 19.84 52.61
N VAL F 168 72.63 20.83 52.99
CA VAL F 168 72.63 21.35 54.34
C VAL F 168 71.22 21.24 54.90
N ASP F 169 71.11 20.77 56.14
CA ASP F 169 69.84 20.65 56.82
C ASP F 169 69.50 22.00 57.46
N VAL F 170 68.34 22.55 57.10
CA VAL F 170 67.85 23.80 57.69
C VAL F 170 66.57 23.58 58.49
N TRP F 171 66.25 22.33 58.85
CA TRP F 171 65.41 22.14 60.02
C TRP F 171 66.06 22.86 61.21
N GLU F 172 65.24 23.51 62.03
CA GLU F 172 65.78 24.35 63.08
C GLU F 172 66.58 23.54 64.11
N HIS F 173 66.21 22.28 64.33
CA HIS F 173 66.94 21.46 65.29
C HIS F 173 68.38 21.23 64.86
N ALA F 174 68.69 21.41 63.58
CA ALA F 174 70.07 21.26 63.12
C ALA F 174 70.96 22.37 63.65
N TYR F 175 70.39 23.48 64.07
CA TYR F 175 71.21 24.61 64.44
C TYR F 175 70.71 25.43 65.62
N TYR F 176 69.53 25.15 66.19
CA TYR F 176 68.96 26.11 67.13
C TYR F 176 69.75 26.16 68.45
N LEU F 177 70.33 25.03 68.87
CA LEU F 177 71.09 25.04 70.13
C LEU F 177 72.37 25.87 70.01
N ASP F 178 73.03 25.82 68.85
CA ASP F 178 74.26 26.58 68.69
C ASP F 178 74.01 27.98 68.15
N HIS F 179 73.00 28.19 67.31
CA HIS F 179 72.84 29.47 66.63
C HIS F 179 71.48 30.12 66.79
N GLN F 180 70.51 29.45 67.43
CA GLN F 180 69.11 29.88 67.60
C GLN F 180 68.59 30.40 66.27
N ASN F 181 68.01 31.60 66.21
CA ASN F 181 67.41 32.11 64.98
C ASN F 181 68.43 32.64 63.98
N ARG F 182 69.72 32.56 64.27
CA ARG F 182 70.75 33.06 63.36
C ARG F 182 71.14 31.98 62.35
N ARG F 183 70.18 31.61 61.51
CA ARG F 183 70.48 30.63 60.45
C ARG F 183 71.57 31.09 59.49
N PRO F 184 71.65 32.36 59.06
CA PRO F 184 72.77 32.72 58.17
C PRO F 184 74.12 32.40 58.77
N GLU F 185 74.28 32.67 60.06
CA GLU F 185 75.54 32.41 60.73
C GLU F 185 75.82 30.92 60.83
N TYR F 186 74.78 30.12 60.97
CA TYR F 186 74.96 28.66 60.89
C TYR F 186 75.52 28.26 59.54
N LEU F 187 74.96 28.81 58.46
CA LEU F 187 75.43 28.42 57.13
C LEU F 187 76.83 28.97 56.86
N ASN F 188 77.13 30.16 57.38
CA ASN F 188 78.48 30.72 57.28
C ASN F 188 79.52 29.76 57.82
N LYS F 189 79.35 29.33 59.07
CA LYS F 189 80.32 28.45 59.69
C LYS F 189 80.27 27.06 59.08
N TRP F 190 79.09 26.64 58.62
CA TRP F 190 78.92 25.32 58.03
C TRP F 190 79.84 25.10 56.82
N TRP F 191 80.23 26.17 56.12
CA TRP F 191 81.12 25.95 54.98
C TRP F 191 82.47 25.37 55.42
N GLU F 192 82.91 25.66 56.65
CA GLU F 192 84.20 25.14 57.09
C GLU F 192 84.17 23.66 57.38
N VAL F 193 82.99 23.05 57.44
CA VAL F 193 82.91 21.63 57.78
C VAL F 193 82.45 20.80 56.58
N VAL F 194 82.33 21.40 55.40
CA VAL F 194 81.94 20.70 54.19
C VAL F 194 83.02 19.72 53.75
N ASN F 195 82.66 18.46 53.62
CA ASN F 195 83.61 17.44 53.18
C ASN F 195 83.65 17.48 51.66
N TRP F 196 84.53 18.33 51.12
CA TRP F 196 84.60 18.48 49.69
C TRP F 196 85.04 17.20 49.00
N LYS F 197 85.77 16.34 49.71
CA LYS F 197 86.13 15.06 49.10
C LYS F 197 84.92 14.16 48.92
N PHE F 198 83.92 14.24 49.81
CA PHE F 198 82.70 13.48 49.57
C PHE F 198 81.95 14.03 48.36
N VAL F 199 81.88 15.36 48.25
CA VAL F 199 81.26 15.99 47.10
C VAL F 199 81.91 15.51 45.80
N ASP F 200 83.24 15.42 45.80
CA ASP F 200 83.93 14.92 44.62
C ASP F 200 83.60 13.46 44.36
N GLN F 201 83.50 12.64 45.41
CA GLN F 201 83.14 11.23 45.24
C GLN F 201 81.77 11.07 44.61
N GLN F 202 80.81 11.93 44.99
CA GLN F 202 79.47 11.83 44.42
C GLN F 202 79.51 12.21 42.96
N LEU F 203 80.37 13.15 42.61
CA LEU F 203 80.45 13.61 41.24
C LEU F 203 81.11 12.57 40.34
N LYS F 204 82.15 11.89 40.84
CA LYS F 204 82.98 11.05 39.99
C LYS F 204 82.50 9.59 39.94
N GLN F 205 81.34 9.29 40.52
CA GLN F 205 80.73 7.95 40.57
C GLN F 205 81.66 6.76 40.34
N LEU G 10 52.01 51.91 60.19
CA LEU G 10 52.93 50.78 60.37
C LEU G 10 52.52 49.83 61.49
N PHE G 11 52.83 48.55 61.32
CA PHE G 11 52.54 47.53 62.31
C PHE G 11 53.54 47.56 63.46
N THR G 12 53.05 47.25 64.66
CA THR G 12 53.88 47.24 65.87
C THR G 12 53.52 46.03 66.72
N LEU G 13 54.45 45.69 67.62
CA LEU G 13 54.27 44.65 68.61
C LEU G 13 54.56 45.20 69.99
N ASN G 14 53.81 44.74 70.99
CA ASN G 14 54.10 45.01 72.38
C ASN G 14 54.59 43.75 73.07
N ASP G 15 55.51 43.93 74.01
CA ASP G 15 56.08 42.81 74.74
C ASP G 15 54.96 42.01 75.39
N PRO G 16 54.99 40.68 75.31
CA PRO G 16 54.11 39.86 76.14
C PRO G 16 54.32 40.19 77.61
N ALA G 17 53.22 40.12 78.37
CA ALA G 17 53.27 40.47 79.79
C ALA G 17 54.28 39.60 80.53
N TYR G 18 54.39 38.34 80.15
CA TYR G 18 55.28 37.40 80.81
C TYR G 18 56.62 37.27 80.11
N LEU G 19 56.97 38.26 79.27
CA LEU G 19 58.17 38.15 78.44
C LEU G 19 59.40 37.85 79.28
N LYS G 20 59.62 38.67 80.32
CA LYS G 20 60.81 38.54 81.15
C LYS G 20 60.69 37.47 82.22
N THR G 21 59.47 37.02 82.54
CA THR G 21 59.30 36.01 83.58
C THR G 21 59.23 34.59 83.03
N GLY G 22 58.82 34.41 81.78
CA GLY G 22 58.72 33.08 81.22
C GLY G 22 57.38 32.42 81.48
N LEU G 23 57.28 31.16 81.05
CA LEU G 23 56.08 30.37 81.27
C LEU G 23 56.45 28.96 81.71
N GLU G 24 57.30 28.85 82.71
CA GLU G 24 57.62 27.53 83.21
C GLU G 24 56.31 26.97 83.75
N PRO G 25 56.16 25.64 83.71
CA PRO G 25 57.20 24.71 83.24
C PRO G 25 57.25 24.48 81.71
N ALA G 26 56.50 25.25 80.93
CA ALA G 26 56.38 24.99 79.49
C ALA G 26 57.50 25.62 78.68
N ILE G 27 57.73 26.93 78.85
CA ILE G 27 58.63 27.69 78.02
C ILE G 27 59.51 28.56 78.92
N SER G 28 60.82 28.53 78.68
CA SER G 28 61.77 29.29 79.48
C SER G 28 61.78 30.76 79.06
N ALA G 29 62.29 31.60 79.96
CA ALA G 29 62.45 33.01 79.64
C ALA G 29 63.41 33.19 78.48
N LYS G 30 64.39 32.29 78.35
CA LYS G 30 65.35 32.36 77.26
C LYS G 30 64.69 32.01 75.92
N THR G 31 63.91 30.93 75.90
CA THR G 31 63.21 30.57 74.66
C THR G 31 62.29 31.71 74.23
N LEU G 32 61.59 32.31 75.19
CA LEU G 32 60.69 33.41 74.88
C LEU G 32 61.45 34.64 74.41
N ASP G 33 62.72 34.80 74.83
CA ASP G 33 63.51 35.93 74.35
C ASP G 33 63.81 35.81 72.86
N PHE G 34 64.31 34.65 72.42
CA PHE G 34 64.55 34.45 71.01
C PHE G 34 63.24 34.36 70.25
N HIS G 35 62.21 33.78 70.86
CA HIS G 35 60.95 33.57 70.16
C HIS G 35 60.25 34.88 69.86
N PHE G 36 60.19 35.79 70.82
CA PHE G 36 59.55 37.07 70.57
C PHE G 36 60.49 38.10 69.97
N ASN G 37 61.64 38.34 70.61
CA ASN G 37 62.54 39.37 70.13
C ASN G 37 63.22 38.96 68.83
N GLY G 38 63.40 37.67 68.61
CA GLY G 38 63.97 37.23 67.35
C GLY G 38 62.92 37.01 66.28
N HIS G 39 62.26 35.86 66.33
CA HIS G 39 61.39 35.43 65.22
C HIS G 39 60.23 36.41 65.01
N HIS G 40 59.48 36.70 66.08
CA HIS G 40 58.26 37.47 65.90
C HIS G 40 58.54 38.88 65.38
N LYS G 41 59.58 39.53 65.90
CA LYS G 41 59.95 40.85 65.40
C LYS G 41 60.56 40.79 63.99
N THR G 42 61.25 39.71 63.64
CA THR G 42 61.73 39.59 62.26
C THR G 42 60.54 39.52 61.28
N TYR G 43 59.52 38.71 61.60
CA TYR G 43 58.29 38.69 60.79
C TYR G 43 57.66 40.07 60.73
N LEU G 44 57.69 40.80 61.85
CA LEU G 44 57.09 42.12 61.91
C LEU G 44 57.79 43.09 60.97
N ASN G 45 59.13 43.09 61.01
CA ASN G 45 59.88 44.01 60.18
C ASN G 45 59.71 43.66 58.70
N LYS G 46 59.77 42.37 58.37
CA LYS G 46 59.56 41.96 56.99
C LYS G 46 58.18 42.38 56.49
N THR G 47 57.13 42.21 57.32
CA THR G 47 55.79 42.65 56.92
C THR G 47 55.79 44.13 56.57
N ASN G 48 56.36 44.95 57.46
CA ASN G 48 56.43 46.38 57.25
C ASN G 48 57.19 46.72 55.97
N ASP G 49 58.27 46.00 55.65
CA ASP G 49 58.99 46.29 54.41
C ASP G 49 58.12 46.01 53.18
N LEU G 50 57.37 44.91 53.21
CA LEU G 50 56.59 44.47 52.05
C LEU G 50 55.33 45.29 51.86
N VAL G 51 54.75 45.82 52.93
CA VAL G 51 53.52 46.58 52.81
C VAL G 51 53.81 48.04 52.47
N LYS G 52 54.91 48.56 53.04
CA LYS G 52 55.36 49.93 52.81
C LYS G 52 55.45 50.25 51.34
N GLY G 53 54.80 51.33 50.93
CA GLY G 53 54.84 51.73 49.55
C GLY G 53 53.85 51.01 48.64
N THR G 54 52.95 50.20 49.18
CA THR G 54 52.01 49.42 48.38
C THR G 54 50.58 49.87 48.65
N SER G 55 49.64 49.29 47.89
CA SER G 55 48.22 49.56 48.07
C SER G 55 47.69 49.01 49.38
N LEU G 56 48.49 48.25 50.12
CA LEU G 56 48.08 47.71 51.40
C LEU G 56 48.42 48.61 52.58
N GLU G 57 49.04 49.76 52.34
CA GLU G 57 49.28 50.70 53.44
C GLU G 57 47.97 51.07 54.10
N ASN G 58 48.02 51.17 55.44
CA ASN G 58 46.86 51.56 56.26
C ASN G 58 45.69 50.60 56.08
N LYS G 59 46.02 49.32 55.94
CA LYS G 59 45.06 48.23 55.97
C LYS G 59 45.35 47.37 57.19
N SER G 60 44.31 46.71 57.69
CA SER G 60 44.49 45.85 58.84
C SER G 60 45.39 44.66 58.49
N LEU G 61 45.93 44.04 59.53
CA LEU G 61 46.79 42.89 59.30
C LEU G 61 45.99 41.76 58.67
N GLU G 62 44.73 41.59 59.09
CA GLU G 62 43.90 40.54 58.53
C GLU G 62 43.62 40.76 57.05
N ASP G 63 43.40 42.01 56.66
CA ASP G 63 43.22 42.34 55.26
C ASP G 63 44.49 42.05 54.44
N VAL G 64 45.66 42.38 54.99
CA VAL G 64 46.92 42.13 54.29
C VAL G 64 47.10 40.63 54.06
N ILE G 65 46.74 39.83 55.06
CA ILE G 65 46.87 38.38 54.98
C ILE G 65 45.95 37.81 53.91
N LEU G 66 44.69 38.26 53.87
CA LEU G 66 43.76 37.75 52.87
C LEU G 66 44.13 38.22 51.47
N VAL G 67 44.63 39.45 51.33
CA VAL G 67 45.10 39.88 50.02
C VAL G 67 46.30 39.04 49.59
N ALA G 68 47.24 38.83 50.50
CA ALA G 68 48.39 37.99 50.21
C ALA G 68 47.94 36.57 49.89
N LYS G 69 46.96 36.04 50.62
CA LYS G 69 46.53 34.68 50.35
C LYS G 69 45.83 34.57 49.00
N THR G 70 44.92 35.50 48.67
CA THR G 70 44.18 35.36 47.41
C THR G 70 45.06 35.64 46.18
N THR G 71 46.12 36.45 46.32
CA THR G 71 47.02 36.73 45.19
C THR G 71 48.24 35.85 45.18
N ASN G 72 48.31 34.87 46.07
CA ASN G 72 49.44 33.96 46.09
C ASN G 72 50.76 34.74 46.24
N ASN G 73 50.80 35.64 47.22
CA ASN G 73 52.00 36.43 47.48
C ASN G 73 52.71 35.71 48.62
N ALA G 74 53.68 34.88 48.26
CA ALA G 74 54.29 33.97 49.22
C ALA G 74 55.04 34.72 50.31
N ALA G 75 55.92 35.66 49.92
CA ALA G 75 56.72 36.39 50.88
C ALA G 75 55.85 37.15 51.88
N LEU G 76 54.83 37.85 51.37
CA LEU G 76 53.96 38.61 52.23
C LEU G 76 53.09 37.70 53.10
N PHE G 77 52.55 36.63 52.52
CA PHE G 77 51.72 35.76 53.31
C PHE G 77 52.51 35.15 54.44
N ASN G 78 53.73 34.67 54.15
CA ASN G 78 54.50 34.02 55.20
C ASN G 78 54.82 34.99 56.34
N ASN G 79 55.15 36.24 56.02
CA ASN G 79 55.57 37.16 57.07
C ASN G 79 54.38 37.72 57.84
N ALA G 80 53.35 38.20 57.14
CA ALA G 80 52.20 38.78 57.84
C ALA G 80 51.45 37.74 58.64
N THR G 81 51.30 36.52 58.12
CA THR G 81 50.54 35.52 58.86
C THR G 81 51.32 34.96 60.05
N GLN G 82 52.63 34.76 59.92
CA GLN G 82 53.39 34.39 61.12
C GLN G 82 53.32 35.50 62.17
N LEU G 83 53.26 36.75 61.73
CA LEU G 83 53.10 37.84 62.68
C LEU G 83 51.79 37.70 63.44
N TRP G 84 50.71 37.34 62.74
CA TRP G 84 49.43 37.15 63.42
C TRP G 84 49.45 35.90 64.28
N ASN G 85 49.97 34.79 63.75
CA ASN G 85 49.93 33.52 64.49
C ASN G 85 50.62 33.66 65.85
N HIS G 86 51.75 34.39 65.88
CA HIS G 86 52.50 34.57 67.12
C HIS G 86 51.79 35.50 68.10
N SER G 87 51.15 36.55 67.61
CA SER G 87 50.35 37.39 68.50
C SER G 87 49.24 36.58 69.13
N PHE G 88 48.52 35.79 68.33
CA PHE G 88 47.47 34.93 68.85
C PHE G 88 48.05 33.90 69.81
N PHE G 89 49.24 33.39 69.49
CA PHE G 89 49.89 32.41 70.37
C PHE G 89 50.12 32.98 71.77
N TRP G 90 50.59 34.23 71.85
CA TRP G 90 50.87 34.84 73.14
C TRP G 90 49.59 34.97 73.97
N ASP G 91 48.46 35.29 73.32
CA ASP G 91 47.20 35.42 74.06
C ASP G 91 46.70 34.08 74.56
N CYS G 92 47.06 33.00 73.88
CA CYS G 92 46.63 31.68 74.28
C CYS G 92 47.34 31.18 75.52
N MET G 93 48.31 31.92 76.03
CA MET G 93 49.14 31.43 77.11
C MET G 93 49.15 32.42 78.25
N ALA G 94 49.40 31.91 79.45
CA ALA G 94 49.53 32.75 80.65
C ALA G 94 50.30 31.95 81.70
N PRO G 95 50.96 32.62 82.63
CA PRO G 95 51.64 31.88 83.70
C PRO G 95 50.65 31.00 84.47
N THR G 96 51.18 29.91 85.03
CA THR G 96 50.31 28.93 85.69
C THR G 96 49.49 29.58 86.80
N ASN G 97 49.93 30.74 87.31
CA ASN G 97 49.15 31.50 88.28
C ASN G 97 47.80 31.90 87.71
N GLN G 98 47.76 32.24 86.41
CA GLN G 98 46.64 32.97 85.83
C GLN G 98 45.97 32.23 84.67
N THR G 99 46.04 30.90 84.64
CA THR G 99 45.50 30.22 83.46
C THR G 99 43.98 30.23 83.44
N GLY G 100 43.33 30.42 84.57
CA GLY G 100 41.91 30.29 84.61
C GLY G 100 41.51 28.84 84.44
N GLN G 101 40.22 28.63 84.18
CA GLN G 101 39.70 27.29 83.95
C GLN G 101 38.76 27.31 82.76
N ILE G 102 38.49 26.10 82.25
CA ILE G 102 37.56 25.94 81.14
C ILE G 102 36.17 26.36 81.59
N SER G 103 35.61 27.32 80.90
CA SER G 103 34.32 27.82 81.30
C SER G 103 33.22 26.78 81.04
N PRO G 104 32.09 26.89 81.74
CA PRO G 104 30.96 25.97 81.46
C PRO G 104 30.47 25.99 80.02
N GLU G 105 30.28 27.17 79.41
CA GLU G 105 29.85 27.15 78.02
C GLU G 105 30.85 26.46 77.10
N LEU G 106 32.15 26.45 77.47
CA LEU G 106 33.20 25.93 76.61
C LEU G 106 33.39 24.43 76.81
N GLU G 107 33.25 23.97 78.06
CA GLU G 107 33.31 22.54 78.37
C GLU G 107 32.22 21.76 77.63
N LYS G 108 31.04 22.37 77.47
CA LYS G 108 29.91 21.75 76.76
C LYS G 108 30.30 21.45 75.33
N LEU G 109 30.97 22.39 74.68
CA LEU G 109 31.36 22.12 73.30
C LEU G 109 32.48 21.10 73.19
N ILE G 110 33.40 21.06 74.16
CA ILE G 110 34.45 20.04 74.12
C ILE G 110 33.82 18.66 74.30
N LYS G 111 32.82 18.56 75.18
CA LYS G 111 32.07 17.31 75.29
C LYS G 111 31.32 17.01 73.99
N GLU G 112 30.58 17.99 73.47
CA GLU G 112 29.84 17.77 72.22
C GLU G 112 30.74 17.29 71.09
N SER G 113 31.88 17.94 70.92
CA SER G 113 32.71 17.66 69.76
C SER G 113 33.76 16.58 70.00
N PHE G 114 34.16 16.33 71.25
CA PHE G 114 35.27 15.41 71.51
C PHE G 114 35.05 14.35 72.60
N GLY G 115 33.87 14.27 73.20
CA GLY G 115 33.65 13.22 74.20
C GLY G 115 33.95 13.65 75.63
N SER G 116 35.18 14.08 75.89
CA SER G 116 35.51 14.60 77.20
C SER G 116 36.65 15.60 77.06
N VAL G 117 36.81 16.43 78.09
CA VAL G 117 37.94 17.36 78.11
C VAL G 117 39.25 16.58 78.09
N ALA G 118 39.28 15.45 78.80
CA ALA G 118 40.46 14.60 78.77
C ALA G 118 40.72 14.09 77.37
N ASP G 119 39.68 13.65 76.68
CA ASP G 119 39.86 13.11 75.33
C ASP G 119 40.28 14.20 74.35
N PHE G 120 39.73 15.40 74.49
CA PHE G 120 40.16 16.49 73.64
C PHE G 120 41.67 16.69 73.76
N LYS G 121 42.17 16.79 75.00
CA LYS G 121 43.59 17.06 75.21
C LYS G 121 44.45 15.98 74.57
N LYS G 122 44.02 14.73 74.67
CA LYS G 122 44.80 13.66 74.06
C LYS G 122 44.79 13.75 72.53
N LYS G 123 43.65 14.12 71.93
CA LYS G 123 43.61 14.18 70.48
C LYS G 123 44.24 15.46 69.94
N PHE G 124 44.08 16.58 70.65
CA PHE G 124 44.83 17.79 70.31
C PHE G 124 46.33 17.54 70.40
N THR G 125 46.77 16.88 71.48
CA THR G 125 48.20 16.63 71.65
C THR G 125 48.72 15.69 70.59
N ASP G 126 48.03 14.56 70.35
CA ASP G 126 48.48 13.65 69.30
C ASP G 126 48.55 14.35 67.95
N SER G 127 47.60 15.24 67.68
CA SER G 127 47.60 15.98 66.43
C SER G 127 48.86 16.83 66.29
N ALA G 128 49.26 17.50 67.36
CA ALA G 128 50.47 18.32 67.32
C ALA G 128 51.71 17.46 67.17
N ILE G 129 51.76 16.31 67.83
CA ILE G 129 52.90 15.42 67.70
C ILE G 129 53.04 14.94 66.26
N ALA G 130 51.91 14.62 65.61
CA ALA G 130 51.93 14.11 64.25
C ALA G 130 52.10 15.20 63.21
N ASN G 131 52.04 16.48 63.59
CA ASN G 131 52.11 17.58 62.64
C ASN G 131 53.55 17.73 62.14
N PHE G 132 53.84 17.09 61.01
CA PHE G 132 55.21 16.86 60.57
C PHE G 132 55.87 18.14 60.08
N GLY G 133 57.10 18.37 60.55
CA GLY G 133 57.82 19.56 60.18
C GLY G 133 57.39 20.75 61.02
N SER G 134 57.57 21.94 60.44
CA SER G 134 57.18 23.20 61.08
C SER G 134 55.71 23.49 60.82
N GLY G 135 55.04 24.07 61.81
CA GLY G 135 53.64 24.41 61.64
C GLY G 135 52.94 24.69 62.97
N TRP G 136 51.61 24.57 62.93
CA TRP G 136 50.76 24.93 64.04
C TRP G 136 49.63 23.92 64.19
N THR G 137 49.14 23.79 65.44
CA THR G 137 47.95 23.02 65.75
C THR G 137 46.93 23.91 66.45
N TRP G 138 45.69 23.88 65.96
CA TRP G 138 44.65 24.81 66.33
C TRP G 138 43.43 24.05 66.83
N LEU G 139 42.66 24.69 67.69
CA LEU G 139 41.29 24.28 67.97
C LEU G 139 40.39 25.38 67.39
N VAL G 140 39.45 25.00 66.52
CA VAL G 140 38.61 25.99 65.88
C VAL G 140 37.14 25.64 66.10
N ASN G 141 36.32 26.68 66.07
CA ASN G 141 34.88 26.61 66.18
C ASN G 141 34.26 26.86 64.82
N ILE G 142 33.56 25.87 64.30
CA ILE G 142 32.86 26.03 63.03
C ILE G 142 31.38 26.00 63.33
N ASN G 143 30.80 27.19 63.50
CA ASN G 143 29.36 27.34 63.68
C ASN G 143 28.79 26.43 64.77
N GLY G 144 29.52 26.26 65.85
CA GLY G 144 29.03 25.49 66.96
C GLY G 144 29.61 24.10 67.11
N LYS G 145 30.36 23.62 66.13
CA LYS G 145 31.09 22.37 66.29
C LYS G 145 32.59 22.67 66.24
N LEU G 146 33.33 22.06 67.15
CA LEU G 146 34.76 22.32 67.25
C LEU G 146 35.52 21.27 66.47
N GLU G 147 36.69 21.66 65.96
CA GLU G 147 37.52 20.76 65.18
C GLU G 147 38.96 21.08 65.52
N ILE G 148 39.84 20.10 65.37
CA ILE G 148 41.27 20.29 65.55
C ILE G 148 41.91 20.36 64.18
N GLN G 149 42.69 21.40 63.94
CA GLN G 149 43.30 21.64 62.63
C GLN G 149 44.81 21.75 62.77
N ASN G 150 45.53 21.00 61.94
CA ASN G 150 46.96 21.16 61.74
C ASN G 150 47.15 22.03 60.52
N THR G 151 48.02 23.01 60.63
CA THR G 151 48.48 23.79 59.48
C THR G 151 49.98 23.70 59.42
N SER G 152 50.51 23.97 58.22
CA SER G 152 51.93 23.89 57.97
C SER G 152 52.57 25.28 57.90
N ASN G 153 53.77 25.39 58.45
CA ASN G 153 54.55 26.62 58.32
C ASN G 153 53.79 27.88 58.75
N ALA G 154 53.42 28.74 57.80
CA ALA G 154 52.72 29.96 58.16
C ALA G 154 51.20 29.83 58.04
N GLU G 155 50.69 28.72 57.52
CA GLU G 155 49.26 28.59 57.28
C GLU G 155 48.44 28.66 58.55
N SER G 156 47.19 29.17 58.41
CA SER G 156 46.46 29.59 59.58
C SER G 156 44.96 29.70 59.34
N PRO G 157 44.12 29.35 60.33
CA PRO G 157 42.67 29.53 60.18
C PRO G 157 42.23 30.98 60.23
N VAL G 158 43.12 31.94 60.48
CA VAL G 158 42.72 33.34 60.39
C VAL G 158 42.24 33.69 58.99
N THR G 159 42.65 32.94 57.96
CA THR G 159 42.12 33.18 56.62
C THR G 159 40.68 32.68 56.48
N LEU G 160 40.29 31.68 57.27
CA LEU G 160 39.07 30.92 57.01
C LEU G 160 37.86 31.50 57.73
N ARG G 161 36.68 31.13 57.26
CA ARG G 161 35.43 31.55 57.90
C ARG G 161 35.15 30.69 59.12
N VAL G 162 36.15 30.52 59.97
CA VAL G 162 36.05 29.82 61.25
C VAL G 162 36.52 30.79 62.32
N THR G 163 36.22 30.48 63.59
CA THR G 163 36.76 31.26 64.70
C THR G 163 37.87 30.50 65.40
N PRO G 164 39.10 31.00 65.35
CA PRO G 164 40.20 30.36 66.08
C PRO G 164 40.03 30.48 67.60
N LEU G 165 40.19 29.36 68.30
CA LEU G 165 40.07 29.32 69.75
C LEU G 165 41.38 29.11 70.49
N LEU G 166 42.31 28.35 69.93
CA LEU G 166 43.51 27.96 70.66
C LEU G 166 44.54 27.46 69.66
N THR G 167 45.81 27.81 69.90
CA THR G 167 46.88 27.26 69.08
C THR G 167 48.09 26.94 69.92
N VAL G 168 48.81 25.92 69.48
CA VAL G 168 50.17 25.67 69.92
C VAL G 168 51.08 25.75 68.70
N ASP G 169 52.19 26.43 68.88
CA ASP G 169 53.20 26.55 67.84
C ASP G 169 54.08 25.33 67.91
N VAL G 170 54.20 24.62 66.79
CA VAL G 170 55.00 23.41 66.80
C VAL G 170 56.21 23.49 65.87
N TRP G 171 56.52 24.70 65.36
CA TRP G 171 57.86 25.00 64.87
C TRP G 171 58.89 24.69 65.95
N GLU G 172 60.01 24.08 65.55
CA GLU G 172 61.00 23.64 66.53
C GLU G 172 61.55 24.80 67.36
N HIS G 173 61.59 26.02 66.82
CA HIS G 173 62.11 27.11 67.64
C HIS G 173 61.21 27.44 68.82
N ALA G 174 59.94 27.04 68.79
CA ALA G 174 59.08 27.33 69.93
C ALA G 174 59.49 26.57 71.19
N TYR G 175 60.25 25.50 71.05
CA TYR G 175 60.53 24.63 72.18
C TYR G 175 61.92 24.01 72.20
N TYR G 176 62.76 24.21 71.18
CA TYR G 176 63.94 23.37 71.10
C TYR G 176 64.95 23.65 72.21
N LEU G 177 65.05 24.90 72.64
CA LEU G 177 66.00 25.18 73.71
C LEU G 177 65.60 24.49 75.00
N ASP G 178 64.31 24.37 75.28
CA ASP G 178 63.88 23.75 76.52
C ASP G 178 63.68 22.25 76.40
N HIS G 179 63.28 21.75 75.22
CA HIS G 179 62.90 20.35 75.13
C HIS G 179 63.65 19.56 74.06
N GLN G 180 64.49 20.19 73.24
CA GLN G 180 65.17 19.54 72.10
C GLN G 180 64.15 18.70 71.33
N ASN G 181 64.41 17.41 71.06
CA ASN G 181 63.54 16.58 70.23
C ASN G 181 62.31 16.06 70.97
N ARG G 182 62.13 16.39 72.25
CA ARG G 182 61.00 15.87 73.04
C ARG G 182 59.77 16.78 72.90
N ARG G 183 59.25 16.84 71.66
CA ARG G 183 58.02 17.57 71.40
C ARG G 183 56.81 17.07 72.20
N PRO G 184 56.58 15.77 72.38
CA PRO G 184 55.47 15.36 73.26
C PRO G 184 55.59 15.94 74.65
N GLU G 185 56.82 15.97 75.18
CA GLU G 185 57.05 16.48 76.52
C GLU G 185 56.82 17.99 76.61
N TYR G 186 57.10 18.72 75.52
CA TYR G 186 56.73 20.12 75.46
C TYR G 186 55.22 20.32 75.50
N LEU G 187 54.47 19.47 74.78
CA LEU G 187 53.04 19.70 74.64
C LEU G 187 52.29 19.44 75.95
N ASN G 188 52.45 18.25 76.53
CA ASN G 188 51.73 17.94 77.77
C ASN G 188 52.09 18.93 78.88
N LYS G 189 53.29 19.49 78.84
CA LYS G 189 53.68 20.60 79.70
C LYS G 189 53.03 21.92 79.28
N TRP G 190 52.84 22.11 77.97
CA TRP G 190 52.23 23.34 77.45
C TRP G 190 50.81 23.53 77.97
N TRP G 191 50.10 22.45 78.30
CA TRP G 191 48.73 22.60 78.77
C TRP G 191 48.65 23.41 80.06
N GLU G 192 49.69 23.34 80.89
CA GLU G 192 49.66 24.04 82.17
C GLU G 192 49.79 25.54 82.02
N VAL G 193 50.08 26.05 80.82
CA VAL G 193 50.17 27.49 80.62
C VAL G 193 49.05 27.98 79.71
N VAL G 194 48.13 27.11 79.31
CA VAL G 194 47.05 27.50 78.41
C VAL G 194 46.15 28.50 79.13
N ASN G 195 45.98 29.66 78.50
CA ASN G 195 45.15 30.73 79.03
C ASN G 195 43.69 30.45 78.67
N TRP G 196 43.02 29.68 79.53
CA TRP G 196 41.63 29.31 79.30
C TRP G 196 40.71 30.52 79.35
N LYS G 197 41.14 31.61 80.00
CA LYS G 197 40.38 32.85 79.92
C LYS G 197 40.25 33.31 78.49
N PHE G 198 41.37 33.28 77.74
CA PHE G 198 41.37 33.78 76.37
C PHE G 198 40.53 32.90 75.46
N VAL G 199 40.64 31.58 75.63
CA VAL G 199 39.85 30.65 74.82
C VAL G 199 38.37 30.98 74.95
N ASP G 200 37.94 31.37 76.16
CA ASP G 200 36.53 31.67 76.42
C ASP G 200 36.03 32.86 75.61
N GLN G 201 36.64 34.04 75.78
CA GLN G 201 36.08 35.17 75.04
C GLN G 201 36.30 35.09 73.53
N GLN G 202 37.10 34.12 73.06
CA GLN G 202 37.11 33.82 71.64
C GLN G 202 35.83 33.12 71.24
N LEU G 203 35.28 32.30 72.13
CA LEU G 203 34.00 31.67 71.88
C LEU G 203 32.89 32.70 71.97
N LYS G 204 32.97 33.61 72.95
CA LYS G 204 31.95 34.65 73.09
C LYS G 204 31.90 35.54 71.85
N GLN G 205 33.07 35.84 71.28
CA GLN G 205 33.18 36.55 70.01
C GLN G 205 34.64 36.67 69.59
N MET H 9 15.35 -28.71 -15.19
CA MET H 9 14.42 -28.70 -16.30
C MET H 9 13.45 -27.51 -16.20
N LEU H 10 12.94 -27.05 -17.33
CA LEU H 10 12.13 -25.85 -17.39
C LEU H 10 10.65 -26.15 -17.24
N PHE H 11 9.92 -25.18 -16.70
CA PHE H 11 8.51 -25.33 -16.38
C PHE H 11 7.66 -25.53 -17.63
N THR H 12 6.56 -26.25 -17.47
CA THR H 12 5.67 -26.55 -18.58
C THR H 12 4.21 -26.37 -18.15
N LEU H 13 3.35 -26.21 -19.15
CA LEU H 13 1.90 -26.22 -18.96
C LEU H 13 1.31 -27.27 -19.87
N ASN H 14 0.27 -27.95 -19.39
CA ASN H 14 -0.53 -28.79 -20.24
C ASN H 14 -1.90 -28.15 -20.43
N ASP H 15 -2.46 -28.36 -21.61
CA ASP H 15 -3.74 -27.74 -21.95
C ASP H 15 -4.79 -28.08 -20.90
N PRO H 16 -5.61 -27.12 -20.49
CA PRO H 16 -6.79 -27.47 -19.70
C PRO H 16 -7.65 -28.46 -20.47
N ALA H 17 -8.21 -29.43 -19.73
CA ALA H 17 -8.96 -30.50 -20.37
C ALA H 17 -10.10 -29.94 -21.19
N TYR H 18 -10.68 -28.82 -20.75
CA TYR H 18 -11.85 -28.24 -21.41
C TYR H 18 -11.46 -27.08 -22.35
N LEU H 19 -10.20 -27.02 -22.78
CA LEU H 19 -9.74 -25.86 -23.55
C LEU H 19 -10.60 -25.62 -24.80
N LYS H 20 -11.00 -26.68 -25.50
CA LYS H 20 -11.75 -26.48 -26.74
C LYS H 20 -13.25 -26.24 -26.50
N THR H 21 -13.77 -26.66 -25.37
CA THR H 21 -15.19 -26.55 -25.12
C THR H 21 -15.60 -25.22 -24.50
N GLY H 22 -14.74 -24.60 -23.68
CA GLY H 22 -15.16 -23.40 -22.99
C GLY H 22 -15.92 -23.73 -21.70
N LEU H 23 -16.40 -22.67 -21.07
CA LEU H 23 -17.20 -22.73 -19.85
C LEU H 23 -18.39 -21.83 -19.99
N GLU H 24 -19.14 -22.03 -21.07
CA GLU H 24 -20.33 -21.24 -21.28
C GLU H 24 -21.30 -21.64 -20.19
N PRO H 25 -22.10 -20.69 -19.70
CA PRO H 25 -22.18 -19.29 -20.14
C PRO H 25 -21.16 -18.33 -19.47
N ALA H 26 -20.16 -18.87 -18.77
CA ALA H 26 -19.23 -18.02 -18.02
C ALA H 26 -18.05 -17.56 -18.88
N ILE H 27 -17.31 -18.50 -19.46
CA ILE H 27 -16.10 -18.17 -20.19
C ILE H 27 -16.11 -18.96 -21.49
N SER H 28 -16.01 -18.25 -22.61
CA SER H 28 -16.07 -18.86 -23.93
C SER H 28 -14.75 -19.54 -24.26
N ALA H 29 -14.81 -20.45 -25.24
CA ALA H 29 -13.60 -21.09 -25.73
C ALA H 29 -12.65 -20.08 -26.37
N LYS H 30 -13.20 -19.01 -26.96
CA LYS H 30 -12.34 -17.97 -27.53
C LYS H 30 -11.55 -17.26 -26.43
N THR H 31 -12.25 -16.83 -25.38
CA THR H 31 -11.58 -16.20 -24.26
C THR H 31 -10.51 -17.13 -23.71
N LEU H 32 -10.84 -18.42 -23.61
CA LEU H 32 -9.88 -19.39 -23.11
C LEU H 32 -8.71 -19.53 -24.06
N ASP H 33 -8.94 -19.25 -25.35
CA ASP H 33 -7.86 -19.33 -26.33
C ASP H 33 -6.81 -18.25 -26.08
N PHE H 34 -7.26 -17.00 -25.95
CA PHE H 34 -6.34 -15.91 -25.64
C PHE H 34 -5.86 -16.00 -24.19
N HIS H 35 -6.74 -16.41 -23.27
CA HIS H 35 -6.36 -16.45 -21.86
C HIS H 35 -5.29 -17.49 -21.59
N PHE H 36 -5.44 -18.69 -22.17
CA PHE H 36 -4.44 -19.71 -21.93
C PHE H 36 -3.29 -19.62 -22.92
N ASN H 37 -3.61 -19.62 -24.22
CA ASN H 37 -2.55 -19.67 -25.23
C ASN H 37 -1.81 -18.34 -25.34
N GLY H 38 -2.45 -17.23 -24.96
CA GLY H 38 -1.79 -15.95 -24.93
C GLY H 38 -1.11 -15.63 -23.61
N HIS H 39 -1.90 -15.20 -22.62
CA HIS H 39 -1.32 -14.69 -21.38
C HIS H 39 -0.56 -15.78 -20.61
N HIS H 40 -1.19 -16.92 -20.35
CA HIS H 40 -0.61 -17.93 -19.47
C HIS H 40 0.70 -18.48 -20.04
N LYS H 41 0.74 -18.74 -21.35
CA LYS H 41 1.98 -19.19 -21.97
C LYS H 41 3.03 -18.10 -22.03
N THR H 42 2.59 -16.84 -22.11
CA THR H 42 3.54 -15.73 -22.04
C THR H 42 4.21 -15.69 -20.67
N TYR H 43 3.42 -15.78 -19.59
CA TYR H 43 4.00 -15.84 -18.25
C TYR H 43 4.96 -17.02 -18.12
N LEU H 44 4.65 -18.14 -18.77
CA LEU H 44 5.50 -19.31 -18.69
C LEU H 44 6.87 -19.05 -19.32
N ASN H 45 6.89 -18.48 -20.52
CA ASN H 45 8.15 -18.26 -21.22
C ASN H 45 9.03 -17.25 -20.50
N LYS H 46 8.42 -16.20 -19.93
CA LYS H 46 9.20 -15.19 -19.24
C LYS H 46 9.77 -15.74 -17.94
N THR H 47 8.96 -16.48 -17.18
CA THR H 47 9.49 -17.21 -16.03
C THR H 47 10.68 -18.08 -16.45
N ASN H 48 10.51 -18.83 -17.54
CA ASN H 48 11.59 -19.68 -18.03
C ASN H 48 12.81 -18.86 -18.43
N ASP H 49 12.59 -17.69 -19.06
CA ASP H 49 13.70 -16.85 -19.47
C ASP H 49 14.48 -16.33 -18.26
N LEU H 50 13.78 -15.99 -17.18
CA LEU H 50 14.45 -15.36 -16.05
C LEU H 50 15.23 -16.34 -15.20
N VAL H 51 14.78 -17.59 -15.08
CA VAL H 51 15.46 -18.57 -14.22
C VAL H 51 16.58 -19.29 -14.93
N LYS H 52 16.80 -19.03 -16.22
CA LYS H 52 17.78 -19.74 -17.02
C LYS H 52 19.15 -19.07 -16.86
N GLY H 53 20.16 -19.87 -16.50
CA GLY H 53 21.48 -19.37 -16.15
C GLY H 53 21.63 -18.88 -14.72
N THR H 54 20.63 -19.09 -13.87
CA THR H 54 20.63 -18.58 -12.49
C THR H 54 20.56 -19.73 -11.47
N SER H 55 20.75 -19.35 -10.19
CA SER H 55 20.72 -20.31 -9.09
C SER H 55 19.33 -20.89 -8.85
N LEU H 56 18.32 -20.40 -9.55
CA LEU H 56 16.97 -20.90 -9.38
C LEU H 56 16.67 -22.09 -10.29
N GLU H 57 17.59 -22.45 -11.18
CA GLU H 57 17.42 -23.65 -11.97
C GLU H 57 17.32 -24.86 -11.05
N ASN H 58 16.22 -25.60 -11.19
CA ASN H 58 15.86 -26.85 -10.48
C ASN H 58 14.82 -26.59 -9.41
N LYS H 59 14.54 -25.32 -9.10
CA LYS H 59 13.73 -25.03 -7.94
C LYS H 59 12.25 -25.06 -8.34
N SER H 60 11.40 -25.42 -7.40
CA SER H 60 9.99 -25.44 -7.73
C SER H 60 9.48 -24.02 -7.96
N LEU H 61 8.34 -23.93 -8.64
CA LEU H 61 7.77 -22.62 -8.92
C LEU H 61 7.52 -21.85 -7.62
N GLU H 62 7.10 -22.57 -6.57
CA GLU H 62 6.83 -21.94 -5.28
C GLU H 62 8.11 -21.37 -4.67
N ASP H 63 9.23 -22.10 -4.76
CA ASP H 63 10.48 -21.54 -4.27
C ASP H 63 10.85 -20.29 -5.05
N VAL H 64 10.68 -20.32 -6.38
CA VAL H 64 10.98 -19.15 -7.21
C VAL H 64 10.11 -17.97 -6.81
N ILE H 65 8.83 -18.23 -6.56
CA ILE H 65 7.93 -17.15 -6.18
C ILE H 65 8.35 -16.56 -4.83
N LEU H 66 8.68 -17.42 -3.86
CA LEU H 66 9.09 -16.91 -2.57
C LEU H 66 10.44 -16.20 -2.65
N VAL H 67 11.34 -16.69 -3.49
CA VAL H 67 12.60 -16.00 -3.71
C VAL H 67 12.38 -14.65 -4.38
N ALA H 68 11.52 -14.59 -5.39
CA ALA H 68 11.25 -13.31 -6.04
C ALA H 68 10.61 -12.35 -5.06
N LYS H 69 9.68 -12.85 -4.25
CA LYS H 69 8.96 -11.98 -3.31
C LYS H 69 9.89 -11.46 -2.22
N THR H 70 10.77 -12.31 -1.67
CA THR H 70 11.59 -11.84 -0.57
C THR H 70 12.72 -10.93 -1.04
N THR H 71 13.20 -11.11 -2.27
CA THR H 71 14.26 -10.28 -2.82
C THR H 71 13.74 -9.10 -3.61
N ASN H 72 12.42 -8.89 -3.64
CA ASN H 72 11.81 -7.76 -4.32
C ASN H 72 12.18 -7.75 -5.81
N ASN H 73 12.04 -8.90 -6.46
CA ASN H 73 12.34 -9.03 -7.89
C ASN H 73 11.01 -8.98 -8.62
N ALA H 74 10.65 -7.78 -9.11
CA ALA H 74 9.30 -7.55 -9.63
C ALA H 74 9.03 -8.36 -10.90
N ALA H 75 9.95 -8.33 -11.86
CA ALA H 75 9.76 -9.07 -13.10
C ALA H 75 9.64 -10.57 -12.83
N LEU H 76 10.50 -11.11 -11.97
CA LEU H 76 10.41 -12.52 -11.66
C LEU H 76 9.13 -12.81 -10.86
N PHE H 77 8.78 -11.94 -9.91
CA PHE H 77 7.58 -12.17 -9.13
C PHE H 77 6.32 -12.10 -9.99
N ASN H 78 6.23 -11.08 -10.83
CA ASN H 78 5.00 -10.90 -11.62
C ASN H 78 4.77 -12.07 -12.57
N ASN H 79 5.83 -12.58 -13.18
CA ASN H 79 5.61 -13.63 -14.17
C ASN H 79 5.40 -14.98 -13.49
N ALA H 80 6.25 -15.33 -12.52
CA ALA H 80 6.14 -16.63 -11.88
C ALA H 80 4.83 -16.79 -11.11
N THR H 81 4.38 -15.74 -10.44
CA THR H 81 3.15 -15.84 -9.67
C THR H 81 1.90 -15.84 -10.56
N GLN H 82 1.91 -15.06 -11.65
CA GLN H 82 0.82 -15.18 -12.61
C GLN H 82 0.82 -16.56 -13.23
N LEU H 83 2.02 -17.14 -13.43
CA LEU H 83 2.11 -18.51 -13.94
C LEU H 83 1.44 -19.48 -13.00
N TRP H 84 1.60 -19.29 -11.68
CA TRP H 84 0.92 -20.13 -10.70
C TRP H 84 -0.56 -19.78 -10.64
N ASN H 85 -0.88 -18.49 -10.67
CA ASN H 85 -2.26 -18.06 -10.46
C ASN H 85 -3.20 -18.66 -11.50
N HIS H 86 -2.76 -18.70 -12.77
CA HIS H 86 -3.65 -19.20 -13.83
C HIS H 86 -3.87 -20.71 -13.72
N SER H 87 -2.82 -21.48 -13.39
CA SER H 87 -2.99 -22.92 -13.18
C SER H 87 -4.01 -23.18 -12.09
N PHE H 88 -3.89 -22.48 -10.95
CA PHE H 88 -4.86 -22.64 -9.87
C PHE H 88 -6.25 -22.24 -10.36
N PHE H 89 -6.33 -21.21 -11.21
CA PHE H 89 -7.60 -20.76 -11.75
C PHE H 89 -8.31 -21.84 -12.57
N TRP H 90 -7.57 -22.53 -13.44
CA TRP H 90 -8.21 -23.54 -14.28
C TRP H 90 -8.77 -24.70 -13.44
N ASP H 91 -8.02 -25.15 -12.44
CA ASP H 91 -8.50 -26.26 -11.64
C ASP H 91 -9.74 -25.87 -10.85
N CYS H 92 -9.93 -24.58 -10.60
CA CYS H 92 -11.08 -24.09 -9.87
C CYS H 92 -12.36 -24.12 -10.68
N MET H 93 -12.31 -24.45 -11.97
CA MET H 93 -13.51 -24.39 -12.79
C MET H 93 -13.71 -25.71 -13.51
N ALA H 94 -14.96 -25.92 -13.94
CA ALA H 94 -15.37 -27.10 -14.67
C ALA H 94 -16.65 -26.76 -15.41
N PRO H 95 -16.97 -27.47 -16.50
CA PRO H 95 -18.24 -27.22 -17.18
C PRO H 95 -19.43 -27.39 -16.24
N THR H 96 -20.51 -26.64 -16.53
CA THR H 96 -21.61 -26.52 -15.58
C THR H 96 -22.18 -27.88 -15.16
N ASN H 97 -22.11 -28.88 -16.04
CA ASN H 97 -22.64 -30.20 -15.73
C ASN H 97 -21.65 -31.05 -14.93
N GLN H 98 -20.47 -30.51 -14.61
CA GLN H 98 -19.40 -31.27 -13.96
C GLN H 98 -18.81 -30.54 -12.75
N THR H 99 -19.60 -29.65 -12.14
CA THR H 99 -19.08 -28.80 -11.08
C THR H 99 -19.01 -29.49 -9.71
N GLY H 100 -19.77 -30.56 -9.49
CA GLY H 100 -19.85 -31.12 -8.15
C GLY H 100 -20.64 -30.20 -7.24
N GLN H 101 -20.63 -30.57 -5.95
CA GLN H 101 -21.44 -29.88 -4.96
C GLN H 101 -20.58 -29.38 -3.82
N ILE H 102 -21.15 -28.48 -3.03
CA ILE H 102 -20.49 -28.06 -1.81
C ILE H 102 -20.65 -29.16 -0.77
N SER H 103 -19.52 -29.70 -0.29
CA SER H 103 -19.52 -30.82 0.65
C SER H 103 -20.02 -30.38 2.02
N PRO H 104 -20.48 -31.34 2.85
CA PRO H 104 -20.91 -30.96 4.21
C PRO H 104 -19.80 -30.29 5.00
N GLU H 105 -18.55 -30.74 4.88
CA GLU H 105 -17.43 -30.09 5.56
C GLU H 105 -17.36 -28.61 5.19
N LEU H 106 -17.16 -28.35 3.89
CA LEU H 106 -17.00 -26.98 3.40
C LEU H 106 -18.24 -26.14 3.72
N GLU H 107 -19.42 -26.75 3.62
CA GLU H 107 -20.65 -26.02 3.93
C GLU H 107 -20.68 -25.57 5.40
N LYS H 108 -20.20 -26.41 6.30
CA LYS H 108 -20.11 -25.98 7.70
C LYS H 108 -19.14 -24.84 7.86
N LEU H 109 -17.97 -24.91 7.24
CA LEU H 109 -17.00 -23.82 7.39
C LEU H 109 -17.47 -22.56 6.69
N ILE H 110 -18.25 -22.67 5.61
CA ILE H 110 -18.78 -21.48 4.94
C ILE H 110 -19.77 -20.74 5.84
N LYS H 111 -20.68 -21.46 6.49
CA LYS H 111 -21.66 -20.75 7.30
C LYS H 111 -21.09 -20.33 8.65
N GLU H 112 -20.16 -21.12 9.20
CA GLU H 112 -19.40 -20.65 10.36
C GLU H 112 -18.70 -19.33 10.06
N SER H 113 -18.09 -19.21 8.89
CA SER H 113 -17.31 -18.01 8.57
C SER H 113 -18.13 -16.91 7.93
N PHE H 114 -19.23 -17.26 7.25
CA PHE H 114 -19.96 -16.27 6.45
C PHE H 114 -21.47 -16.28 6.71
N GLY H 115 -21.97 -17.13 7.60
CA GLY H 115 -23.39 -17.19 7.87
C GLY H 115 -24.16 -18.21 7.06
N SER H 116 -24.09 -18.10 5.73
CA SER H 116 -24.74 -19.03 4.81
C SER H 116 -23.96 -19.03 3.51
N VAL H 117 -24.21 -20.05 2.68
CA VAL H 117 -23.60 -20.07 1.35
C VAL H 117 -24.08 -18.87 0.53
N ALA H 118 -25.36 -18.50 0.69
CA ALA H 118 -25.90 -17.33 -0.01
C ALA H 118 -25.16 -16.07 0.38
N ASP H 119 -24.93 -15.87 1.68
CA ASP H 119 -24.18 -14.68 2.12
C ASP H 119 -22.73 -14.74 1.67
N PHE H 120 -22.13 -15.93 1.68
CA PHE H 120 -20.76 -16.09 1.19
C PHE H 120 -20.65 -15.69 -0.27
N LYS H 121 -21.50 -16.25 -1.12
CA LYS H 121 -21.42 -15.98 -2.56
C LYS H 121 -21.61 -14.50 -2.82
N LYS H 122 -22.66 -13.91 -2.26
CA LYS H 122 -22.83 -12.47 -2.32
C LYS H 122 -21.57 -11.71 -1.88
N LYS H 123 -20.93 -12.15 -0.79
CA LYS H 123 -19.82 -11.32 -0.32
C LYS H 123 -18.54 -11.61 -1.10
N PHE H 124 -18.27 -12.88 -1.42
CA PHE H 124 -17.20 -13.17 -2.37
C PHE H 124 -17.43 -12.39 -3.67
N THR H 125 -18.66 -12.39 -4.17
CA THR H 125 -18.98 -11.70 -5.42
C THR H 125 -18.83 -10.19 -5.27
N ASP H 126 -19.38 -9.63 -4.18
CA ASP H 126 -19.23 -8.20 -3.93
C ASP H 126 -17.77 -7.82 -3.80
N SER H 127 -16.97 -8.71 -3.24
CA SER H 127 -15.53 -8.48 -3.10
C SER H 127 -14.84 -8.41 -4.45
N ALA H 128 -15.15 -9.36 -5.35
CA ALA H 128 -14.52 -9.37 -6.68
C ALA H 128 -14.93 -8.15 -7.48
N ILE H 129 -16.18 -7.72 -7.34
CA ILE H 129 -16.62 -6.50 -8.02
C ILE H 129 -15.83 -5.31 -7.51
N ALA H 130 -15.57 -5.27 -6.19
CA ALA H 130 -14.87 -4.15 -5.58
C ALA H 130 -13.35 -4.19 -5.78
N ASN H 131 -12.82 -5.28 -6.34
CA ASN H 131 -11.39 -5.45 -6.52
C ASN H 131 -10.97 -4.58 -7.70
N PHE H 132 -10.54 -3.35 -7.39
CA PHE H 132 -10.38 -2.30 -8.40
C PHE H 132 -9.16 -2.54 -9.26
N GLY H 133 -9.34 -2.45 -10.58
CA GLY H 133 -8.23 -2.71 -11.48
C GLY H 133 -8.06 -4.20 -11.74
N SER H 134 -6.83 -4.59 -12.04
CA SER H 134 -6.47 -5.98 -12.25
C SER H 134 -6.17 -6.67 -10.93
N GLY H 135 -6.54 -7.95 -10.83
CA GLY H 135 -6.27 -8.69 -9.63
C GLY H 135 -7.07 -9.98 -9.58
N TRP H 136 -7.14 -10.54 -8.38
CA TRP H 136 -7.73 -11.85 -8.12
C TRP H 136 -8.50 -11.79 -6.82
N THR H 137 -9.56 -12.58 -6.72
CA THR H 137 -10.33 -12.68 -5.48
C THR H 137 -10.32 -14.13 -5.02
N TRP H 138 -9.96 -14.35 -3.75
CA TRP H 138 -9.65 -15.68 -3.25
C TRP H 138 -10.52 -16.05 -2.06
N LEU H 139 -10.72 -17.37 -1.89
CA LEU H 139 -11.20 -17.95 -0.65
C LEU H 139 -10.01 -18.72 -0.06
N VAL H 140 -9.63 -18.39 1.17
CA VAL H 140 -8.45 -19.04 1.74
C VAL H 140 -8.85 -19.71 3.06
N ASN H 141 -8.10 -20.76 3.39
CA ASN H 141 -8.26 -21.52 4.62
C ASN H 141 -7.10 -21.23 5.56
N ILE H 142 -7.41 -20.64 6.72
CA ILE H 142 -6.40 -20.33 7.72
C ILE H 142 -6.61 -21.25 8.91
N ASN H 143 -6.00 -22.44 8.88
CA ASN H 143 -6.04 -23.37 10.00
C ASN H 143 -7.48 -23.63 10.45
N GLY H 144 -8.40 -23.70 9.49
CA GLY H 144 -9.78 -23.99 9.79
C GLY H 144 -10.71 -22.80 9.78
N LYS H 145 -10.18 -21.58 9.65
CA LYS H 145 -11.00 -20.38 9.51
C LYS H 145 -10.85 -19.83 8.09
N LEU H 146 -11.97 -19.61 7.42
CA LEU H 146 -11.94 -19.19 6.03
C LEU H 146 -12.14 -17.68 5.92
N GLU H 147 -11.54 -17.09 4.88
CA GLU H 147 -11.60 -15.65 4.66
C GLU H 147 -11.61 -15.36 3.16
N ILE H 148 -12.12 -14.19 2.83
CA ILE H 148 -12.11 -13.69 1.45
C ILE H 148 -10.98 -12.67 1.31
N GLN H 149 -10.13 -12.85 0.31
CA GLN H 149 -8.98 -11.97 0.11
C GLN H 149 -8.96 -11.38 -1.29
N ASN H 150 -8.81 -10.06 -1.37
CA ASN H 150 -8.52 -9.39 -2.64
C ASN H 150 -7.02 -9.15 -2.79
N THR H 151 -6.48 -9.50 -3.95
CA THR H 151 -5.11 -9.14 -4.30
C THR H 151 -5.09 -8.38 -5.61
N SER H 152 -4.00 -7.64 -5.80
CA SER H 152 -3.79 -6.81 -6.97
C SER H 152 -2.80 -7.44 -7.93
N ASN H 153 -3.06 -7.26 -9.21
CA ASN H 153 -2.15 -7.69 -10.27
C ASN H 153 -1.78 -9.15 -10.13
N ALA H 154 -0.52 -9.45 -9.82
CA ALA H 154 -0.07 -10.83 -9.68
C ALA H 154 -0.06 -11.32 -8.23
N GLU H 155 -0.40 -10.47 -7.26
CA GLU H 155 -0.32 -10.87 -5.86
C GLU H 155 -1.27 -12.06 -5.58
N SER H 156 -0.88 -12.90 -4.63
CA SER H 156 -1.47 -14.22 -4.48
C SER H 156 -1.17 -14.76 -3.11
N PRO H 157 -2.11 -15.55 -2.50
CA PRO H 157 -1.84 -16.18 -1.22
C PRO H 157 -0.89 -17.35 -1.27
N VAL H 158 -0.43 -17.74 -2.47
CA VAL H 158 0.55 -18.82 -2.59
C VAL H 158 1.86 -18.48 -1.87
N THR H 159 2.17 -17.21 -1.67
CA THR H 159 3.33 -16.83 -0.87
C THR H 159 3.07 -16.96 0.63
N LEU H 160 1.81 -16.98 1.05
CA LEU H 160 1.42 -16.86 2.45
C LEU H 160 1.25 -18.24 3.09
N ARG H 161 1.33 -18.26 4.42
CA ARG H 161 1.09 -19.49 5.18
C ARG H 161 -0.40 -19.76 5.30
N VAL H 162 -1.09 -19.77 4.16
CA VAL H 162 -2.49 -20.14 4.08
C VAL H 162 -2.62 -21.17 2.98
N THR H 163 -3.72 -21.90 3.00
CA THR H 163 -4.02 -22.82 1.92
C THR H 163 -5.13 -22.21 1.08
N PRO H 164 -4.85 -21.92 -0.18
CA PRO H 164 -5.87 -21.37 -1.10
C PRO H 164 -6.90 -22.42 -1.50
N LEU H 165 -8.18 -22.02 -1.46
CA LEU H 165 -9.29 -22.89 -1.85
C LEU H 165 -9.94 -22.56 -3.18
N LEU H 166 -10.04 -21.28 -3.55
CA LEU H 166 -10.80 -20.93 -4.75
C LEU H 166 -10.41 -19.52 -5.17
N THR H 167 -10.32 -19.29 -6.48
CA THR H 167 -10.06 -17.95 -6.97
C THR H 167 -10.85 -17.64 -8.23
N VAL H 168 -11.19 -16.36 -8.38
CA VAL H 168 -11.68 -15.85 -9.64
C VAL H 168 -10.71 -14.78 -10.12
N ASP H 169 -10.39 -14.83 -11.39
CA ASP H 169 -9.52 -13.85 -12.02
C ASP H 169 -10.35 -12.68 -12.50
N VAL H 170 -10.04 -11.48 -12.01
CA VAL H 170 -10.77 -10.30 -12.45
C VAL H 170 -9.88 -9.32 -13.23
N TRP H 171 -8.70 -9.76 -13.69
CA TRP H 171 -8.07 -9.08 -14.83
C TRP H 171 -9.10 -8.94 -15.94
N GLU H 172 -9.11 -7.78 -16.60
CA GLU H 172 -10.16 -7.58 -17.59
C GLU H 172 -10.06 -8.59 -18.73
N HIS H 173 -8.86 -9.07 -19.04
CA HIS H 173 -8.75 -10.06 -20.12
C HIS H 173 -9.42 -11.38 -19.77
N ALA H 174 -9.66 -11.63 -18.49
CA ALA H 174 -10.32 -12.88 -18.14
C ALA H 174 -11.76 -12.91 -18.63
N TYR H 175 -12.35 -11.75 -18.86
CA TYR H 175 -13.78 -11.71 -19.11
C TYR H 175 -14.22 -10.72 -20.18
N TYR H 176 -13.31 -9.92 -20.73
CA TYR H 176 -13.76 -8.79 -21.53
C TYR H 176 -14.40 -9.23 -22.84
N LEU H 177 -13.88 -10.29 -23.46
CA LEU H 177 -14.44 -10.73 -24.72
C LEU H 177 -15.87 -11.21 -24.57
N ASP H 178 -16.20 -11.82 -23.43
CA ASP H 178 -17.53 -12.37 -23.24
C ASP H 178 -18.49 -11.40 -22.56
N HIS H 179 -18.00 -10.52 -21.69
CA HIS H 179 -18.90 -9.68 -20.90
C HIS H 179 -18.56 -8.20 -20.98
N GLN H 180 -17.47 -7.84 -21.65
CA GLN H 180 -16.98 -6.47 -21.69
C GLN H 180 -17.03 -5.88 -20.28
N ASN H 181 -17.67 -4.74 -20.12
CA ASN H 181 -17.63 -4.05 -18.84
C ASN H 181 -18.54 -4.66 -17.78
N ARG H 182 -19.28 -5.73 -18.12
CA ARG H 182 -20.25 -6.35 -17.20
C ARG H 182 -19.55 -7.39 -16.32
N ARG H 183 -18.63 -6.92 -15.47
CA ARG H 183 -17.98 -7.83 -14.53
C ARG H 183 -18.97 -8.52 -13.59
N PRO H 184 -19.99 -7.85 -13.03
CA PRO H 184 -20.97 -8.60 -12.22
C PRO H 184 -21.60 -9.77 -12.96
N GLU H 185 -21.93 -9.60 -14.24
CA GLU H 185 -22.54 -10.70 -15.00
C GLU H 185 -21.54 -11.83 -15.21
N TYR H 186 -20.26 -11.49 -15.41
CA TYR H 186 -19.24 -12.54 -15.48
C TYR H 186 -19.18 -13.32 -14.18
N LEU H 187 -19.20 -12.61 -13.06
CA LEU H 187 -19.12 -13.31 -11.77
C LEU H 187 -20.40 -14.09 -11.50
N ASN H 188 -21.55 -13.49 -11.80
CA ASN H 188 -22.84 -14.16 -11.63
C ASN H 188 -22.83 -15.53 -12.32
N LYS H 189 -22.43 -15.54 -13.60
CA LYS H 189 -22.32 -16.78 -14.37
C LYS H 189 -21.07 -17.57 -14.03
N TRP H 190 -20.05 -16.94 -13.43
CA TRP H 190 -18.86 -17.71 -13.07
C TRP H 190 -19.18 -18.73 -11.99
N TRP H 191 -20.18 -18.44 -11.15
CA TRP H 191 -20.51 -19.39 -10.09
C TRP H 191 -20.97 -20.74 -10.64
N GLU H 192 -21.58 -20.76 -11.83
CA GLU H 192 -22.05 -22.03 -12.38
C GLU H 192 -20.92 -22.92 -12.87
N VAL H 193 -19.70 -22.42 -12.94
CA VAL H 193 -18.60 -23.24 -13.41
C VAL H 193 -17.60 -23.52 -12.30
N VAL H 194 -17.92 -23.12 -11.07
CA VAL H 194 -17.01 -23.34 -9.96
C VAL H 194 -16.84 -24.83 -9.76
N ASN H 195 -15.59 -25.30 -9.82
CA ASN H 195 -15.31 -26.71 -9.63
C ASN H 195 -15.29 -26.92 -8.11
N TRP H 196 -16.50 -27.09 -7.56
CA TRP H 196 -16.67 -27.29 -6.14
C TRP H 196 -16.08 -28.60 -5.66
N LYS H 197 -15.92 -29.57 -6.54
CA LYS H 197 -15.10 -30.72 -6.17
C LYS H 197 -13.69 -30.29 -5.79
N PHE H 198 -13.09 -29.42 -6.61
CA PHE H 198 -11.69 -29.04 -6.42
C PHE H 198 -11.51 -28.26 -5.12
N VAL H 199 -12.42 -27.31 -4.86
CA VAL H 199 -12.35 -26.50 -3.63
C VAL H 199 -12.34 -27.39 -2.40
N ASP H 200 -13.18 -28.43 -2.40
CA ASP H 200 -13.22 -29.38 -1.27
C ASP H 200 -11.93 -30.19 -1.15
N GLN H 201 -11.32 -30.60 -2.28
CA GLN H 201 -10.04 -31.30 -2.20
C GLN H 201 -8.96 -30.42 -1.61
N GLN H 202 -8.98 -29.12 -1.93
CA GLN H 202 -8.00 -28.20 -1.36
C GLN H 202 -8.14 -28.14 0.16
N LEU H 203 -9.35 -28.38 0.64
CA LEU H 203 -9.66 -28.34 2.06
C LEU H 203 -8.97 -29.46 2.83
N LYS H 204 -8.75 -30.61 2.18
CA LYS H 204 -7.95 -31.67 2.75
C LYS H 204 -6.47 -31.40 2.46
N GLN H 205 -5.62 -32.36 2.86
CA GLN H 205 -4.16 -32.35 2.64
C GLN H 205 -3.53 -31.02 2.23
N MET I 9 -44.86 -31.93 -14.06
CA MET I 9 -44.76 -30.52 -13.63
C MET I 9 -45.31 -29.60 -14.72
N LEU I 10 -45.92 -28.49 -14.32
CA LEU I 10 -46.53 -27.59 -15.29
C LEU I 10 -45.71 -26.32 -15.46
N PHE I 11 -45.90 -25.69 -16.60
CA PHE I 11 -45.03 -24.60 -17.05
C PHE I 11 -45.18 -23.37 -16.17
N THR I 12 -44.08 -22.64 -16.03
CA THR I 12 -44.05 -21.44 -15.20
C THR I 12 -43.30 -20.35 -15.96
N LEU I 13 -43.53 -19.12 -15.52
CA LEU I 13 -42.84 -17.96 -16.04
C LEU I 13 -42.23 -17.16 -14.89
N ASN I 14 -41.06 -16.57 -15.14
CA ASN I 14 -40.50 -15.57 -14.24
C ASN I 14 -40.61 -14.20 -14.87
N ASP I 15 -40.75 -13.19 -14.02
CA ASP I 15 -40.80 -11.82 -14.50
C ASP I 15 -39.56 -11.51 -15.33
N PRO I 16 -39.72 -10.82 -16.45
CA PRO I 16 -38.54 -10.28 -17.14
C PRO I 16 -37.75 -9.39 -16.19
N ALA I 17 -36.43 -9.39 -16.34
CA ALA I 17 -35.61 -8.60 -15.43
C ALA I 17 -35.98 -7.12 -15.46
N TYR I 18 -36.38 -6.62 -16.63
CA TYR I 18 -36.72 -5.21 -16.81
C TYR I 18 -38.22 -4.96 -16.76
N LEU I 19 -38.98 -5.89 -16.17
CA LEU I 19 -40.43 -5.79 -16.21
C LEU I 19 -40.93 -4.47 -15.63
N LYS I 20 -40.32 -4.00 -14.53
CA LYS I 20 -40.71 -2.74 -13.92
C LYS I 20 -40.05 -1.54 -14.58
N THR I 21 -38.81 -1.69 -15.04
CA THR I 21 -38.05 -0.57 -15.56
C THR I 21 -38.48 -0.20 -16.97
N GLY I 22 -38.99 -1.15 -17.75
CA GLY I 22 -39.32 -0.88 -19.13
C GLY I 22 -38.10 -1.07 -20.02
N LEU I 23 -38.29 -0.74 -21.30
CA LEU I 23 -37.23 -0.78 -22.30
C LEU I 23 -37.28 0.48 -23.16
N GLU I 24 -37.30 1.64 -22.50
CA GLU I 24 -37.36 2.91 -23.20
C GLU I 24 -36.10 3.08 -24.03
N PRO I 25 -36.19 3.75 -25.19
CA PRO I 25 -37.40 4.37 -25.73
C PRO I 25 -38.26 3.42 -26.60
N ALA I 26 -37.92 2.12 -26.61
CA ALA I 26 -38.60 1.19 -27.50
C ALA I 26 -39.93 0.70 -26.92
N ILE I 27 -39.94 0.18 -25.69
CA ILE I 27 -41.14 -0.41 -25.12
C ILE I 27 -41.27 0.08 -23.67
N SER I 28 -42.40 0.69 -23.35
CA SER I 28 -42.62 1.29 -22.02
C SER I 28 -42.94 0.22 -20.98
N ALA I 29 -42.74 0.60 -19.71
CA ALA I 29 -43.10 -0.30 -18.61
C ALA I 29 -44.59 -0.60 -18.59
N LYS I 30 -45.44 0.36 -18.99
CA LYS I 30 -46.86 0.08 -19.13
C LYS I 30 -47.14 -1.04 -20.13
N THR I 31 -46.36 -1.08 -21.23
CA THR I 31 -46.62 -2.06 -22.26
C THR I 31 -46.19 -3.46 -21.79
N LEU I 32 -45.09 -3.52 -21.06
CA LEU I 32 -44.62 -4.78 -20.51
C LEU I 32 -45.58 -5.34 -19.48
N ASP I 33 -46.35 -4.47 -18.81
CA ASP I 33 -47.36 -4.99 -17.89
C ASP I 33 -48.42 -5.75 -18.66
N PHE I 34 -48.99 -5.11 -19.69
CA PHE I 34 -49.99 -5.77 -20.51
C PHE I 34 -49.38 -6.88 -21.36
N HIS I 35 -48.16 -6.70 -21.82
CA HIS I 35 -47.53 -7.68 -22.71
C HIS I 35 -47.24 -8.99 -21.99
N PHE I 36 -46.67 -8.91 -20.78
CA PHE I 36 -46.28 -10.08 -20.00
C PHE I 36 -47.39 -10.59 -19.10
N ASN I 37 -47.92 -9.72 -18.24
CA ASN I 37 -48.93 -10.13 -17.27
C ASN I 37 -50.29 -10.40 -17.93
N GLY I 38 -50.55 -9.78 -19.08
CA GLY I 38 -51.75 -10.09 -19.83
C GLY I 38 -51.55 -11.22 -20.82
N HIS I 39 -50.93 -10.90 -21.96
CA HIS I 39 -50.86 -11.86 -23.05
C HIS I 39 -50.05 -13.09 -22.65
N HIS I 40 -48.83 -12.88 -22.15
CA HIS I 40 -47.92 -14.00 -21.92
C HIS I 40 -48.46 -14.95 -20.84
N LYS I 41 -48.98 -14.41 -19.75
CA LYS I 41 -49.56 -15.27 -18.72
C LYS I 41 -50.84 -15.94 -19.19
N THR I 42 -51.59 -15.29 -20.08
CA THR I 42 -52.74 -15.94 -20.70
C THR I 42 -52.28 -17.15 -21.51
N TYR I 43 -51.26 -16.98 -22.35
CA TYR I 43 -50.74 -18.11 -23.12
C TYR I 43 -50.26 -19.22 -22.19
N LEU I 44 -49.64 -18.87 -21.06
CA LEU I 44 -49.13 -19.88 -20.13
C LEU I 44 -50.27 -20.67 -19.48
N ASN I 45 -51.32 -19.97 -19.04
CA ASN I 45 -52.44 -20.64 -18.40
C ASN I 45 -53.21 -21.51 -19.39
N LYS I 46 -53.54 -20.96 -20.57
CA LYS I 46 -54.23 -21.77 -21.58
C LYS I 46 -53.40 -22.99 -21.94
N THR I 47 -52.07 -22.83 -21.98
CA THR I 47 -51.19 -23.97 -22.23
C THR I 47 -51.30 -25.00 -21.11
N ASN I 48 -51.18 -24.56 -19.86
CA ASN I 48 -51.29 -25.47 -18.73
C ASN I 48 -52.66 -26.12 -18.68
N ASP I 49 -53.71 -25.35 -19.00
CA ASP I 49 -55.06 -25.90 -19.04
C ASP I 49 -55.19 -26.96 -20.13
N LEU I 50 -54.53 -26.76 -21.28
CA LEU I 50 -54.63 -27.73 -22.36
C LEU I 50 -53.82 -29.00 -22.11
N VAL I 51 -52.72 -28.93 -21.37
CA VAL I 51 -51.91 -30.13 -21.15
C VAL I 51 -52.34 -30.94 -19.93
N LYS I 52 -53.12 -30.35 -19.01
CA LYS I 52 -53.49 -31.03 -17.78
C LYS I 52 -54.20 -32.36 -18.06
N GLY I 53 -53.79 -33.41 -17.33
CA GLY I 53 -54.48 -34.68 -17.37
C GLY I 53 -54.31 -35.49 -18.64
N THR I 54 -53.43 -35.08 -19.53
CA THR I 54 -53.18 -35.73 -20.80
C THR I 54 -51.76 -36.28 -20.83
N SER I 55 -51.43 -37.00 -21.89
CA SER I 55 -50.10 -37.54 -22.08
C SER I 55 -49.05 -36.47 -22.32
N LEU I 56 -49.42 -35.18 -22.39
CA LEU I 56 -48.46 -34.10 -22.59
C LEU I 56 -47.87 -33.61 -21.28
N GLU I 57 -48.39 -34.11 -20.16
CA GLU I 57 -47.75 -33.93 -18.85
C GLU I 57 -46.27 -34.27 -18.81
N ASN I 58 -45.51 -33.36 -18.19
CA ASN I 58 -44.07 -33.46 -17.89
C ASN I 58 -43.21 -33.46 -19.15
N LYS I 59 -43.77 -33.15 -20.29
CA LYS I 59 -42.93 -32.97 -21.46
C LYS I 59 -42.44 -31.53 -21.53
N SER I 60 -41.29 -31.35 -22.16
CA SER I 60 -40.76 -30.02 -22.35
C SER I 60 -41.69 -29.22 -23.27
N LEU I 61 -41.57 -27.89 -23.19
CA LEU I 61 -42.43 -27.03 -24.00
C LEU I 61 -42.18 -27.28 -25.48
N GLU I 62 -40.93 -27.57 -25.85
CA GLU I 62 -40.59 -27.85 -27.23
C GLU I 62 -41.26 -29.13 -27.72
N ASP I 63 -41.33 -30.16 -26.88
CA ASP I 63 -42.05 -31.38 -27.24
C ASP I 63 -43.55 -31.10 -27.43
N VAL I 64 -44.14 -30.29 -26.53
CA VAL I 64 -45.56 -29.97 -26.64
C VAL I 64 -45.85 -29.28 -27.97
N ILE I 65 -44.98 -28.36 -28.37
CA ILE I 65 -45.16 -27.62 -29.62
C ILE I 65 -45.05 -28.55 -30.83
N LEU I 66 -44.05 -29.43 -30.82
CA LEU I 66 -43.91 -30.32 -31.98
C LEU I 66 -45.06 -31.33 -32.04
N VAL I 67 -45.60 -31.77 -30.89
CA VAL I 67 -46.78 -32.63 -30.93
C VAL I 67 -47.96 -31.84 -31.50
N ALA I 68 -48.16 -30.62 -31.00
CA ALA I 68 -49.26 -29.81 -31.48
C ALA I 68 -49.14 -29.53 -32.98
N LYS I 69 -47.91 -29.30 -33.46
CA LYS I 69 -47.71 -28.99 -34.88
C LYS I 69 -47.98 -30.18 -35.79
N THR I 70 -47.43 -31.35 -35.47
CA THR I 70 -47.57 -32.50 -36.38
C THR I 70 -48.97 -33.10 -36.39
N THR I 71 -49.71 -32.96 -35.29
CA THR I 71 -51.08 -33.45 -35.19
C THR I 71 -52.11 -32.38 -35.52
N ASN I 72 -51.66 -31.20 -35.97
CA ASN I 72 -52.55 -30.12 -36.41
C ASN I 72 -53.52 -29.70 -35.29
N ASN I 73 -52.97 -29.46 -34.10
CA ASN I 73 -53.77 -29.05 -32.94
C ASN I 73 -53.62 -27.53 -32.78
N ALA I 74 -54.58 -26.77 -33.32
CA ALA I 74 -54.42 -25.33 -33.44
C ALA I 74 -54.37 -24.65 -32.07
N ALA I 75 -55.35 -24.95 -31.21
CA ALA I 75 -55.43 -24.30 -29.90
C ALA I 75 -54.19 -24.58 -29.08
N LEU I 76 -53.72 -25.83 -29.10
CA LEU I 76 -52.53 -26.18 -28.35
C LEU I 76 -51.30 -25.53 -28.95
N PHE I 77 -51.18 -25.57 -30.28
CA PHE I 77 -50.04 -24.96 -30.94
C PHE I 77 -49.99 -23.47 -30.73
N ASN I 78 -51.14 -22.79 -30.90
CA ASN I 78 -51.13 -21.32 -30.80
C ASN I 78 -50.68 -20.87 -29.42
N ASN I 79 -51.16 -21.54 -28.36
CA ASN I 79 -50.83 -21.11 -27.00
C ASN I 79 -49.42 -21.53 -26.60
N ALA I 80 -49.08 -22.78 -26.85
CA ALA I 80 -47.78 -23.29 -26.44
C ALA I 80 -46.65 -22.59 -27.19
N THR I 81 -46.86 -22.31 -28.48
CA THR I 81 -45.82 -21.63 -29.26
C THR I 81 -45.75 -20.14 -28.90
N GLN I 82 -46.91 -19.50 -28.67
CA GLN I 82 -46.86 -18.13 -28.17
C GLN I 82 -46.19 -18.07 -26.80
N LEU I 83 -46.40 -19.09 -25.97
CA LEU I 83 -45.72 -19.12 -24.68
C LEU I 83 -44.20 -19.16 -24.87
N TRP I 84 -43.73 -19.96 -25.83
CA TRP I 84 -42.31 -20.03 -26.14
C TRP I 84 -41.81 -18.74 -26.79
N ASN I 85 -42.56 -18.22 -27.77
CA ASN I 85 -42.09 -17.04 -28.52
C ASN I 85 -41.85 -15.85 -27.61
N HIS I 86 -42.74 -15.62 -26.66
CA HIS I 86 -42.58 -14.47 -25.79
C HIS I 86 -41.39 -14.66 -24.85
N SER I 87 -41.19 -15.86 -24.34
CA SER I 87 -40.01 -16.15 -23.51
C SER I 87 -38.71 -15.90 -24.28
N PHE I 88 -38.64 -16.34 -25.54
CA PHE I 88 -37.47 -16.06 -26.37
C PHE I 88 -37.35 -14.56 -26.64
N PHE I 89 -38.48 -13.89 -26.88
CA PHE I 89 -38.51 -12.46 -27.15
C PHE I 89 -37.93 -11.66 -25.99
N TRP I 90 -38.30 -12.03 -24.75
CA TRP I 90 -37.79 -11.31 -23.60
C TRP I 90 -36.28 -11.44 -23.49
N ASP I 91 -35.76 -12.64 -23.79
CA ASP I 91 -34.31 -12.84 -23.77
C ASP I 91 -33.60 -12.03 -24.85
N CYS I 92 -34.31 -11.65 -25.92
CA CYS I 92 -33.73 -10.87 -27.01
C CYS I 92 -33.55 -9.39 -26.70
N MET I 93 -34.00 -8.89 -25.56
CA MET I 93 -33.93 -7.47 -25.30
C MET I 93 -33.30 -7.19 -23.94
N ALA I 94 -32.81 -5.96 -23.78
CA ALA I 94 -32.17 -5.47 -22.57
C ALA I 94 -32.26 -3.96 -22.55
N PRO I 95 -32.20 -3.33 -21.38
CA PRO I 95 -32.21 -1.87 -21.31
C PRO I 95 -31.07 -1.24 -22.12
N THR I 96 -31.30 0.03 -22.46
CA THR I 96 -30.52 0.75 -23.48
C THR I 96 -29.01 0.69 -23.30
N ASN I 97 -28.49 0.33 -22.13
CA ASN I 97 -27.04 0.17 -22.03
C ASN I 97 -26.69 -1.05 -21.19
N GLN I 98 -27.41 -2.14 -21.43
CA GLN I 98 -27.02 -3.50 -21.04
C GLN I 98 -27.07 -4.46 -22.23
N THR I 99 -27.02 -3.92 -23.46
CA THR I 99 -27.23 -4.70 -24.67
C THR I 99 -26.00 -5.44 -25.16
N GLY I 100 -24.80 -4.96 -24.85
CA GLY I 100 -23.64 -5.50 -25.51
C GLY I 100 -23.61 -5.03 -26.96
N GLN I 101 -22.74 -5.65 -27.74
CA GLN I 101 -22.58 -5.30 -29.15
C GLN I 101 -22.50 -6.58 -29.98
N ILE I 102 -22.69 -6.39 -31.29
CA ILE I 102 -22.56 -7.49 -32.24
C ILE I 102 -21.15 -8.05 -32.18
N SER I 103 -21.05 -9.34 -31.92
CA SER I 103 -19.73 -9.95 -31.81
C SER I 103 -19.08 -10.06 -33.18
N PRO I 104 -17.74 -10.19 -33.22
CA PRO I 104 -17.05 -10.40 -34.51
C PRO I 104 -17.53 -11.62 -35.26
N GLU I 105 -17.71 -12.74 -34.55
CA GLU I 105 -18.31 -13.92 -35.17
C GLU I 105 -19.63 -13.57 -35.84
N LEU I 106 -20.55 -12.98 -35.08
CA LEU I 106 -21.85 -12.64 -35.65
C LEU I 106 -21.75 -11.64 -36.82
N GLU I 107 -20.85 -10.66 -36.72
CA GLU I 107 -20.68 -9.72 -37.83
C GLU I 107 -20.16 -10.41 -39.08
N LYS I 108 -19.27 -11.38 -38.91
CA LYS I 108 -18.76 -12.13 -40.05
C LYS I 108 -19.91 -12.84 -40.79
N LEU I 109 -20.79 -13.51 -40.04
CA LEU I 109 -21.90 -14.19 -40.72
C LEU I 109 -22.93 -13.21 -41.26
N ILE I 110 -23.12 -12.06 -40.63
CA ILE I 110 -24.07 -11.09 -41.17
C ILE I 110 -23.61 -10.58 -42.52
N LYS I 111 -22.31 -10.25 -42.65
CA LYS I 111 -21.80 -9.74 -43.92
C LYS I 111 -21.89 -10.78 -45.01
N GLU I 112 -21.56 -12.02 -44.69
CA GLU I 112 -21.61 -13.10 -45.66
C GLU I 112 -22.99 -13.21 -46.31
N SER I 113 -24.06 -13.12 -45.52
CA SER I 113 -25.41 -13.34 -46.04
C SER I 113 -26.13 -12.06 -46.48
N PHE I 114 -25.73 -10.90 -45.96
CA PHE I 114 -26.46 -9.66 -46.22
C PHE I 114 -25.59 -8.49 -46.67
N GLY I 115 -24.28 -8.67 -46.83
CA GLY I 115 -23.41 -7.59 -47.26
C GLY I 115 -22.82 -6.77 -46.14
N SER I 116 -23.66 -6.17 -45.29
CA SER I 116 -23.18 -5.37 -44.16
C SER I 116 -24.18 -5.45 -43.02
N VAL I 117 -23.71 -5.05 -41.83
CA VAL I 117 -24.60 -4.98 -40.68
C VAL I 117 -25.71 -3.96 -40.92
N ALA I 118 -25.37 -2.82 -41.51
CA ALA I 118 -26.39 -1.82 -41.83
C ALA I 118 -27.42 -2.37 -42.82
N ASP I 119 -26.94 -3.04 -43.87
CA ASP I 119 -27.87 -3.58 -44.87
C ASP I 119 -28.76 -4.68 -44.28
N PHE I 120 -28.21 -5.52 -43.40
CA PHE I 120 -29.04 -6.49 -42.68
C PHE I 120 -30.14 -5.78 -41.91
N LYS I 121 -29.77 -4.75 -41.15
CA LYS I 121 -30.73 -4.06 -40.29
C LYS I 121 -31.89 -3.49 -41.10
N LYS I 122 -31.59 -2.88 -42.25
CA LYS I 122 -32.65 -2.45 -43.17
C LYS I 122 -33.47 -3.64 -43.66
N LYS I 123 -32.78 -4.70 -44.11
CA LYS I 123 -33.47 -5.87 -44.65
C LYS I 123 -34.31 -6.56 -43.58
N PHE I 124 -33.83 -6.58 -42.34
CA PHE I 124 -34.60 -7.12 -41.22
C PHE I 124 -35.78 -6.21 -40.88
N THR I 125 -35.55 -4.90 -40.86
CA THR I 125 -36.58 -3.93 -40.52
C THR I 125 -37.70 -3.94 -41.56
N ASP I 126 -37.32 -3.93 -42.84
CA ASP I 126 -38.27 -3.95 -43.95
C ASP I 126 -39.12 -5.21 -43.93
N SER I 127 -38.52 -6.35 -43.63
CA SER I 127 -39.29 -7.57 -43.52
C SER I 127 -40.30 -7.44 -42.38
N ALA I 128 -39.88 -6.85 -41.27
CA ALA I 128 -40.77 -6.68 -40.12
C ALA I 128 -41.91 -5.72 -40.44
N ILE I 129 -41.62 -4.64 -41.18
CA ILE I 129 -42.69 -3.72 -41.59
C ILE I 129 -43.66 -4.42 -42.53
N ALA I 130 -43.13 -5.24 -43.45
CA ALA I 130 -43.93 -5.89 -44.49
C ALA I 130 -44.69 -7.12 -44.00
N ASN I 131 -44.47 -7.58 -42.76
CA ASN I 131 -45.14 -8.77 -42.23
C ASN I 131 -46.58 -8.40 -41.87
N PHE I 132 -47.51 -8.68 -42.78
CA PHE I 132 -48.87 -8.16 -42.68
C PHE I 132 -49.67 -8.85 -41.57
N GLY I 133 -50.35 -8.07 -40.74
CA GLY I 133 -51.11 -8.66 -39.64
C GLY I 133 -50.22 -8.96 -38.45
N SER I 134 -50.64 -9.96 -37.67
CA SER I 134 -49.86 -10.40 -36.52
C SER I 134 -48.77 -11.36 -36.94
N GLY I 135 -47.65 -11.31 -36.24
CA GLY I 135 -46.58 -12.25 -36.54
C GLY I 135 -45.27 -11.86 -35.92
N TRP I 136 -44.21 -12.45 -36.44
CA TRP I 136 -42.88 -12.33 -35.88
C TRP I 136 -41.88 -12.28 -37.02
N THR I 137 -40.77 -11.57 -36.83
CA THR I 137 -39.67 -11.59 -37.80
C THR I 137 -38.43 -12.09 -37.09
N TRP I 138 -37.77 -13.05 -37.69
CA TRP I 138 -36.70 -13.79 -37.05
C TRP I 138 -35.43 -13.68 -37.87
N LEU I 139 -34.30 -13.78 -37.18
CA LEU I 139 -33.01 -14.08 -37.80
C LEU I 139 -32.64 -15.50 -37.38
N VAL I 140 -32.40 -16.37 -38.36
CA VAL I 140 -32.14 -17.77 -38.08
C VAL I 140 -30.80 -18.16 -38.68
N ASN I 141 -30.16 -19.14 -38.05
CA ASN I 141 -28.90 -19.70 -38.50
C ASN I 141 -29.18 -21.10 -39.05
N ILE I 142 -28.87 -21.29 -40.32
CA ILE I 142 -29.03 -22.59 -40.95
C ILE I 142 -27.65 -23.16 -41.25
N ASN I 143 -27.10 -23.91 -40.29
CA ASN I 143 -25.80 -24.58 -40.45
C ASN I 143 -24.71 -23.61 -40.91
N GLY I 144 -24.75 -22.39 -40.41
CA GLY I 144 -23.74 -21.40 -40.76
C GLY I 144 -24.19 -20.34 -41.74
N LYS I 145 -25.40 -20.45 -42.31
CA LYS I 145 -25.95 -19.45 -43.21
C LYS I 145 -27.13 -18.76 -42.54
N LEU I 146 -27.15 -17.43 -42.57
CA LEU I 146 -28.19 -16.69 -41.88
C LEU I 146 -29.31 -16.31 -42.84
N GLU I 147 -30.52 -16.26 -42.32
CA GLU I 147 -31.69 -15.96 -43.12
C GLU I 147 -32.67 -15.17 -42.27
N ILE I 148 -33.49 -14.37 -42.94
CA ILE I 148 -34.59 -13.66 -42.32
C ILE I 148 -35.87 -14.41 -42.65
N GLN I 149 -36.70 -14.66 -41.64
CA GLN I 149 -37.96 -15.39 -41.80
C GLN I 149 -39.10 -14.58 -41.20
N ASN I 150 -40.20 -14.46 -41.93
CA ASN I 150 -41.44 -13.93 -41.38
C ASN I 150 -42.36 -15.09 -40.99
N THR I 151 -42.98 -14.99 -39.83
CA THR I 151 -44.06 -15.93 -39.51
C THR I 151 -45.31 -15.16 -39.11
N SER I 152 -46.43 -15.83 -39.28
CA SER I 152 -47.73 -15.25 -38.99
C SER I 152 -48.25 -15.80 -37.68
N ASN I 153 -48.93 -14.94 -36.92
CA ASN I 153 -49.56 -15.34 -35.66
C ASN I 153 -48.61 -16.05 -34.71
N ALA I 154 -48.82 -17.35 -34.47
CA ALA I 154 -48.01 -18.08 -33.50
C ALA I 154 -46.87 -18.88 -34.14
N GLU I 155 -46.80 -18.95 -35.47
CA GLU I 155 -45.77 -19.76 -36.11
C GLU I 155 -44.36 -19.27 -35.79
N SER I 156 -43.41 -20.20 -35.80
CA SER I 156 -42.13 -19.94 -35.17
C SER I 156 -41.05 -20.90 -35.63
N PRO I 157 -39.81 -20.46 -35.77
CA PRO I 157 -38.73 -21.40 -36.11
C PRO I 157 -38.35 -22.36 -34.98
N VAL I 158 -38.96 -22.24 -33.79
CA VAL I 158 -38.71 -23.24 -32.74
C VAL I 158 -39.07 -24.63 -33.25
N THR I 159 -40.01 -24.72 -34.19
CA THR I 159 -40.39 -26.00 -34.77
C THR I 159 -39.36 -26.54 -35.75
N LEU I 160 -38.54 -25.67 -36.34
CA LEU I 160 -37.68 -26.02 -37.47
C LEU I 160 -36.26 -26.39 -37.04
N ARG I 161 -35.62 -27.24 -37.84
CA ARG I 161 -34.21 -27.60 -37.66
C ARG I 161 -33.27 -26.43 -37.96
N VAL I 162 -33.48 -25.31 -37.29
CA VAL I 162 -32.63 -24.13 -37.39
C VAL I 162 -32.44 -23.58 -35.98
N THR I 163 -31.47 -22.67 -35.83
CA THR I 163 -31.29 -21.97 -34.58
C THR I 163 -31.85 -20.57 -34.63
N PRO I 164 -32.90 -20.26 -33.88
CA PRO I 164 -33.36 -18.86 -33.79
C PRO I 164 -32.32 -18.04 -33.04
N LEU I 165 -31.97 -16.89 -33.62
CA LEU I 165 -30.99 -15.99 -33.02
C LEU I 165 -31.61 -14.72 -32.44
N LEU I 166 -32.70 -14.22 -33.02
CA LEU I 166 -33.27 -12.92 -32.69
C LEU I 166 -34.71 -12.86 -33.19
N THR I 167 -35.58 -12.19 -32.44
CA THR I 167 -36.94 -11.98 -32.92
C THR I 167 -37.46 -10.61 -32.51
N VAL I 168 -38.33 -10.07 -33.35
CA VAL I 168 -39.17 -8.94 -32.99
C VAL I 168 -40.63 -9.36 -33.14
N ASP I 169 -41.42 -9.00 -32.15
CA ASP I 169 -42.84 -9.27 -32.14
C ASP I 169 -43.54 -8.13 -32.88
N VAL I 170 -44.32 -8.45 -33.91
CA VAL I 170 -45.02 -7.38 -34.63
C VAL I 170 -46.53 -7.53 -34.52
N TRP I 171 -47.02 -8.39 -33.63
CA TRP I 171 -48.39 -8.24 -33.13
C TRP I 171 -48.58 -6.81 -32.64
N GLU I 172 -49.77 -6.26 -32.91
CA GLU I 172 -49.97 -4.84 -32.62
C GLU I 172 -49.89 -4.55 -31.13
N HIS I 173 -50.28 -5.52 -30.27
CA HIS I 173 -50.19 -5.27 -28.83
C HIS I 173 -48.76 -5.08 -28.36
N ALA I 174 -47.77 -5.52 -29.14
CA ALA I 174 -46.41 -5.34 -28.68
C ALA I 174 -45.98 -3.87 -28.68
N TYR I 175 -46.67 -3.01 -29.45
CA TYR I 175 -46.23 -1.63 -29.60
C TYR I 175 -47.33 -0.59 -29.68
N TYR I 176 -48.61 -0.97 -29.66
CA TYR I 176 -49.65 -0.01 -30.01
C TYR I 176 -49.82 1.07 -28.94
N LEU I 177 -49.63 0.75 -27.67
CA LEU I 177 -49.78 1.75 -26.62
C LEU I 177 -48.70 2.82 -26.70
N ASP I 178 -47.48 2.46 -27.08
CA ASP I 178 -46.43 3.47 -27.13
C ASP I 178 -46.31 4.12 -28.49
N HIS I 179 -46.55 3.37 -29.57
CA HIS I 179 -46.32 3.86 -30.92
C HIS I 179 -47.52 3.74 -31.84
N GLN I 180 -48.61 3.08 -31.41
CA GLN I 180 -49.78 2.78 -32.21
C GLN I 180 -49.42 2.37 -33.64
N ASN I 181 -49.95 3.04 -34.66
CA ASN I 181 -49.81 2.54 -36.03
C ASN I 181 -48.43 2.75 -36.62
N ARG I 182 -47.50 3.40 -35.91
CA ARG I 182 -46.17 3.68 -36.45
C ARG I 182 -45.23 2.51 -36.17
N ARG I 183 -45.56 1.35 -36.74
CA ARG I 183 -44.70 0.19 -36.57
C ARG I 183 -43.26 0.44 -37.00
N PRO I 184 -42.94 1.14 -38.11
CA PRO I 184 -41.52 1.42 -38.40
C PRO I 184 -40.83 2.19 -37.29
N GLU I 185 -41.51 3.14 -36.67
CA GLU I 185 -40.88 3.87 -35.57
C GLU I 185 -40.64 2.95 -34.38
N TYR I 186 -41.53 1.98 -34.17
CA TYR I 186 -41.29 0.95 -33.16
C TYR I 186 -40.06 0.12 -33.51
N LEU I 187 -39.93 -0.27 -34.77
CA LEU I 187 -38.85 -1.16 -35.16
C LEU I 187 -37.50 -0.47 -35.11
N ASN I 188 -37.42 0.76 -35.62
CA ASN I 188 -36.14 1.47 -35.59
C ASN I 188 -35.69 1.74 -34.16
N LYS I 189 -36.62 2.13 -33.27
CA LYS I 189 -36.32 2.24 -31.85
C LYS I 189 -35.91 0.89 -31.26
N TRP I 190 -36.70 -0.17 -31.53
CA TRP I 190 -36.42 -1.51 -31.00
C TRP I 190 -34.96 -1.93 -31.12
N TRP I 191 -34.26 -1.40 -32.12
CA TRP I 191 -32.86 -1.73 -32.32
C TRP I 191 -31.98 -1.31 -31.14
N GLU I 192 -32.37 -0.28 -30.39
CA GLU I 192 -31.55 0.17 -29.27
C GLU I 192 -31.64 -0.72 -28.04
N VAL I 193 -32.60 -1.66 -28.00
CA VAL I 193 -32.76 -2.55 -26.85
C VAL I 193 -32.42 -3.99 -27.20
N VAL I 194 -31.91 -4.25 -28.40
CA VAL I 194 -31.58 -5.61 -28.79
C VAL I 194 -30.44 -6.11 -27.92
N ASN I 195 -30.66 -7.24 -27.25
CA ASN I 195 -29.69 -7.87 -26.35
C ASN I 195 -28.75 -8.72 -27.20
N TRP I 196 -27.73 -8.05 -27.77
CA TRP I 196 -26.80 -8.72 -28.69
C TRP I 196 -25.95 -9.77 -27.99
N LYS I 197 -25.80 -9.67 -26.67
CA LYS I 197 -25.15 -10.74 -25.92
C LYS I 197 -25.92 -12.04 -26.05
N PHE I 198 -27.25 -11.98 -25.88
CA PHE I 198 -28.09 -13.17 -26.00
C PHE I 198 -28.06 -13.71 -27.42
N VAL I 199 -28.15 -12.83 -28.41
CA VAL I 199 -28.09 -13.25 -29.81
C VAL I 199 -26.79 -13.99 -30.07
N ASP I 200 -25.68 -13.48 -29.54
CA ASP I 200 -24.39 -14.18 -29.74
C ASP I 200 -24.36 -15.50 -29.00
N GLN I 201 -25.08 -15.64 -27.88
CA GLN I 201 -25.14 -16.92 -27.19
C GLN I 201 -25.94 -17.94 -28.00
N GLN I 202 -27.05 -17.49 -28.61
CA GLN I 202 -27.81 -18.34 -29.51
C GLN I 202 -26.96 -18.89 -30.64
N LEU I 203 -26.00 -18.10 -31.11
CA LEU I 203 -25.16 -18.53 -32.24
C LEU I 203 -24.18 -19.61 -31.82
N LYS I 204 -23.70 -19.59 -30.58
CA LYS I 204 -22.67 -20.51 -30.16
C LYS I 204 -23.20 -21.80 -29.55
N GLN I 205 -24.48 -21.87 -29.20
CA GLN I 205 -25.06 -23.06 -28.60
C GLN I 205 -26.14 -23.63 -29.51
N MET J 9 -58.14 12.49 -58.95
CA MET J 9 -58.99 11.32 -59.11
C MET J 9 -58.88 10.40 -57.89
N LEU J 10 -58.36 9.18 -58.11
CA LEU J 10 -58.02 8.24 -57.05
C LEU J 10 -59.27 7.68 -56.35
N PHE J 11 -59.11 6.60 -55.58
CA PHE J 11 -60.12 6.24 -54.60
C PHE J 11 -60.05 7.26 -53.46
N THR J 12 -61.19 7.50 -52.79
CA THR J 12 -61.22 8.48 -51.71
C THR J 12 -62.01 7.96 -50.51
N LEU J 13 -61.74 8.54 -49.35
CA LEU J 13 -62.51 8.30 -48.13
C LEU J 13 -62.99 9.61 -47.54
N ASN J 14 -64.17 9.55 -46.96
CA ASN J 14 -64.72 10.63 -46.18
C ASN J 14 -64.71 10.27 -44.71
N ASP J 15 -64.48 11.27 -43.88
CA ASP J 15 -64.47 11.06 -42.44
C ASP J 15 -65.80 10.46 -42.00
N PRO J 16 -65.80 9.47 -41.13
CA PRO J 16 -67.04 9.04 -40.48
C PRO J 16 -67.70 10.21 -39.77
N ALA J 17 -69.03 10.18 -39.75
CA ALA J 17 -69.76 11.27 -39.10
C ALA J 17 -69.35 11.43 -37.65
N TYR J 18 -68.99 10.34 -36.99
CA TYR J 18 -68.63 10.36 -35.59
C TYR J 18 -67.11 10.39 -35.37
N LEU J 19 -66.35 10.78 -36.40
CA LEU J 19 -64.89 10.70 -36.31
C LEU J 19 -64.35 11.51 -35.14
N LYS J 20 -64.95 12.66 -34.85
CA LYS J 20 -64.47 13.48 -33.75
C LYS J 20 -65.18 13.19 -32.44
N THR J 21 -66.44 12.75 -32.47
CA THR J 21 -67.17 12.54 -31.22
C THR J 21 -66.86 11.18 -30.60
N GLY J 22 -66.50 10.19 -31.40
CA GLY J 22 -66.25 8.86 -30.89
C GLY J 22 -67.49 8.00 -30.79
N LEU J 23 -67.29 6.79 -30.27
CA LEU J 23 -68.36 5.81 -30.08
C LEU J 23 -68.26 5.17 -28.71
N GLU J 24 -68.16 6.01 -27.68
CA GLU J 24 -68.10 5.50 -26.31
C GLU J 24 -69.42 4.80 -26.00
N PRO J 25 -69.39 3.77 -25.12
CA PRO J 25 -68.22 3.29 -24.38
C PRO J 25 -67.43 2.23 -25.14
N ALA J 26 -67.75 2.03 -26.42
CA ALA J 26 -67.12 0.95 -27.18
C ALA J 26 -65.75 1.36 -27.73
N ILE J 27 -65.71 2.42 -28.52
CA ILE J 27 -64.48 2.86 -29.17
C ILE J 27 -64.42 4.38 -29.09
N SER J 28 -63.30 4.88 -28.55
CA SER J 28 -63.12 6.31 -28.33
C SER J 28 -62.75 7.02 -29.62
N ALA J 29 -62.94 8.34 -29.61
CA ALA J 29 -62.47 9.16 -30.72
C ALA J 29 -60.95 9.12 -30.83
N LYS J 30 -60.24 8.98 -29.70
CA LYS J 30 -58.78 8.82 -29.75
C LYS J 30 -58.40 7.56 -30.50
N THR J 31 -59.17 6.48 -30.33
CA THR J 31 -58.90 5.27 -31.09
C THR J 31 -59.30 5.48 -32.55
N LEU J 32 -60.43 6.15 -32.78
CA LEU J 32 -60.88 6.39 -34.14
C LEU J 32 -59.94 7.31 -34.91
N ASP J 33 -59.21 8.17 -34.20
CA ASP J 33 -58.25 9.02 -34.87
C ASP J 33 -57.14 8.18 -35.49
N PHE J 34 -56.56 7.26 -34.71
CA PHE J 34 -55.57 6.35 -35.26
C PHE J 34 -56.23 5.33 -36.19
N HIS J 35 -57.43 4.88 -35.83
CA HIS J 35 -58.11 3.82 -36.57
C HIS J 35 -58.47 4.28 -37.98
N PHE J 36 -58.99 5.50 -38.12
CA PHE J 36 -59.38 6.07 -39.40
C PHE J 36 -58.24 6.86 -40.04
N ASN J 37 -57.67 7.81 -39.31
CA ASN J 37 -56.66 8.68 -39.91
C ASN J 37 -55.35 7.96 -40.15
N GLY J 38 -55.06 6.93 -39.36
CA GLY J 38 -53.88 6.12 -39.55
C GLY J 38 -54.05 4.93 -40.49
N HIS J 39 -54.70 3.87 -39.99
CA HIS J 39 -54.76 2.62 -40.74
C HIS J 39 -55.58 2.80 -42.01
N HIS J 40 -56.81 3.29 -41.88
CA HIS J 40 -57.68 3.37 -43.04
C HIS J 40 -57.10 4.34 -44.09
N LYS J 41 -56.56 5.51 -43.69
CA LYS J 41 -55.95 6.35 -44.72
C LYS J 41 -54.66 5.72 -45.30
N THR J 42 -53.92 4.94 -44.52
CA THR J 42 -52.75 4.28 -45.10
C THR J 42 -53.15 3.22 -46.14
N TYR J 43 -54.15 2.39 -45.81
CA TYR J 43 -54.66 1.43 -46.79
C TYR J 43 -55.13 2.13 -48.06
N LEU J 44 -55.75 3.31 -47.90
CA LEU J 44 -56.24 4.06 -49.05
C LEU J 44 -55.09 4.55 -49.92
N ASN J 45 -54.01 5.04 -49.30
CA ASN J 45 -52.89 5.57 -50.08
C ASN J 45 -52.22 4.46 -50.88
N LYS J 46 -52.00 3.29 -50.26
CA LYS J 46 -51.28 2.22 -50.94
C LYS J 46 -52.16 1.44 -51.92
N THR J 47 -53.47 1.36 -51.68
CA THR J 47 -54.39 0.93 -52.73
C THR J 47 -54.25 1.83 -53.95
N ASN J 48 -54.35 3.14 -53.74
CA ASN J 48 -54.24 4.10 -54.84
C ASN J 48 -52.87 4.02 -55.51
N ASP J 49 -51.80 3.88 -54.72
CA ASP J 49 -50.47 3.81 -55.31
C ASP J 49 -50.29 2.56 -56.17
N LEU J 50 -50.87 1.44 -55.74
CA LEU J 50 -50.66 0.22 -56.50
C LEU J 50 -51.51 0.20 -57.78
N VAL J 51 -52.72 0.78 -57.74
CA VAL J 51 -53.57 0.78 -58.92
C VAL J 51 -53.40 2.02 -59.80
N LYS J 52 -52.44 2.90 -59.48
CA LYS J 52 -52.24 4.08 -60.31
C LYS J 52 -51.33 3.75 -61.48
N GLY J 53 -51.75 4.15 -62.68
CA GLY J 53 -50.89 3.85 -63.80
C GLY J 53 -50.88 2.42 -64.28
N THR J 54 -51.79 1.56 -63.81
CA THR J 54 -51.77 0.17 -64.25
C THR J 54 -53.06 -0.08 -65.02
N SER J 55 -53.24 -1.32 -65.48
CA SER J 55 -54.51 -1.66 -66.09
C SER J 55 -55.68 -1.67 -65.09
N LEU J 56 -55.45 -1.50 -63.77
CA LEU J 56 -56.56 -1.49 -62.81
C LEU J 56 -57.13 -0.09 -62.55
N GLU J 57 -56.48 0.95 -63.07
CA GLU J 57 -57.01 2.31 -63.06
C GLU J 57 -58.46 2.43 -63.53
N ASN J 58 -59.17 3.40 -62.94
CA ASN J 58 -60.52 3.78 -63.37
C ASN J 58 -61.47 2.59 -63.26
N LYS J 59 -61.29 1.78 -62.22
CA LYS J 59 -62.14 0.63 -61.97
C LYS J 59 -62.54 0.61 -60.50
N SER J 60 -63.68 -0.02 -60.23
CA SER J 60 -64.24 -0.09 -58.87
C SER J 60 -63.35 -0.88 -57.92
N LEU J 61 -63.55 -0.64 -56.63
CA LEU J 61 -62.78 -1.30 -55.59
C LEU J 61 -63.07 -2.79 -55.55
N GLU J 62 -64.35 -3.16 -55.75
CA GLU J 62 -64.70 -4.58 -55.77
C GLU J 62 -64.03 -5.29 -56.94
N ASP J 63 -63.95 -4.63 -58.09
CA ASP J 63 -63.24 -5.23 -59.22
C ASP J 63 -61.76 -5.40 -58.91
N VAL J 64 -61.16 -4.41 -58.26
CA VAL J 64 -59.75 -4.48 -57.90
C VAL J 64 -59.50 -5.60 -56.90
N ILE J 65 -60.39 -5.74 -55.91
CA ILE J 65 -60.22 -6.79 -54.90
C ILE J 65 -60.31 -8.17 -55.55
N LEU J 66 -61.28 -8.37 -56.46
CA LEU J 66 -61.44 -9.66 -57.11
C LEU J 66 -60.28 -9.96 -58.07
N VAL J 67 -59.71 -8.93 -58.70
CA VAL J 67 -58.53 -9.14 -59.54
C VAL J 67 -57.33 -9.52 -58.68
N ALA J 68 -57.14 -8.86 -57.55
CA ALA J 68 -56.05 -9.20 -56.65
C ALA J 68 -56.16 -10.62 -56.11
N LYS J 69 -57.38 -11.04 -55.72
CA LYS J 69 -57.57 -12.39 -55.19
C LYS J 69 -57.39 -13.45 -56.28
N THR J 70 -57.92 -13.19 -57.48
CA THR J 70 -57.82 -14.18 -58.55
C THR J 70 -56.41 -14.26 -59.12
N THR J 71 -55.65 -13.19 -59.09
CA THR J 71 -54.28 -13.22 -59.55
C THR J 71 -53.28 -13.41 -58.43
N ASN J 72 -53.76 -13.60 -57.19
CA ASN J 72 -52.91 -13.85 -56.03
C ASN J 72 -51.88 -12.73 -55.84
N ASN J 73 -52.37 -11.49 -55.92
CA ASN J 73 -51.54 -10.30 -55.74
C ASN J 73 -51.74 -9.86 -54.30
N ALA J 74 -50.80 -10.26 -53.43
CA ALA J 74 -51.00 -10.13 -52.00
C ALA J 74 -51.04 -8.67 -51.56
N ALA J 75 -50.07 -7.87 -52.00
CA ALA J 75 -50.04 -6.46 -51.59
C ALA J 75 -51.29 -5.74 -52.06
N LEU J 76 -51.71 -6.00 -53.30
CA LEU J 76 -52.92 -5.36 -53.77
C LEU J 76 -54.14 -5.86 -53.00
N PHE J 77 -54.20 -7.16 -52.75
CA PHE J 77 -55.34 -7.71 -52.03
C PHE J 77 -55.42 -7.17 -50.60
N ASN J 78 -54.28 -7.15 -49.89
CA ASN J 78 -54.34 -6.75 -48.49
C ASN J 78 -54.82 -5.31 -48.34
N ASN J 79 -54.35 -4.42 -49.21
CA ASN J 79 -54.69 -3.01 -49.05
C ASN J 79 -56.10 -2.73 -49.56
N ALA J 80 -56.45 -3.28 -50.73
CA ALA J 80 -57.76 -3.01 -51.32
C ALA J 80 -58.88 -3.60 -50.48
N THR J 81 -58.70 -4.82 -49.97
CA THR J 81 -59.74 -5.44 -49.17
C THR J 81 -59.80 -4.85 -47.76
N GLN J 82 -58.64 -4.53 -47.17
CA GLN J 82 -58.66 -3.80 -45.90
C GLN J 82 -59.34 -2.45 -46.07
N LEU J 83 -59.13 -1.83 -47.23
CA LEU J 83 -59.78 -0.55 -47.49
C LEU J 83 -61.29 -0.70 -47.48
N TRP J 84 -61.80 -1.76 -48.12
CA TRP J 84 -63.24 -2.01 -48.10
C TRP J 84 -63.73 -2.40 -46.72
N ASN J 85 -62.97 -3.26 -46.02
CA ASN J 85 -63.47 -3.77 -44.74
C ASN J 85 -63.73 -2.64 -43.75
N HIS J 86 -62.83 -1.66 -43.69
CA HIS J 86 -62.98 -0.61 -42.69
C HIS J 86 -64.16 0.30 -43.04
N SER J 87 -64.32 0.63 -44.33
CA SER J 87 -65.48 1.40 -44.76
C SER J 87 -66.76 0.66 -44.41
N PHE J 88 -66.80 -0.65 -44.67
CA PHE J 88 -67.96 -1.41 -44.25
C PHE J 88 -68.09 -1.39 -42.73
N PHE J 89 -66.96 -1.47 -42.03
CA PHE J 89 -66.99 -1.43 -40.56
C PHE J 89 -67.59 -0.12 -40.06
N TRP J 90 -67.18 1.01 -40.64
CA TRP J 90 -67.69 2.30 -40.17
C TRP J 90 -69.19 2.38 -40.36
N ASP J 91 -69.71 1.83 -41.46
CA ASP J 91 -71.15 1.82 -41.69
C ASP J 91 -71.88 0.95 -40.69
N CYS J 92 -71.20 -0.02 -40.08
CA CYS J 92 -71.83 -0.91 -39.12
C CYS J 92 -72.06 -0.26 -37.75
N MET J 93 -71.56 0.94 -37.52
CA MET J 93 -71.62 1.56 -36.21
C MET J 93 -72.23 2.96 -36.26
N ALA J 94 -72.71 3.39 -35.11
CA ALA J 94 -73.28 4.70 -34.89
C ALA J 94 -73.24 5.01 -33.39
N PRO J 95 -73.26 6.28 -33.00
CA PRO J 95 -73.28 6.62 -31.57
C PRO J 95 -74.43 5.95 -30.83
N THR J 96 -74.22 5.74 -29.52
CA THR J 96 -75.08 4.87 -28.73
C THR J 96 -76.56 5.27 -28.76
N ASN J 97 -76.88 6.52 -29.13
CA ASN J 97 -78.28 6.94 -29.27
C ASN J 97 -78.80 6.70 -30.69
N GLN J 98 -77.96 6.95 -31.71
CA GLN J 98 -78.33 6.79 -33.10
C GLN J 98 -78.15 5.37 -33.62
N THR J 99 -78.33 4.36 -32.77
CA THR J 99 -78.02 2.98 -33.17
C THR J 99 -79.07 2.38 -34.09
N GLY J 100 -80.29 2.91 -34.09
CA GLY J 100 -81.36 2.24 -34.78
C GLY J 100 -81.74 1.00 -33.99
N GLN J 101 -82.70 0.24 -34.54
CA GLN J 101 -83.26 -0.91 -33.85
C GLN J 101 -83.33 -2.10 -34.80
N ILE J 102 -83.34 -3.31 -34.24
CA ILE J 102 -83.39 -4.52 -35.04
C ILE J 102 -84.73 -4.55 -35.77
N SER J 103 -84.71 -4.59 -37.10
CA SER J 103 -85.96 -4.56 -37.81
C SER J 103 -86.71 -5.88 -37.62
N PRO J 104 -88.03 -5.87 -37.81
CA PRO J 104 -88.78 -7.14 -37.68
C PRO J 104 -88.29 -8.19 -38.65
N GLU J 105 -87.99 -7.78 -39.89
CA GLU J 105 -87.59 -8.69 -40.93
C GLU J 105 -86.20 -9.28 -40.71
N LEU J 106 -85.40 -8.71 -39.81
CA LEU J 106 -84.04 -9.18 -39.60
C LEU J 106 -83.93 -10.14 -38.42
N GLU J 107 -84.68 -9.89 -37.35
CA GLU J 107 -84.68 -10.78 -36.19
C GLU J 107 -85.22 -12.17 -36.54
N LYS J 108 -86.21 -12.25 -37.42
CA LYS J 108 -86.79 -13.55 -37.78
C LYS J 108 -85.73 -14.48 -38.36
N LEU J 109 -84.86 -13.97 -39.23
CA LEU J 109 -83.81 -14.83 -39.77
C LEU J 109 -82.77 -15.19 -38.72
N ILE J 110 -82.55 -14.29 -37.75
CA ILE J 110 -81.59 -14.54 -36.68
C ILE J 110 -82.07 -15.67 -35.77
N LYS J 111 -83.38 -15.76 -35.53
CA LYS J 111 -83.89 -16.83 -34.67
C LYS J 111 -83.81 -18.19 -35.35
N GLU J 112 -83.84 -18.24 -36.68
CA GLU J 112 -83.82 -19.52 -37.37
C GLU J 112 -82.41 -20.11 -37.45
N SER J 113 -81.40 -19.30 -37.75
CA SER J 113 -80.05 -19.81 -37.89
C SER J 113 -79.33 -19.92 -36.56
N PHE J 114 -79.76 -19.15 -35.54
CA PHE J 114 -79.04 -19.08 -34.28
C PHE J 114 -79.91 -19.30 -33.06
N GLY J 115 -81.20 -19.59 -33.23
CA GLY J 115 -82.07 -19.88 -32.12
C GLY J 115 -82.73 -18.66 -31.53
N SER J 116 -81.90 -17.69 -31.13
CA SER J 116 -82.36 -16.45 -30.55
C SER J 116 -81.36 -15.34 -30.86
N VAL J 117 -81.83 -14.09 -30.77
CA VAL J 117 -80.96 -12.94 -30.92
C VAL J 117 -79.94 -12.89 -29.80
N ALA J 118 -80.37 -13.17 -28.56
CA ALA J 118 -79.45 -13.28 -27.43
C ALA J 118 -78.46 -14.41 -27.67
N ASP J 119 -78.95 -15.55 -28.16
CA ASP J 119 -78.08 -16.67 -28.45
C ASP J 119 -77.13 -16.33 -29.59
N PHE J 120 -77.63 -15.62 -30.61
CA PHE J 120 -76.77 -15.21 -31.71
C PHE J 120 -75.62 -14.34 -31.23
N LYS J 121 -75.93 -13.32 -30.42
CA LYS J 121 -74.88 -12.40 -29.96
C LYS J 121 -73.79 -13.16 -29.21
N LYS J 122 -74.18 -14.15 -28.43
CA LYS J 122 -73.21 -14.96 -27.71
C LYS J 122 -72.33 -15.77 -28.67
N LYS J 123 -72.90 -16.27 -29.75
CA LYS J 123 -72.09 -17.05 -30.68
C LYS J 123 -71.17 -16.16 -31.49
N PHE J 124 -71.68 -15.01 -31.96
CA PHE J 124 -70.84 -14.05 -32.66
C PHE J 124 -69.69 -13.58 -31.76
N THR J 125 -69.97 -13.30 -30.49
CA THR J 125 -68.91 -12.84 -29.60
C THR J 125 -67.87 -13.94 -29.37
N ASP J 126 -68.33 -15.17 -29.13
CA ASP J 126 -67.40 -16.29 -28.96
C ASP J 126 -66.60 -16.51 -30.23
N SER J 127 -67.23 -16.36 -31.39
CA SER J 127 -66.50 -16.50 -32.63
C SER J 127 -65.42 -15.44 -32.75
N ALA J 128 -65.76 -14.19 -32.38
CA ALA J 128 -64.77 -13.12 -32.45
C ALA J 128 -63.65 -13.32 -31.43
N ILE J 129 -63.99 -13.82 -30.24
CA ILE J 129 -62.96 -14.09 -29.23
C ILE J 129 -62.01 -15.19 -29.69
N ALA J 130 -62.55 -16.23 -30.32
CA ALA J 130 -61.73 -17.37 -30.74
C ALA J 130 -60.95 -17.11 -32.02
N ASN J 131 -61.17 -15.98 -32.69
CA ASN J 131 -60.50 -15.64 -33.95
C ASN J 131 -59.07 -15.23 -33.62
N PHE J 132 -58.13 -16.17 -33.77
CA PHE J 132 -56.77 -15.97 -33.32
C PHE J 132 -56.02 -14.98 -34.20
N GLY J 133 -55.36 -14.00 -33.57
CA GLY J 133 -54.59 -13.02 -34.32
C GLY J 133 -55.44 -11.88 -34.85
N SER J 134 -54.96 -11.28 -35.94
CA SER J 134 -55.69 -10.21 -36.61
C SER J 134 -56.74 -10.79 -37.54
N GLY J 135 -57.87 -10.10 -37.63
CA GLY J 135 -58.91 -10.55 -38.54
C GLY J 135 -60.25 -9.90 -38.22
N TRP J 136 -61.31 -10.54 -38.73
CA TRP J 136 -62.65 -10.00 -38.66
C TRP J 136 -63.64 -11.13 -38.45
N THR J 137 -64.73 -10.82 -37.74
CA THR J 137 -65.83 -11.76 -37.59
C THR J 137 -67.05 -11.14 -38.24
N TRP J 138 -67.71 -11.91 -39.10
CA TRP J 138 -68.75 -11.41 -39.97
C TRP J 138 -70.04 -12.17 -39.73
N LEU J 139 -71.15 -11.49 -39.98
CA LEU J 139 -72.45 -12.12 -40.16
C LEU J 139 -72.79 -11.98 -41.63
N VAL J 140 -73.00 -13.11 -42.30
CA VAL J 140 -73.24 -13.10 -43.75
C VAL J 140 -74.55 -13.82 -44.04
N ASN J 141 -75.17 -13.43 -45.15
CA ASN J 141 -76.41 -14.03 -45.64
C ASN J 141 -76.10 -14.86 -46.89
N ILE J 142 -76.39 -16.15 -46.82
CA ILE J 142 -76.22 -17.06 -47.95
C ILE J 142 -77.61 -17.49 -48.43
N ASN J 143 -78.20 -16.71 -49.35
CA ASN J 143 -79.49 -17.05 -49.98
C ASN J 143 -80.57 -17.38 -48.94
N GLY J 144 -80.58 -16.65 -47.85
CA GLY J 144 -81.62 -16.82 -46.86
C GLY J 144 -81.22 -17.57 -45.61
N LYS J 145 -80.04 -18.17 -45.58
CA LYS J 145 -79.55 -18.81 -44.37
C LYS J 145 -78.36 -17.99 -43.88
N LEU J 146 -78.37 -17.64 -42.60
CA LEU J 146 -77.33 -16.78 -42.06
C LEU J 146 -76.24 -17.60 -41.39
N GLU J 147 -75.02 -17.06 -41.45
CA GLU J 147 -73.85 -17.72 -40.91
C GLU J 147 -72.92 -16.67 -40.34
N ILE J 148 -72.11 -17.10 -39.38
CA ILE J 148 -71.05 -16.30 -38.82
C ILE J 148 -69.74 -16.81 -39.38
N GLN J 149 -68.92 -15.91 -39.91
CA GLN J 149 -67.66 -16.27 -40.54
C GLN J 149 -66.51 -15.51 -39.87
N ASN J 150 -65.44 -16.23 -39.53
CA ASN J 150 -64.19 -15.63 -39.08
C ASN J 150 -63.24 -15.53 -40.27
N THR J 151 -62.61 -14.38 -40.44
CA THR J 151 -61.56 -14.25 -41.43
C THR J 151 -60.28 -13.75 -40.77
N SER J 152 -59.17 -14.06 -41.42
CA SER J 152 -57.84 -13.68 -40.99
C SER J 152 -57.31 -12.53 -41.84
N ASN J 153 -56.63 -11.59 -41.17
CA ASN J 153 -55.95 -10.45 -41.78
C ASN J 153 -56.84 -9.62 -42.69
N ALA J 154 -56.59 -9.62 -44.00
CA ALA J 154 -57.40 -8.79 -44.88
C ALA J 154 -58.56 -9.55 -45.53
N GLU J 155 -58.65 -10.87 -45.35
CA GLU J 155 -59.67 -11.66 -46.03
C GLU J 155 -61.06 -11.22 -45.63
N SER J 156 -62.02 -11.41 -46.54
CA SER J 156 -63.30 -10.75 -46.42
C SER J 156 -64.34 -11.44 -47.30
N PRO J 157 -65.60 -11.50 -46.87
CA PRO J 157 -66.66 -12.04 -47.75
C PRO J 157 -67.01 -11.14 -48.93
N VAL J 158 -66.42 -9.94 -49.05
CA VAL J 158 -66.65 -9.10 -50.22
C VAL J 158 -66.27 -9.84 -51.49
N THR J 159 -65.31 -10.77 -51.40
CA THR J 159 -64.91 -11.57 -52.54
C THR J 159 -65.94 -12.63 -52.87
N LEU J 160 -66.78 -13.01 -51.91
CA LEU J 160 -67.63 -14.18 -52.00
C LEU J 160 -69.04 -13.83 -52.43
N ARG J 161 -69.71 -14.81 -53.04
CA ARG J 161 -71.10 -14.66 -53.43
C ARG J 161 -71.98 -14.80 -52.18
N VAL J 162 -71.83 -13.81 -51.28
CA VAL J 162 -72.64 -13.68 -50.08
C VAL J 162 -72.90 -12.20 -49.86
N THR J 163 -73.90 -11.89 -49.03
CA THR J 163 -74.14 -10.51 -48.59
C THR J 163 -73.66 -10.33 -47.15
N PRO J 164 -72.64 -9.51 -46.92
CA PRO J 164 -72.25 -9.20 -45.54
C PRO J 164 -73.29 -8.30 -44.88
N LEU J 165 -73.67 -8.66 -43.65
CA LEU J 165 -74.62 -7.89 -42.88
C LEU J 165 -73.96 -7.05 -41.80
N LEU J 166 -72.89 -7.57 -41.18
CA LEU J 166 -72.28 -6.95 -40.01
C LEU J 166 -70.88 -7.52 -39.83
N THR J 167 -69.95 -6.69 -39.38
CA THR J 167 -68.61 -7.12 -39.06
C THR J 167 -68.13 -6.42 -37.79
N VAL J 168 -67.29 -7.10 -37.03
CA VAL J 168 -66.52 -6.50 -35.95
C VAL J 168 -65.06 -6.72 -36.26
N ASP J 169 -64.27 -5.69 -36.07
CA ASP J 169 -62.84 -5.72 -36.33
C ASP J 169 -62.11 -6.22 -35.09
N VAL J 170 -61.35 -7.32 -35.23
CA VAL J 170 -60.58 -7.82 -34.10
C VAL J 170 -59.08 -7.78 -34.36
N TRP J 171 -58.63 -7.08 -35.42
CA TRP J 171 -57.27 -6.56 -35.42
C TRP J 171 -57.04 -5.78 -34.14
N GLU J 172 -55.89 -5.98 -33.51
CA GLU J 172 -55.70 -5.42 -32.17
C GLU J 172 -55.75 -3.89 -32.16
N HIS J 173 -55.35 -3.24 -33.25
CA HIS J 173 -55.42 -1.78 -33.26
C HIS J 173 -56.85 -1.26 -33.14
N ALA J 174 -57.86 -2.10 -33.42
CA ALA J 174 -59.23 -1.63 -33.29
C ALA J 174 -59.65 -1.38 -31.85
N TYR J 175 -58.95 -1.96 -30.86
CA TYR J 175 -59.44 -1.86 -29.50
C TYR J 175 -58.37 -1.70 -28.43
N TYR J 176 -57.09 -1.73 -28.77
CA TYR J 176 -56.10 -1.85 -27.70
C TYR J 176 -56.03 -0.61 -26.84
N LEU J 177 -56.23 0.59 -27.43
CA LEU J 177 -56.08 1.81 -26.66
C LEU J 177 -57.10 1.88 -25.54
N ASP J 178 -58.30 1.36 -25.80
CA ASP J 178 -59.37 1.42 -24.81
C ASP J 178 -59.43 0.19 -23.92
N HIS J 179 -59.05 -0.99 -24.42
CA HIS J 179 -59.26 -2.23 -23.68
C HIS J 179 -58.02 -3.10 -23.53
N GLN J 180 -56.89 -2.71 -24.13
CA GLN J 180 -55.66 -3.51 -24.16
C GLN J 180 -56.04 -4.96 -24.48
N ASN J 181 -55.62 -5.95 -23.69
CA ASN J 181 -55.86 -7.34 -24.03
C ASN J 181 -57.26 -7.83 -23.70
N ARG J 182 -58.15 -6.98 -23.19
CA ARG J 182 -59.49 -7.43 -22.78
C ARG J 182 -60.43 -7.37 -23.98
N ARG J 183 -60.09 -8.18 -24.99
CA ARG J 183 -60.91 -8.30 -26.19
C ARG J 183 -62.36 -8.69 -25.89
N PRO J 184 -62.64 -9.63 -24.97
CA PRO J 184 -64.06 -9.88 -24.65
C PRO J 184 -64.80 -8.63 -24.17
N GLU J 185 -64.15 -7.80 -23.36
CA GLU J 185 -64.74 -6.55 -22.84
C GLU J 185 -64.91 -5.50 -23.93
N TYR J 186 -64.02 -5.45 -24.91
CA TYR J 186 -64.24 -4.58 -26.06
C TYR J 186 -65.49 -4.98 -26.85
N LEU J 187 -65.61 -6.29 -27.13
CA LEU J 187 -66.69 -6.73 -28.01
C LEU J 187 -68.07 -6.60 -27.36
N ASN J 188 -68.17 -6.87 -26.06
CA ASN J 188 -69.47 -6.83 -25.40
C ASN J 188 -70.06 -5.41 -25.44
N LYS J 189 -69.21 -4.39 -25.36
CA LYS J 189 -69.63 -3.01 -25.55
C LYS J 189 -69.83 -2.64 -27.01
N TRP J 190 -69.15 -3.34 -27.93
CA TRP J 190 -69.34 -3.07 -29.36
C TRP J 190 -70.79 -3.31 -29.77
N TRP J 191 -71.50 -4.20 -29.07
CA TRP J 191 -72.90 -4.47 -29.37
C TRP J 191 -73.77 -3.22 -29.24
N GLU J 192 -73.42 -2.29 -28.34
CA GLU J 192 -74.22 -1.08 -28.16
C GLU J 192 -74.02 -0.06 -29.26
N VAL J 193 -73.04 -0.25 -30.15
CA VAL J 193 -72.82 0.68 -31.24
C VAL J 193 -73.15 0.04 -32.58
N VAL J 194 -73.71 -1.18 -32.55
CA VAL J 194 -74.10 -1.86 -33.78
C VAL J 194 -75.27 -1.09 -34.41
N ASN J 195 -75.09 -0.65 -35.64
CA ASN J 195 -76.10 0.12 -36.37
C ASN J 195 -77.06 -0.88 -37.01
N TRP J 196 -78.07 -1.30 -36.24
CA TRP J 196 -79.02 -2.30 -36.72
C TRP J 196 -79.87 -1.82 -37.88
N LYS J 197 -79.76 -0.55 -38.27
CA LYS J 197 -80.39 -0.08 -39.49
C LYS J 197 -79.48 -0.24 -40.70
N PHE J 198 -78.16 -0.11 -40.54
CA PHE J 198 -77.27 -0.51 -41.63
C PHE J 198 -77.36 -2.01 -41.88
N VAL J 199 -77.41 -2.81 -40.79
CA VAL J 199 -77.61 -4.24 -40.96
C VAL J 199 -78.92 -4.49 -41.69
N ASP J 200 -79.99 -3.79 -41.29
CA ASP J 200 -81.26 -3.92 -42.01
C ASP J 200 -81.18 -3.28 -43.39
N GLN J 201 -80.37 -2.24 -43.57
CA GLN J 201 -80.16 -1.74 -44.91
C GLN J 201 -79.49 -2.79 -45.79
N GLN J 202 -78.61 -3.61 -45.21
CA GLN J 202 -77.86 -4.59 -45.99
C GLN J 202 -78.68 -5.82 -46.36
N LEU J 203 -79.61 -6.25 -45.50
CA LEU J 203 -80.39 -7.43 -45.90
C LEU J 203 -81.41 -7.10 -47.00
N LYS J 204 -81.55 -5.83 -47.37
CA LYS J 204 -82.30 -5.43 -48.56
C LYS J 204 -81.40 -5.50 -49.80
N GLN J 205 -80.31 -4.73 -49.79
CA GLN J 205 -79.30 -4.81 -50.85
C GLN J 205 -77.90 -4.94 -50.26
N MET K 9 -19.60 -31.53 -59.28
CA MET K 9 -20.27 -31.64 -57.99
C MET K 9 -21.66 -30.99 -58.05
N LEU K 10 -22.67 -31.74 -57.60
CA LEU K 10 -24.08 -31.44 -57.82
C LEU K 10 -24.88 -32.60 -57.25
N PHE K 11 -26.15 -32.36 -56.94
CA PHE K 11 -26.98 -33.45 -56.44
C PHE K 11 -27.28 -34.46 -57.53
N THR K 12 -27.32 -35.73 -57.11
CA THR K 12 -27.62 -36.87 -57.99
C THR K 12 -28.49 -37.86 -57.24
N LEU K 13 -29.11 -38.76 -58.01
CA LEU K 13 -29.93 -39.84 -57.47
C LEU K 13 -29.40 -41.18 -57.96
N ASN K 14 -29.55 -42.19 -57.09
CA ASN K 14 -29.27 -43.57 -57.44
C ASN K 14 -30.57 -44.36 -57.54
N ASP K 15 -30.62 -45.30 -58.48
CA ASP K 15 -31.81 -46.11 -58.70
C ASP K 15 -32.19 -46.86 -57.43
N PRO K 16 -33.48 -46.93 -57.11
CA PRO K 16 -33.91 -47.87 -56.06
C PRO K 16 -33.50 -49.29 -56.43
N ALA K 17 -33.11 -50.05 -55.40
CA ALA K 17 -32.62 -51.41 -55.63
C ALA K 17 -33.66 -52.30 -56.30
N TYR K 18 -34.95 -52.07 -56.04
CA TYR K 18 -36.04 -52.87 -56.57
C TYR K 18 -36.67 -52.24 -57.80
N LEU K 19 -35.97 -51.33 -58.47
CA LEU K 19 -36.58 -50.52 -59.52
C LEU K 19 -37.18 -51.41 -60.62
N LYS K 20 -36.40 -52.37 -61.12
CA LYS K 20 -36.82 -53.14 -62.29
C LYS K 20 -37.74 -54.30 -61.94
N THR K 21 -37.83 -54.70 -60.67
CA THR K 21 -38.73 -55.79 -60.29
C THR K 21 -40.04 -55.30 -59.68
N GLY K 22 -40.06 -54.11 -59.10
CA GLY K 22 -41.29 -53.61 -58.49
C GLY K 22 -41.48 -54.02 -57.03
N LEU K 23 -42.65 -53.65 -56.51
CA LEU K 23 -43.05 -53.94 -55.13
C LEU K 23 -44.48 -54.48 -55.11
N GLU K 24 -44.71 -55.50 -55.92
CA GLU K 24 -46.03 -56.13 -56.04
C GLU K 24 -46.42 -56.83 -54.73
N PRO K 25 -47.73 -56.83 -54.40
CA PRO K 25 -48.83 -56.27 -55.19
C PRO K 25 -49.12 -54.78 -54.95
N ALA K 26 -48.23 -54.05 -54.25
CA ALA K 26 -48.52 -52.67 -53.90
C ALA K 26 -48.20 -51.70 -55.04
N ILE K 27 -46.97 -51.74 -55.56
CA ILE K 27 -46.51 -50.76 -56.53
C ILE K 27 -45.79 -51.51 -57.65
N SER K 28 -46.22 -51.29 -58.90
CA SER K 28 -45.64 -52.01 -60.01
C SER K 28 -44.33 -51.37 -60.47
N ALA K 29 -43.51 -52.17 -61.16
CA ALA K 29 -42.29 -51.62 -61.73
C ALA K 29 -42.61 -50.56 -62.77
N LYS K 30 -43.76 -50.67 -63.43
CA LYS K 30 -44.16 -49.67 -64.42
C LYS K 30 -44.39 -48.30 -63.79
N THR K 31 -45.10 -48.25 -62.65
CA THR K 31 -45.23 -46.96 -61.98
C THR K 31 -43.90 -46.51 -61.36
N LEU K 32 -43.09 -47.45 -60.88
CA LEU K 32 -41.81 -47.07 -60.32
C LEU K 32 -40.92 -46.44 -61.39
N ASP K 33 -41.14 -46.82 -62.65
CA ASP K 33 -40.42 -46.19 -63.76
C ASP K 33 -40.82 -44.73 -63.92
N PHE K 34 -42.12 -44.46 -63.95
CA PHE K 34 -42.60 -43.07 -64.02
C PHE K 34 -42.33 -42.34 -62.71
N HIS K 35 -42.44 -43.05 -61.59
CA HIS K 35 -42.31 -42.41 -60.28
C HIS K 35 -40.89 -41.95 -60.04
N PHE K 36 -39.91 -42.83 -60.31
CA PHE K 36 -38.51 -42.47 -60.09
C PHE K 36 -37.85 -41.83 -61.31
N ASN K 37 -37.90 -42.51 -62.46
CA ASN K 37 -37.21 -41.97 -63.63
C ASN K 37 -37.93 -40.75 -64.15
N GLY K 38 -39.23 -40.66 -63.92
CA GLY K 38 -39.99 -39.47 -64.26
C GLY K 38 -40.00 -38.45 -63.13
N HIS K 39 -40.83 -38.66 -62.10
CA HIS K 39 -41.04 -37.61 -61.11
C HIS K 39 -39.76 -37.33 -60.30
N HIS K 40 -39.14 -38.37 -59.74
CA HIS K 40 -38.04 -38.12 -58.82
C HIS K 40 -36.85 -37.47 -59.52
N LYS K 41 -36.49 -37.97 -60.71
CA LYS K 41 -35.36 -37.36 -61.42
C LYS K 41 -35.73 -35.96 -61.89
N THR K 42 -37.02 -35.72 -62.17
CA THR K 42 -37.45 -34.38 -62.50
C THR K 42 -37.19 -33.42 -61.35
N TYR K 43 -37.55 -33.84 -60.13
CA TYR K 43 -37.27 -33.03 -58.95
C TYR K 43 -35.77 -32.79 -58.78
N LEU K 44 -34.97 -33.80 -59.09
CA LEU K 44 -33.52 -33.67 -58.93
C LEU K 44 -32.96 -32.62 -59.89
N ASN K 45 -33.39 -32.62 -61.15
CA ASN K 45 -32.86 -31.65 -62.12
C ASN K 45 -33.29 -30.23 -61.76
N LYS K 46 -34.55 -30.07 -61.32
CA LYS K 46 -35.03 -28.75 -60.94
C LYS K 46 -34.25 -28.21 -59.75
N THR K 47 -34.00 -29.05 -58.74
CA THR K 47 -33.18 -28.63 -57.60
C THR K 47 -31.78 -28.22 -58.05
N ASN K 48 -31.14 -29.05 -58.87
CA ASN K 48 -29.78 -28.76 -59.31
C ASN K 48 -29.72 -27.42 -60.03
N ASP K 49 -30.67 -27.18 -60.94
CA ASP K 49 -30.73 -25.94 -61.69
C ASP K 49 -31.06 -24.73 -60.83
N LEU K 50 -31.86 -24.90 -59.77
CA LEU K 50 -32.22 -23.72 -59.01
C LEU K 50 -31.10 -23.25 -58.09
N VAL K 51 -30.28 -24.17 -57.59
CA VAL K 51 -29.17 -23.78 -56.70
C VAL K 51 -27.84 -23.56 -57.46
N LYS K 52 -27.70 -24.10 -58.67
CA LYS K 52 -26.49 -23.89 -59.46
C LYS K 52 -26.32 -22.42 -59.81
N GLY K 53 -25.24 -21.82 -59.31
CA GLY K 53 -24.93 -20.43 -59.53
C GLY K 53 -25.33 -19.48 -58.42
N THR K 54 -25.79 -20.00 -57.30
CA THR K 54 -26.18 -19.19 -56.15
C THR K 54 -25.30 -19.60 -54.96
N SER K 55 -25.50 -18.93 -53.83
CA SER K 55 -24.79 -19.25 -52.60
C SER K 55 -25.15 -20.61 -52.03
N LEU K 56 -26.11 -21.33 -52.61
CA LEU K 56 -26.56 -22.62 -52.11
C LEU K 56 -25.79 -23.82 -52.67
N GLU K 57 -24.88 -23.65 -53.63
CA GLU K 57 -24.10 -24.81 -54.04
C GLU K 57 -23.24 -25.30 -52.88
N ASN K 58 -22.89 -26.58 -52.94
CA ASN K 58 -22.06 -27.25 -51.94
C ASN K 58 -22.69 -27.27 -50.56
N LYS K 59 -23.93 -26.77 -50.43
CA LYS K 59 -24.71 -26.93 -49.20
C LYS K 59 -25.51 -28.23 -49.27
N SER K 60 -25.75 -28.82 -48.10
CA SER K 60 -26.50 -30.06 -48.07
C SER K 60 -27.95 -29.82 -48.50
N LEU K 61 -28.59 -30.92 -48.93
CA LEU K 61 -29.98 -30.83 -49.38
C LEU K 61 -30.88 -30.39 -48.25
N GLU K 62 -30.62 -30.87 -47.04
CA GLU K 62 -31.41 -30.45 -45.89
C GLU K 62 -31.19 -28.96 -45.62
N ASP K 63 -29.97 -28.47 -45.77
CA ASP K 63 -29.74 -27.03 -45.64
C ASP K 63 -30.50 -26.26 -46.71
N VAL K 64 -30.45 -26.73 -47.96
CA VAL K 64 -31.18 -26.04 -49.02
C VAL K 64 -32.66 -26.02 -48.71
N ILE K 65 -33.19 -27.14 -48.19
CA ILE K 65 -34.61 -27.23 -47.88
C ILE K 65 -35.00 -26.20 -46.83
N LEU K 66 -34.18 -26.08 -45.77
CA LEU K 66 -34.47 -25.13 -44.70
C LEU K 66 -34.30 -23.66 -45.11
N VAL K 67 -33.36 -23.35 -46.01
CA VAL K 67 -33.33 -21.97 -46.50
C VAL K 67 -34.54 -21.70 -47.38
N ALA K 68 -34.92 -22.64 -48.23
CA ALA K 68 -36.13 -22.44 -49.03
C ALA K 68 -37.34 -22.25 -48.14
N LYS K 69 -37.45 -23.05 -47.08
CA LYS K 69 -38.58 -22.93 -46.16
C LYS K 69 -38.54 -21.60 -45.41
N THR K 70 -37.37 -21.21 -44.89
CA THR K 70 -37.32 -19.99 -44.08
C THR K 70 -37.41 -18.72 -44.94
N THR K 71 -36.99 -18.77 -46.21
CA THR K 71 -37.09 -17.60 -47.09
C THR K 71 -38.37 -17.61 -47.94
N ASN K 72 -39.27 -18.55 -47.70
CA ASN K 72 -40.54 -18.66 -48.42
C ASN K 72 -40.32 -18.73 -49.94
N ASN K 73 -39.37 -19.57 -50.33
CA ASN K 73 -39.02 -19.77 -51.74
C ASN K 73 -39.75 -21.02 -52.21
N ALA K 74 -40.91 -20.83 -52.84
CA ALA K 74 -41.83 -21.94 -53.12
C ALA K 74 -41.24 -22.92 -54.12
N ALA K 75 -40.74 -22.41 -55.25
CA ALA K 75 -40.18 -23.28 -56.28
C ALA K 75 -39.00 -24.08 -55.74
N LEU K 76 -38.11 -23.42 -54.99
CA LEU K 76 -36.97 -24.16 -54.43
C LEU K 76 -37.43 -25.15 -53.37
N PHE K 77 -38.38 -24.75 -52.52
CA PHE K 77 -38.90 -25.66 -51.52
C PHE K 77 -39.63 -26.85 -52.16
N ASN K 78 -40.49 -26.60 -53.15
CA ASN K 78 -41.30 -27.70 -53.68
C ASN K 78 -40.42 -28.78 -54.30
N ASN K 79 -39.36 -28.37 -55.00
CA ASN K 79 -38.50 -29.31 -55.71
C ASN K 79 -37.52 -30.03 -54.79
N ALA K 80 -36.82 -29.27 -53.95
CA ALA K 80 -35.80 -29.86 -53.10
C ALA K 80 -36.40 -30.80 -52.06
N THR K 81 -37.55 -30.43 -51.49
CA THR K 81 -38.14 -31.29 -50.46
C THR K 81 -38.74 -32.54 -51.11
N GLN K 82 -39.38 -32.38 -52.27
CA GLN K 82 -39.83 -33.55 -53.02
C GLN K 82 -38.66 -34.43 -53.41
N LEU K 83 -37.49 -33.84 -53.68
CA LEU K 83 -36.33 -34.67 -53.91
C LEU K 83 -36.00 -35.48 -52.66
N TRP K 84 -36.06 -34.83 -51.50
CA TRP K 84 -35.79 -35.55 -50.25
C TRP K 84 -36.88 -36.58 -49.94
N ASN K 85 -38.15 -36.18 -50.11
CA ASN K 85 -39.26 -37.06 -49.73
C ASN K 85 -39.23 -38.39 -50.46
N HIS K 86 -38.95 -38.36 -51.77
CA HIS K 86 -38.99 -39.60 -52.53
C HIS K 86 -37.85 -40.52 -52.13
N SER K 87 -36.65 -39.96 -51.88
CA SER K 87 -35.55 -40.78 -51.37
C SER K 87 -35.91 -41.45 -50.06
N PHE K 88 -36.54 -40.70 -49.15
CA PHE K 88 -36.97 -41.30 -47.89
C PHE K 88 -38.00 -42.40 -48.16
N PHE K 89 -38.93 -42.12 -49.09
CA PHE K 89 -39.98 -43.06 -49.46
C PHE K 89 -39.38 -44.37 -50.00
N TRP K 90 -38.35 -44.28 -50.85
CA TRP K 90 -37.75 -45.50 -51.38
C TRP K 90 -37.10 -46.34 -50.29
N ASP K 91 -36.39 -45.69 -49.36
CA ASP K 91 -35.75 -46.40 -48.26
C ASP K 91 -36.76 -47.04 -47.32
N CYS K 92 -38.00 -46.54 -47.27
CA CYS K 92 -39.03 -47.07 -46.42
C CYS K 92 -39.66 -48.37 -46.93
N MET K 93 -39.33 -48.81 -48.15
CA MET K 93 -40.00 -49.95 -48.76
C MET K 93 -38.99 -50.97 -49.25
N ALA K 94 -39.47 -52.21 -49.38
CA ALA K 94 -38.67 -53.33 -49.87
C ALA K 94 -39.63 -54.38 -50.38
N PRO K 95 -39.19 -55.24 -51.30
CA PRO K 95 -40.04 -56.34 -51.77
C PRO K 95 -40.52 -57.21 -50.62
N THR K 96 -41.66 -57.87 -50.85
CA THR K 96 -42.40 -58.56 -49.80
C THR K 96 -41.57 -59.58 -49.04
N ASN K 97 -40.56 -60.18 -49.68
CA ASN K 97 -39.69 -61.17 -49.05
C ASN K 97 -38.54 -60.55 -48.27
N GLN K 98 -38.41 -59.22 -48.31
CA GLN K 98 -37.24 -58.54 -47.77
C GLN K 98 -37.61 -57.41 -46.83
N THR K 99 -38.82 -57.40 -46.26
CA THR K 99 -39.28 -56.28 -45.45
C THR K 99 -38.76 -56.31 -44.02
N GLY K 100 -38.41 -57.48 -43.50
CA GLY K 100 -38.12 -57.60 -42.09
C GLY K 100 -39.42 -57.52 -41.27
N GLN K 101 -39.24 -57.31 -39.97
CA GLN K 101 -40.36 -57.31 -39.03
C GLN K 101 -40.17 -56.19 -38.02
N ILE K 102 -41.28 -55.75 -37.41
CA ILE K 102 -41.21 -54.66 -36.45
C ILE K 102 -40.36 -55.07 -35.26
N SER K 103 -39.34 -54.26 -34.97
CA SER K 103 -38.43 -54.53 -33.89
C SER K 103 -39.12 -54.41 -32.55
N PRO K 104 -38.56 -55.03 -31.50
CA PRO K 104 -39.17 -54.89 -30.16
C PRO K 104 -39.28 -53.44 -29.70
N GLU K 105 -38.22 -52.64 -29.87
CA GLU K 105 -38.25 -51.26 -29.42
C GLU K 105 -39.32 -50.45 -30.16
N LEU K 106 -39.52 -50.73 -31.45
CA LEU K 106 -40.55 -50.00 -32.18
C LEU K 106 -41.95 -50.50 -31.83
N GLU K 107 -42.11 -51.81 -31.62
CA GLU K 107 -43.41 -52.32 -31.18
C GLU K 107 -43.80 -51.70 -29.86
N LYS K 108 -42.83 -51.56 -28.94
CA LYS K 108 -43.06 -50.96 -27.63
C LYS K 108 -43.54 -49.52 -27.74
N LEU K 109 -42.89 -48.71 -28.59
CA LEU K 109 -43.34 -47.32 -28.74
C LEU K 109 -44.66 -47.26 -29.49
N ILE K 110 -44.90 -48.19 -30.43
CA ILE K 110 -46.17 -48.24 -31.11
C ILE K 110 -47.28 -48.60 -30.11
N LYS K 111 -47.05 -49.64 -29.28
CA LYS K 111 -48.04 -49.99 -28.27
C LYS K 111 -48.25 -48.85 -27.29
N GLU K 112 -47.21 -48.07 -27.00
CA GLU K 112 -47.37 -46.99 -26.02
C GLU K 112 -48.24 -45.87 -26.56
N SER K 113 -48.05 -45.46 -27.82
CA SER K 113 -48.79 -44.32 -28.36
C SER K 113 -50.12 -44.70 -29.00
N PHE K 114 -50.29 -45.95 -29.44
CA PHE K 114 -51.47 -46.35 -30.20
C PHE K 114 -52.14 -47.60 -29.65
N GLY K 115 -51.64 -48.16 -28.56
CA GLY K 115 -52.28 -49.32 -27.98
C GLY K 115 -51.78 -50.62 -28.57
N SER K 116 -51.89 -50.77 -29.89
CA SER K 116 -51.50 -51.98 -30.59
C SER K 116 -51.01 -51.63 -31.99
N VAL K 117 -50.31 -52.59 -32.60
CA VAL K 117 -49.86 -52.41 -33.98
C VAL K 117 -51.06 -52.29 -34.91
N ALA K 118 -52.11 -53.07 -34.64
CA ALA K 118 -53.33 -53.03 -35.45
C ALA K 118 -53.97 -51.65 -35.42
N ASP K 119 -54.10 -51.06 -34.23
CA ASP K 119 -54.72 -49.75 -34.15
C ASP K 119 -53.86 -48.68 -34.82
N PHE K 120 -52.52 -48.76 -34.66
CA PHE K 120 -51.65 -47.84 -35.39
C PHE K 120 -51.86 -47.96 -36.90
N LYS K 121 -51.89 -49.19 -37.42
CA LYS K 121 -52.07 -49.36 -38.86
C LYS K 121 -53.37 -48.73 -39.34
N LYS K 122 -54.45 -48.88 -38.56
CA LYS K 122 -55.73 -48.34 -38.96
C LYS K 122 -55.70 -46.81 -39.01
N LYS K 123 -55.20 -46.19 -37.92
CA LYS K 123 -55.14 -44.74 -37.88
C LYS K 123 -54.19 -44.20 -38.94
N PHE K 124 -53.03 -44.83 -39.12
CA PHE K 124 -52.12 -44.41 -40.18
C PHE K 124 -52.81 -44.50 -41.54
N THR K 125 -53.55 -45.59 -41.78
CA THR K 125 -54.19 -45.79 -43.09
C THR K 125 -55.32 -44.78 -43.30
N ASP K 126 -56.18 -44.63 -42.29
CA ASP K 126 -57.26 -43.65 -42.37
C ASP K 126 -56.73 -42.24 -42.53
N SER K 127 -55.63 -41.92 -41.84
CA SER K 127 -55.04 -40.60 -42.00
C SER K 127 -54.55 -40.41 -43.43
N ALA K 128 -53.91 -41.44 -44.01
CA ALA K 128 -53.46 -41.33 -45.39
C ALA K 128 -54.63 -41.22 -46.36
N ILE K 129 -55.71 -41.96 -46.09
CA ILE K 129 -56.92 -41.86 -46.90
C ILE K 129 -57.53 -40.46 -46.78
N ALA K 130 -57.55 -39.93 -45.56
CA ALA K 130 -58.13 -38.61 -45.34
C ALA K 130 -57.23 -37.48 -45.82
N ASN K 131 -56.02 -37.77 -46.29
CA ASN K 131 -55.07 -36.74 -46.71
C ASN K 131 -55.49 -36.23 -48.09
N PHE K 132 -56.26 -35.13 -48.09
CA PHE K 132 -56.94 -34.69 -49.31
C PHE K 132 -55.97 -34.05 -50.30
N GLY K 133 -56.07 -34.46 -51.56
CA GLY K 133 -55.19 -33.91 -52.58
C GLY K 133 -53.85 -34.63 -52.59
N SER K 134 -52.82 -33.92 -53.03
CA SER K 134 -51.49 -34.51 -53.04
C SER K 134 -50.83 -34.34 -51.66
N GLY K 135 -50.01 -35.31 -51.29
CA GLY K 135 -49.26 -35.14 -50.05
C GLY K 135 -48.66 -36.45 -49.56
N TRP K 136 -48.34 -36.44 -48.27
CA TRP K 136 -47.64 -37.53 -47.62
C TRP K 136 -48.21 -37.69 -46.22
N THR K 137 -48.23 -38.93 -45.74
CA THR K 137 -48.63 -39.24 -44.37
C THR K 137 -47.46 -39.95 -43.70
N TRP K 138 -47.12 -39.49 -42.50
CA TRP K 138 -45.87 -39.84 -41.83
C TRP K 138 -46.11 -40.42 -40.46
N LEU K 139 -45.19 -41.27 -40.06
CA LEU K 139 -45.01 -41.63 -38.67
C LEU K 139 -43.71 -40.98 -38.22
N VAL K 140 -43.78 -40.16 -37.18
CA VAL K 140 -42.64 -39.39 -36.69
C VAL K 140 -42.44 -39.70 -35.21
N ASN K 141 -41.21 -39.59 -34.76
CA ASN K 141 -40.85 -39.77 -33.37
C ASN K 141 -40.49 -38.41 -32.77
N ILE K 142 -41.24 -38.00 -31.77
CA ILE K 142 -40.96 -36.72 -31.11
C ILE K 142 -40.41 -36.99 -29.73
N ASN K 143 -39.09 -37.16 -29.65
CA ASN K 143 -38.39 -37.32 -28.38
C ASN K 143 -38.97 -38.49 -27.58
N GLY K 144 -39.34 -39.57 -28.28
CA GLY K 144 -39.82 -40.77 -27.65
C GLY K 144 -41.32 -40.99 -27.73
N LYS K 145 -42.07 -40.00 -28.18
CA LYS K 145 -43.52 -40.14 -28.38
C LYS K 145 -43.80 -40.12 -29.88
N LEU K 146 -44.62 -41.07 -30.33
CA LEU K 146 -44.90 -41.25 -31.75
C LEU K 146 -46.18 -40.52 -32.13
N GLU K 147 -46.22 -40.04 -33.37
CA GLU K 147 -47.35 -39.28 -33.87
C GLU K 147 -47.52 -39.56 -35.37
N ILE K 148 -48.74 -39.41 -35.85
CA ILE K 148 -49.06 -39.52 -37.26
C ILE K 148 -49.27 -38.11 -37.80
N GLN K 149 -48.60 -37.78 -38.90
CA GLN K 149 -48.65 -36.45 -39.46
C GLN K 149 -49.07 -36.52 -40.93
N ASN K 150 -50.03 -35.68 -41.34
CA ASN K 150 -50.34 -35.46 -42.74
C ASN K 150 -49.67 -34.17 -43.22
N THR K 151 -49.01 -34.22 -44.37
CA THR K 151 -48.54 -32.97 -44.99
C THR K 151 -49.06 -32.89 -46.41
N SER K 152 -49.13 -31.66 -46.91
CA SER K 152 -49.69 -31.37 -48.22
C SER K 152 -48.57 -31.10 -49.22
N ASN K 153 -48.75 -31.61 -50.44
CA ASN K 153 -47.81 -31.39 -51.56
C ASN K 153 -46.36 -31.75 -51.22
N ALA K 154 -45.48 -30.77 -51.10
CA ALA K 154 -44.09 -31.13 -50.82
C ALA K 154 -43.75 -31.04 -49.35
N GLU K 155 -44.66 -30.55 -48.50
CA GLU K 155 -44.34 -30.36 -47.09
C GLU K 155 -43.95 -31.67 -46.44
N SER K 156 -43.14 -31.58 -45.38
CA SER K 156 -42.40 -32.73 -44.90
C SER K 156 -41.84 -32.47 -43.50
N PRO K 157 -41.80 -33.48 -42.63
CA PRO K 157 -41.14 -33.31 -41.33
C PRO K 157 -39.62 -33.22 -41.43
N VAL K 158 -39.04 -33.29 -42.63
CA VAL K 158 -37.62 -33.02 -42.76
C VAL K 158 -37.30 -31.61 -42.27
N THR K 159 -38.27 -30.70 -42.33
CA THR K 159 -38.03 -29.35 -41.80
C THR K 159 -38.08 -29.29 -40.28
N LEU K 160 -38.69 -30.26 -39.61
CA LEU K 160 -39.06 -30.17 -38.20
C LEU K 160 -38.11 -30.91 -37.26
N ARG K 161 -38.09 -30.48 -35.99
CA ARG K 161 -37.29 -31.11 -34.95
C ARG K 161 -37.93 -32.39 -34.46
N VAL K 162 -38.26 -33.29 -35.41
CA VAL K 162 -38.81 -34.60 -35.13
C VAL K 162 -37.92 -35.60 -35.88
N THR K 163 -38.07 -36.89 -35.53
CA THR K 163 -37.46 -37.93 -36.35
C THR K 163 -38.51 -38.59 -37.23
N PRO K 164 -38.45 -38.41 -38.55
CA PRO K 164 -39.32 -39.18 -39.44
C PRO K 164 -38.87 -40.65 -39.45
N LEU K 165 -39.84 -41.54 -39.26
CA LEU K 165 -39.64 -42.99 -39.27
C LEU K 165 -40.22 -43.67 -40.52
N LEU K 166 -41.30 -43.14 -41.07
CA LEU K 166 -42.05 -43.81 -42.13
C LEU K 166 -42.94 -42.80 -42.86
N THR K 167 -43.05 -42.97 -44.18
CA THR K 167 -43.95 -42.15 -44.95
C THR K 167 -44.60 -43.00 -46.03
N VAL K 168 -45.82 -42.62 -46.40
CA VAL K 168 -46.46 -43.12 -47.60
C VAL K 168 -46.78 -41.92 -48.48
N ASP K 169 -46.55 -42.07 -49.78
CA ASP K 169 -46.84 -41.04 -50.77
C ASP K 169 -48.28 -41.17 -51.28
N VAL K 170 -49.08 -40.12 -51.14
CA VAL K 170 -50.46 -40.17 -51.63
C VAL K 170 -50.74 -39.19 -52.76
N TRP K 171 -49.70 -38.58 -53.34
CA TRP K 171 -49.86 -38.05 -54.69
C TRP K 171 -50.41 -39.16 -55.58
N GLU K 172 -51.36 -38.80 -56.46
CA GLU K 172 -52.05 -39.84 -57.22
C GLU K 172 -51.11 -40.60 -58.15
N HIS K 173 -50.02 -39.96 -58.61
CA HIS K 173 -49.10 -40.69 -59.48
C HIS K 173 -48.41 -41.85 -58.76
N ALA K 174 -48.39 -41.85 -57.43
CA ALA K 174 -47.76 -42.93 -56.70
C ALA K 174 -48.52 -44.24 -56.83
N TYR K 175 -49.81 -44.19 -57.20
CA TYR K 175 -50.64 -45.39 -57.22
C TYR K 175 -51.62 -45.47 -58.39
N TYR K 176 -51.72 -44.44 -59.24
CA TYR K 176 -52.85 -44.39 -60.16
C TYR K 176 -52.78 -45.43 -61.27
N LEU K 177 -51.58 -45.77 -61.75
CA LEU K 177 -51.49 -46.73 -62.84
C LEU K 177 -51.93 -48.12 -62.40
N ASP K 178 -51.71 -48.45 -61.12
CA ASP K 178 -52.09 -49.75 -60.59
C ASP K 178 -53.45 -49.76 -59.90
N HIS K 179 -53.84 -48.66 -59.25
CA HIS K 179 -55.04 -48.68 -58.42
C HIS K 179 -56.05 -47.59 -58.75
N GLN K 180 -55.76 -46.75 -59.75
CA GLN K 180 -56.62 -45.63 -60.12
C GLN K 180 -57.11 -44.90 -58.87
N ASN K 181 -58.42 -44.70 -58.77
CA ASN K 181 -59.02 -43.94 -57.69
C ASN K 181 -59.11 -44.72 -56.38
N ARG K 182 -58.67 -45.97 -56.33
CA ARG K 182 -58.80 -46.81 -55.13
C ARG K 182 -57.59 -46.65 -54.18
N ARG K 183 -57.41 -45.44 -53.67
CA ARG K 183 -56.33 -45.21 -52.71
C ARG K 183 -56.38 -46.12 -51.50
N PRO K 184 -57.56 -46.47 -50.92
CA PRO K 184 -57.56 -47.46 -49.83
C PRO K 184 -56.92 -48.79 -50.19
N GLU K 185 -57.13 -49.29 -51.40
CA GLU K 185 -56.54 -50.56 -51.82
C GLU K 185 -55.03 -50.45 -51.95
N TYR K 186 -54.56 -49.29 -52.41
CA TYR K 186 -53.12 -49.03 -52.47
C TYR K 186 -52.50 -49.08 -51.06
N LEU K 187 -53.15 -48.44 -50.09
CA LEU K 187 -52.55 -48.39 -48.75
C LEU K 187 -52.61 -49.75 -48.06
N ASN K 188 -53.76 -50.43 -48.14
CA ASN K 188 -53.90 -51.79 -47.61
C ASN K 188 -52.76 -52.70 -48.08
N LYS K 189 -52.46 -52.68 -49.38
CA LYS K 189 -51.40 -53.53 -49.92
C LYS K 189 -50.00 -52.97 -49.63
N TRP K 190 -49.88 -51.64 -49.56
CA TRP K 190 -48.61 -50.99 -49.25
C TRP K 190 -48.02 -51.45 -47.90
N TRP K 191 -48.86 -51.92 -46.98
CA TRP K 191 -48.33 -52.39 -45.69
C TRP K 191 -47.40 -53.58 -45.85
N GLU K 192 -47.60 -54.43 -46.87
CA GLU K 192 -46.75 -55.60 -47.02
C GLU K 192 -45.37 -55.27 -47.57
N VAL K 193 -45.16 -54.04 -48.03
CA VAL K 193 -43.90 -53.60 -48.61
C VAL K 193 -43.17 -52.61 -47.71
N VAL K 194 -43.71 -52.32 -46.52
CA VAL K 194 -43.03 -51.42 -45.60
C VAL K 194 -41.74 -52.08 -45.13
N ASN K 195 -40.62 -51.39 -45.31
CA ASN K 195 -39.30 -51.89 -44.93
C ASN K 195 -39.08 -51.59 -43.44
N TRP K 196 -39.49 -52.54 -42.59
CA TRP K 196 -39.41 -52.34 -41.15
C TRP K 196 -37.97 -52.26 -40.61
N LYS K 197 -36.97 -52.80 -41.32
CA LYS K 197 -35.59 -52.62 -40.86
C LYS K 197 -35.15 -51.18 -41.02
N PHE K 198 -35.56 -50.51 -42.09
CA PHE K 198 -35.27 -49.10 -42.25
C PHE K 198 -35.94 -48.25 -41.16
N VAL K 199 -37.21 -48.56 -40.85
CA VAL K 199 -37.95 -47.83 -39.81
C VAL K 199 -37.26 -47.95 -38.46
N ASP K 200 -36.78 -49.15 -38.12
CA ASP K 200 -36.06 -49.33 -36.86
C ASP K 200 -34.72 -48.60 -36.90
N GLN K 201 -34.07 -48.54 -38.07
CA GLN K 201 -32.81 -47.82 -38.18
C GLN K 201 -33.02 -46.33 -37.96
N GLN K 202 -34.14 -45.79 -38.44
CA GLN K 202 -34.48 -44.39 -38.18
C GLN K 202 -34.70 -44.12 -36.70
N LEU K 203 -35.22 -45.10 -35.97
CA LEU K 203 -35.50 -44.90 -34.55
C LEU K 203 -34.19 -44.82 -33.76
N LYS K 204 -33.20 -45.61 -34.16
CA LYS K 204 -31.84 -45.39 -33.71
C LYS K 204 -31.33 -44.10 -34.33
N GLN K 205 -30.85 -43.19 -33.49
CA GLN K 205 -30.43 -41.87 -33.95
C GLN K 205 -31.56 -41.12 -34.68
N HIS L 2 -76.68 -45.91 -39.33
CA HIS L 2 -77.63 -44.96 -39.91
C HIS L 2 -79.06 -45.46 -39.75
N HIS L 3 -79.65 -45.90 -40.86
CA HIS L 3 -81.07 -46.22 -40.96
C HIS L 3 -81.92 -45.03 -40.56
N HIS L 4 -82.00 -44.05 -41.45
CA HIS L 4 -82.79 -42.84 -41.22
C HIS L 4 -83.34 -42.42 -42.57
N HIS L 5 -84.64 -42.62 -42.78
CA HIS L 5 -85.35 -42.16 -43.97
C HIS L 5 -85.48 -40.63 -43.89
N HIS L 6 -84.39 -39.96 -44.28
CA HIS L 6 -84.25 -38.53 -44.04
C HIS L 6 -85.20 -37.69 -44.87
N GLY L 7 -85.70 -38.23 -45.99
CA GLY L 7 -86.61 -37.48 -46.84
C GLY L 7 -85.98 -36.33 -47.60
N SER L 8 -84.65 -36.22 -47.61
CA SER L 8 -83.98 -35.12 -48.30
C SER L 8 -83.78 -35.44 -49.78
N MET L 9 -84.04 -34.44 -50.61
CA MET L 9 -83.68 -34.49 -52.03
C MET L 9 -82.16 -34.55 -52.18
N LEU L 10 -81.67 -35.58 -52.84
CA LEU L 10 -80.24 -35.79 -53.00
C LEU L 10 -79.76 -35.24 -54.34
N PHE L 11 -78.55 -34.69 -54.35
CA PHE L 11 -77.86 -34.30 -55.58
C PHE L 11 -77.70 -35.49 -56.53
N THR L 12 -77.72 -35.20 -57.83
CA THR L 12 -77.59 -36.24 -58.85
C THR L 12 -76.65 -35.79 -59.95
N LEU L 13 -76.16 -36.77 -60.70
CA LEU L 13 -75.31 -36.52 -61.85
C LEU L 13 -75.89 -37.20 -63.07
N ASN L 14 -75.76 -36.57 -64.24
CA ASN L 14 -76.05 -37.23 -65.49
C ASN L 14 -74.74 -37.53 -66.19
N ASP L 15 -74.70 -38.66 -66.89
CA ASP L 15 -73.53 -39.03 -67.67
C ASP L 15 -73.21 -37.91 -68.67
N PRO L 16 -71.95 -37.52 -68.81
CA PRO L 16 -71.57 -36.68 -69.94
C PRO L 16 -71.93 -37.38 -71.24
N ALA L 17 -72.32 -36.57 -72.24
CA ALA L 17 -72.73 -37.15 -73.51
C ALA L 17 -71.63 -38.00 -74.13
N TYR L 18 -70.37 -37.64 -73.88
CA TYR L 18 -69.23 -38.31 -74.49
C TYR L 18 -68.57 -39.37 -73.57
N LEU L 19 -69.29 -39.84 -72.55
CA LEU L 19 -68.68 -40.71 -71.55
C LEU L 19 -68.09 -41.98 -72.18
N LYS L 20 -68.84 -42.62 -73.08
CA LYS L 20 -68.34 -43.85 -73.69
C LYS L 20 -67.44 -43.57 -74.89
N THR L 21 -67.58 -42.40 -75.53
CA THR L 21 -66.82 -42.11 -76.73
C THR L 21 -65.40 -41.64 -76.41
N GLY L 22 -65.20 -40.99 -75.26
CA GLY L 22 -63.92 -40.39 -74.92
C GLY L 22 -63.80 -39.00 -75.52
N LEU L 23 -62.63 -38.42 -75.30
CA LEU L 23 -62.28 -37.09 -75.81
C LEU L 23 -60.88 -37.09 -76.39
N GLU L 24 -60.60 -38.05 -77.26
CA GLU L 24 -59.27 -38.20 -77.86
C GLU L 24 -58.87 -36.98 -78.70
N PRO L 25 -57.56 -36.70 -78.77
CA PRO L 25 -56.45 -37.45 -78.17
C PRO L 25 -56.10 -37.01 -76.74
N ALA L 26 -56.93 -36.15 -76.14
CA ALA L 26 -56.62 -35.55 -74.84
C ALA L 26 -56.99 -36.47 -73.69
N ILE L 27 -58.22 -36.97 -73.66
CA ILE L 27 -58.71 -37.76 -72.54
C ILE L 27 -59.42 -38.98 -73.11
N SER L 28 -58.97 -40.17 -72.69
CA SER L 28 -59.49 -41.43 -73.19
C SER L 28 -60.82 -41.80 -72.52
N ALA L 29 -61.53 -42.72 -73.17
CA ALA L 29 -62.76 -43.27 -72.60
C ALA L 29 -62.48 -44.01 -71.31
N LYS L 30 -61.35 -44.74 -71.24
CA LYS L 30 -60.99 -45.39 -69.99
C LYS L 30 -60.79 -44.37 -68.87
N THR L 31 -60.16 -43.24 -69.20
CA THR L 31 -59.92 -42.19 -68.20
C THR L 31 -61.23 -41.58 -67.73
N LEU L 32 -62.17 -41.34 -68.65
CA LEU L 32 -63.46 -40.79 -68.28
C LEU L 32 -64.26 -41.75 -67.41
N ASP L 33 -64.00 -43.05 -67.53
CA ASP L 33 -64.68 -44.03 -66.70
C ASP L 33 -64.29 -43.88 -65.23
N PHE L 34 -62.98 -43.89 -64.95
CA PHE L 34 -62.50 -43.70 -63.59
C PHE L 34 -62.72 -42.27 -63.13
N HIS L 35 -62.57 -41.31 -64.04
CA HIS L 35 -62.75 -39.93 -63.63
C HIS L 35 -64.20 -39.64 -63.26
N PHE L 36 -65.14 -40.11 -64.06
CA PHE L 36 -66.53 -39.80 -63.75
C PHE L 36 -67.15 -40.81 -62.78
N ASN L 37 -67.09 -42.10 -63.13
CA ASN L 37 -67.72 -43.11 -62.29
C ASN L 37 -66.96 -43.34 -60.99
N GLY L 38 -65.67 -43.04 -60.95
CA GLY L 38 -64.92 -43.09 -59.70
C GLY L 38 -64.97 -41.77 -58.94
N HIS L 39 -64.17 -40.79 -59.38
CA HIS L 39 -64.01 -39.57 -58.60
C HIS L 39 -65.31 -38.78 -58.50
N HIS L 40 -65.96 -38.49 -59.63
CA HIS L 40 -67.12 -37.59 -59.59
C HIS L 40 -68.29 -38.19 -58.80
N LYS L 41 -68.57 -39.49 -58.98
CA LYS L 41 -69.63 -40.14 -58.21
C LYS L 41 -69.25 -40.27 -56.75
N THR L 42 -67.96 -40.44 -56.44
CA THR L 42 -67.54 -40.46 -55.04
C THR L 42 -67.79 -39.12 -54.36
N TYR L 43 -67.43 -38.03 -55.04
CA TYR L 43 -67.74 -36.71 -54.50
C TYR L 43 -69.24 -36.54 -54.33
N LEU L 44 -70.02 -37.11 -55.25
CA LEU L 44 -71.47 -37.01 -55.16
C LEU L 44 -71.99 -37.77 -53.94
N ASN L 45 -71.50 -38.99 -53.72
CA ASN L 45 -71.96 -39.78 -52.58
C ASN L 45 -71.55 -39.14 -51.26
N LYS L 46 -70.32 -38.57 -51.21
CA LYS L 46 -69.86 -37.96 -49.97
C LYS L 46 -70.64 -36.68 -49.66
N THR L 47 -70.93 -35.87 -50.69
CA THR L 47 -71.71 -34.66 -50.47
C THR L 47 -73.10 -35.00 -49.94
N ASN L 48 -73.78 -35.92 -50.60
CA ASN L 48 -75.12 -36.33 -50.16
C ASN L 48 -75.09 -36.88 -48.74
N ASP L 49 -74.07 -37.67 -48.40
CA ASP L 49 -73.95 -38.19 -47.05
C ASP L 49 -73.75 -37.07 -46.03
N LEU L 50 -73.01 -36.03 -46.39
CA LEU L 50 -72.75 -34.93 -45.46
C LEU L 50 -73.93 -33.97 -45.34
N VAL L 51 -74.75 -33.82 -46.39
CA VAL L 51 -75.89 -32.90 -46.32
C VAL L 51 -77.19 -33.58 -45.87
N LYS L 52 -77.39 -34.86 -46.19
CA LYS L 52 -78.67 -35.52 -45.93
C LYS L 52 -79.05 -35.43 -44.45
N GLY L 53 -80.28 -35.02 -44.19
CA GLY L 53 -80.75 -35.02 -42.81
C GLY L 53 -80.21 -33.91 -41.94
N THR L 54 -79.57 -32.89 -42.52
CA THR L 54 -78.97 -31.77 -41.82
C THR L 54 -79.74 -30.51 -42.19
N SER L 55 -79.35 -29.38 -41.58
CA SER L 55 -80.00 -28.13 -41.91
C SER L 55 -79.71 -27.67 -43.33
N LEU L 56 -78.80 -28.34 -44.03
CA LEU L 56 -78.47 -28.01 -45.40
C LEU L 56 -79.29 -28.80 -46.42
N GLU L 57 -80.13 -29.73 -45.97
CA GLU L 57 -80.91 -30.54 -46.91
C GLU L 57 -81.79 -29.65 -47.78
N ASN L 58 -81.93 -30.06 -49.05
CA ASN L 58 -82.79 -29.45 -50.08
C ASN L 58 -82.30 -28.09 -50.56
N LYS L 59 -81.13 -27.64 -50.11
CA LYS L 59 -80.50 -26.44 -50.64
C LYS L 59 -79.73 -26.76 -51.91
N SER L 60 -79.55 -25.72 -52.73
CA SER L 60 -78.78 -25.89 -53.96
C SER L 60 -77.33 -26.18 -53.64
N LEU L 61 -76.63 -26.72 -54.65
CA LEU L 61 -75.25 -27.10 -54.48
C LEU L 61 -74.38 -25.89 -54.14
N GLU L 62 -74.69 -24.75 -54.77
CA GLU L 62 -73.96 -23.51 -54.55
C GLU L 62 -74.13 -22.98 -53.14
N ASP L 63 -75.35 -23.10 -52.58
CA ASP L 63 -75.54 -22.70 -51.18
C ASP L 63 -74.70 -23.57 -50.26
N VAL L 64 -74.67 -24.88 -50.52
CA VAL L 64 -73.90 -25.79 -49.68
C VAL L 64 -72.41 -25.45 -49.74
N ILE L 65 -71.89 -25.12 -50.92
CA ILE L 65 -70.47 -24.78 -51.01
C ILE L 65 -70.18 -23.51 -50.22
N LEU L 66 -71.02 -22.47 -50.40
CA LEU L 66 -70.78 -21.22 -49.70
C LEU L 66 -70.98 -21.35 -48.19
N VAL L 67 -71.92 -22.18 -47.75
CA VAL L 67 -72.04 -22.44 -46.32
C VAL L 67 -70.78 -23.15 -45.82
N ALA L 68 -70.31 -24.13 -46.60
CA ALA L 68 -69.08 -24.83 -46.24
C ALA L 68 -67.88 -23.88 -46.21
N LYS L 69 -67.78 -22.95 -47.15
CA LYS L 69 -66.62 -22.06 -47.13
C LYS L 69 -66.70 -21.07 -45.98
N THR L 70 -67.87 -20.48 -45.74
CA THR L 70 -67.94 -19.42 -44.72
C THR L 70 -67.85 -19.99 -43.30
N THR L 71 -68.27 -21.23 -43.09
CA THR L 71 -68.16 -21.89 -41.79
C THR L 71 -66.89 -22.72 -41.66
N ASN L 72 -65.99 -22.68 -42.65
CA ASN L 72 -64.70 -23.38 -42.60
C ASN L 72 -64.87 -24.87 -42.34
N ASN L 73 -65.77 -25.50 -43.11
CA ASN L 73 -66.07 -26.93 -43.01
C ASN L 73 -65.33 -27.63 -44.14
N ALA L 74 -64.15 -28.18 -43.82
CA ALA L 74 -63.23 -28.66 -44.86
C ALA L 74 -63.82 -29.86 -45.62
N ALA L 75 -64.31 -30.87 -44.88
CA ALA L 75 -64.83 -32.09 -45.51
C ALA L 75 -66.01 -31.79 -46.43
N LEU L 76 -66.93 -30.93 -45.99
CA LEU L 76 -68.06 -30.57 -46.85
C LEU L 76 -67.60 -29.74 -48.04
N PHE L 77 -66.69 -28.78 -47.81
CA PHE L 77 -66.21 -27.93 -48.89
C PHE L 77 -65.49 -28.75 -49.96
N ASN L 78 -64.64 -29.69 -49.53
CA ASN L 78 -63.84 -30.43 -50.50
C ASN L 78 -64.71 -31.27 -51.44
N ASN L 79 -65.75 -31.93 -50.91
CA ASN L 79 -66.55 -32.81 -51.77
C ASN L 79 -67.56 -32.04 -52.61
N ALA L 80 -68.29 -31.10 -52.00
CA ALA L 80 -69.32 -30.36 -52.73
C ALA L 80 -68.69 -29.48 -53.80
N THR L 81 -67.54 -28.84 -53.51
CA THR L 81 -66.91 -28.01 -54.53
C THR L 81 -66.31 -28.88 -55.62
N GLN L 82 -65.74 -30.04 -55.26
CA GLN L 82 -65.29 -30.98 -56.29
C GLN L 82 -66.46 -31.50 -57.12
N LEU L 83 -67.63 -31.67 -56.50
CA LEU L 83 -68.81 -32.07 -57.27
C LEU L 83 -69.16 -31.01 -58.31
N TRP L 84 -69.11 -29.73 -57.92
CA TRP L 84 -69.37 -28.64 -58.86
C TRP L 84 -68.25 -28.49 -59.89
N ASN L 85 -67.00 -28.63 -59.44
CA ASN L 85 -65.86 -28.43 -60.36
C ASN L 85 -65.91 -29.40 -61.54
N HIS L 86 -66.23 -30.67 -61.27
CA HIS L 86 -66.23 -31.66 -62.35
C HIS L 86 -67.42 -31.47 -63.28
N SER L 87 -68.58 -31.11 -62.74
CA SER L 87 -69.72 -30.83 -63.61
C SER L 87 -69.41 -29.68 -64.57
N PHE L 88 -68.81 -28.60 -64.06
CA PHE L 88 -68.39 -27.49 -64.92
C PHE L 88 -67.29 -27.96 -65.89
N PHE L 89 -66.38 -28.82 -65.42
CA PHE L 89 -65.33 -29.35 -66.28
C PHE L 89 -65.90 -30.13 -67.47
N TRP L 90 -66.90 -30.98 -67.23
CA TRP L 90 -67.46 -31.77 -68.32
C TRP L 90 -68.10 -30.87 -69.36
N ASP L 91 -68.77 -29.79 -68.91
CA ASP L 91 -69.37 -28.83 -69.84
C ASP L 91 -68.32 -28.04 -70.61
N CYS L 92 -67.09 -27.93 -70.07
CA CYS L 92 -66.02 -27.20 -70.74
C CYS L 92 -65.41 -28.00 -71.88
N MET L 93 -65.79 -29.26 -72.05
CA MET L 93 -65.17 -30.08 -73.07
C MET L 93 -66.23 -30.74 -73.94
N ALA L 94 -65.81 -31.08 -75.16
CA ALA L 94 -66.64 -31.76 -76.15
C ALA L 94 -65.73 -32.39 -77.18
N PRO L 95 -66.17 -33.44 -77.88
CA PRO L 95 -65.39 -34.00 -78.98
C PRO L 95 -65.11 -32.95 -80.06
N THR L 96 -64.07 -33.22 -80.85
CA THR L 96 -63.48 -32.20 -81.71
C THR L 96 -64.50 -31.50 -82.61
N ASN L 97 -65.31 -32.26 -83.35
CA ASN L 97 -66.28 -31.66 -84.29
C ASN L 97 -67.30 -30.79 -83.57
N GLN L 98 -67.38 -30.90 -82.24
CA GLN L 98 -68.40 -30.23 -81.44
C GLN L 98 -67.81 -29.12 -80.58
N THR L 99 -66.66 -28.56 -80.94
CA THR L 99 -66.01 -27.55 -80.12
C THR L 99 -66.53 -26.14 -80.36
N GLY L 100 -67.11 -25.87 -81.54
CA GLY L 100 -67.45 -24.50 -81.85
C GLY L 100 -66.22 -23.64 -82.11
N GLN L 101 -66.48 -22.33 -82.14
CA GLN L 101 -65.46 -21.33 -82.43
C GLN L 101 -65.42 -20.31 -81.30
N ILE L 102 -64.30 -19.59 -81.21
CA ILE L 102 -64.23 -18.44 -80.32
C ILE L 102 -65.04 -17.30 -80.95
N SER L 103 -66.03 -16.80 -80.21
CA SER L 103 -66.96 -15.79 -80.71
C SER L 103 -66.32 -14.42 -80.87
N PRO L 104 -66.95 -13.54 -81.67
CA PRO L 104 -66.44 -12.17 -81.81
C PRO L 104 -66.34 -11.42 -80.48
N GLU L 105 -67.20 -11.71 -79.51
CA GLU L 105 -67.16 -10.99 -78.24
C GLU L 105 -66.02 -11.49 -77.34
N LEU L 106 -65.79 -12.82 -77.31
CA LEU L 106 -64.86 -13.39 -76.33
C LEU L 106 -63.40 -13.22 -76.78
N GLU L 107 -63.14 -13.43 -78.08
CA GLU L 107 -61.79 -13.23 -78.62
C GLU L 107 -61.36 -11.78 -78.45
N LYS L 108 -62.31 -10.83 -78.57
CA LYS L 108 -61.99 -9.44 -78.30
C LYS L 108 -61.50 -9.28 -76.87
N LEU L 109 -62.20 -9.89 -75.91
CA LEU L 109 -61.79 -9.81 -74.51
C LEU L 109 -60.54 -10.64 -74.25
N ILE L 110 -60.32 -11.70 -75.04
CA ILE L 110 -59.06 -12.43 -74.95
C ILE L 110 -57.91 -11.54 -75.42
N LYS L 111 -58.08 -10.89 -76.59
CA LYS L 111 -57.09 -9.93 -77.07
C LYS L 111 -56.86 -8.82 -76.06
N GLU L 112 -57.92 -8.32 -75.42
CA GLU L 112 -57.78 -7.15 -74.56
C GLU L 112 -56.90 -7.46 -73.36
N SER L 113 -57.12 -8.61 -72.70
CA SER L 113 -56.41 -8.95 -71.47
C SER L 113 -55.12 -9.74 -71.67
N PHE L 114 -54.95 -10.40 -72.82
CA PHE L 114 -53.81 -11.29 -72.99
C PHE L 114 -53.02 -11.05 -74.27
N GLY L 115 -53.38 -10.04 -75.08
CA GLY L 115 -52.66 -9.72 -76.29
C GLY L 115 -53.21 -10.41 -77.52
N SER L 116 -53.25 -11.74 -77.49
CA SER L 116 -53.78 -12.53 -78.59
C SER L 116 -54.35 -13.83 -78.03
N VAL L 117 -55.16 -14.49 -78.87
CA VAL L 117 -55.69 -15.81 -78.51
C VAL L 117 -54.54 -16.80 -78.34
N ALA L 118 -53.54 -16.73 -79.22
CA ALA L 118 -52.37 -17.57 -79.08
C ALA L 118 -51.64 -17.29 -77.76
N ASP L 119 -51.48 -16.00 -77.43
CA ASP L 119 -50.82 -15.65 -76.17
C ASP L 119 -51.65 -16.06 -74.97
N PHE L 120 -52.97 -15.88 -75.05
CA PHE L 120 -53.83 -16.34 -73.96
C PHE L 120 -53.63 -17.85 -73.73
N LYS L 121 -53.63 -18.62 -74.81
CA LYS L 121 -53.47 -20.07 -74.69
C LYS L 121 -52.14 -20.44 -74.06
N LYS L 122 -51.09 -19.65 -74.30
CA LYS L 122 -49.80 -19.94 -73.67
C LYS L 122 -49.80 -19.57 -72.20
N LYS L 123 -50.25 -18.36 -71.87
CA LYS L 123 -50.39 -17.97 -70.47
C LYS L 123 -51.15 -19.02 -69.69
N PHE L 124 -52.35 -19.38 -70.17
CA PHE L 124 -53.19 -20.38 -69.50
C PHE L 124 -52.46 -21.71 -69.37
N THR L 125 -51.81 -22.16 -70.44
CA THR L 125 -51.11 -23.44 -70.41
C THR L 125 -49.95 -23.38 -69.43
N ASP L 126 -49.18 -22.28 -69.45
CA ASP L 126 -48.08 -22.12 -68.51
C ASP L 126 -48.60 -22.08 -67.07
N SER L 127 -49.66 -21.33 -66.82
CA SER L 127 -50.21 -21.21 -65.47
C SER L 127 -50.68 -22.58 -64.96
N ALA L 128 -51.28 -23.39 -65.84
CA ALA L 128 -51.72 -24.72 -65.45
C ALA L 128 -50.54 -25.65 -65.15
N ILE L 129 -49.48 -25.56 -65.95
CA ILE L 129 -48.28 -26.37 -65.72
C ILE L 129 -47.64 -26.02 -64.38
N ALA L 130 -47.66 -24.74 -64.02
CA ALA L 130 -47.05 -24.25 -62.79
C ALA L 130 -47.88 -24.56 -61.55
N ASN L 131 -49.07 -25.14 -61.70
CA ASN L 131 -49.92 -25.42 -60.55
C ASN L 131 -49.44 -26.67 -59.81
N PHE L 132 -48.67 -26.46 -58.74
CA PHE L 132 -48.01 -27.57 -58.08
C PHE L 132 -49.03 -28.39 -57.30
N GLY L 133 -48.94 -29.71 -57.44
CA GLY L 133 -49.88 -30.57 -56.75
C GLY L 133 -51.21 -30.67 -57.49
N SER L 134 -52.26 -30.96 -56.73
CA SER L 134 -53.61 -31.07 -57.28
C SER L 134 -54.30 -29.72 -57.34
N GLY L 135 -55.11 -29.53 -58.36
CA GLY L 135 -55.85 -28.29 -58.46
C GLY L 135 -56.39 -28.08 -59.87
N TRP L 136 -56.76 -26.83 -60.13
CA TRP L 136 -57.49 -26.45 -61.32
C TRP L 136 -56.98 -25.09 -61.81
N THR L 137 -57.09 -24.85 -63.11
CA THR L 137 -56.73 -23.56 -63.69
C THR L 137 -57.94 -22.94 -64.39
N TRP L 138 -58.22 -21.67 -64.11
CA TRP L 138 -59.47 -21.05 -64.49
C TRP L 138 -59.26 -19.80 -65.35
N LEU L 139 -60.21 -19.57 -66.25
CA LEU L 139 -60.38 -18.27 -66.90
C LEU L 139 -61.67 -17.68 -66.35
N VAL L 140 -61.57 -16.49 -65.78
CA VAL L 140 -62.70 -15.85 -65.12
C VAL L 140 -62.94 -14.45 -65.69
N ASN L 141 -64.18 -14.02 -65.63
CA ASN L 141 -64.58 -12.68 -66.06
C ASN L 141 -64.95 -11.86 -64.82
N ILE L 142 -64.23 -10.76 -64.59
CA ILE L 142 -64.55 -9.88 -63.49
C ILE L 142 -65.08 -8.57 -64.07
N ASN L 143 -66.40 -8.50 -64.26
CA ASN L 143 -67.08 -7.31 -64.75
C ASN L 143 -66.47 -6.81 -66.06
N GLY L 144 -66.02 -7.74 -66.90
CA GLY L 144 -65.50 -7.42 -68.22
C GLY L 144 -64.00 -7.53 -68.41
N LYS L 145 -63.20 -7.72 -67.37
CA LYS L 145 -61.79 -8.02 -67.58
C LYS L 145 -61.50 -9.45 -67.19
N LEU L 146 -60.72 -10.12 -68.03
CA LEU L 146 -60.41 -11.52 -67.86
C LEU L 146 -59.09 -11.74 -67.14
N GLU L 147 -59.04 -12.83 -66.40
CA GLU L 147 -57.86 -13.22 -65.62
C GLU L 147 -57.76 -14.74 -65.65
N ILE L 148 -56.54 -15.23 -65.46
CA ILE L 148 -56.27 -16.65 -65.27
C ILE L 148 -55.99 -16.86 -63.79
N GLN L 149 -56.69 -17.83 -63.19
CA GLN L 149 -56.61 -18.11 -61.75
C GLN L 149 -56.23 -19.57 -61.55
N ASN L 150 -55.23 -19.82 -60.70
CA ASN L 150 -54.92 -21.15 -60.21
C ASN L 150 -55.56 -21.37 -58.85
N THR L 151 -56.13 -22.56 -58.66
CA THR L 151 -56.58 -22.97 -57.35
C THR L 151 -55.97 -24.33 -56.99
N SER L 152 -55.97 -24.61 -55.70
CA SER L 152 -55.43 -25.82 -55.12
C SER L 152 -56.53 -26.77 -54.68
N ASN L 153 -56.30 -28.06 -54.91
CA ASN L 153 -57.22 -29.08 -54.42
C ASN L 153 -58.65 -28.80 -54.85
N ALA L 154 -59.54 -28.46 -53.90
CA ALA L 154 -60.93 -28.26 -54.28
C ALA L 154 -61.31 -26.82 -54.54
N GLU L 155 -60.43 -25.86 -54.27
CA GLU L 155 -60.78 -24.44 -54.38
C GLU L 155 -61.19 -24.09 -55.81
N SER L 156 -62.04 -23.06 -55.92
CA SER L 156 -62.80 -22.80 -57.13
C SER L 156 -63.36 -21.38 -57.15
N PRO L 157 -63.42 -20.74 -58.31
CA PRO L 157 -64.08 -19.41 -58.40
C PRO L 157 -65.59 -19.47 -58.27
N VAL L 158 -66.20 -20.66 -58.18
CA VAL L 158 -67.63 -20.70 -57.92
C VAL L 158 -67.95 -19.97 -56.61
N THR L 159 -67.00 -19.93 -55.68
CA THR L 159 -67.22 -19.22 -54.43
C THR L 159 -67.16 -17.70 -54.60
N LEU L 160 -66.48 -17.20 -55.65
CA LEU L 160 -66.13 -15.78 -55.79
C LEU L 160 -67.15 -15.02 -56.63
N ARG L 161 -67.21 -13.71 -56.40
CA ARG L 161 -68.11 -12.83 -57.15
C ARG L 161 -67.54 -12.59 -58.54
N VAL L 162 -67.55 -13.67 -59.32
CA VAL L 162 -66.81 -13.78 -60.57
C VAL L 162 -67.60 -14.74 -61.46
N THR L 163 -67.39 -14.62 -62.77
CA THR L 163 -67.96 -15.62 -63.69
C THR L 163 -66.89 -16.55 -64.20
N PRO L 164 -66.91 -17.83 -63.85
CA PRO L 164 -66.01 -18.81 -64.46
C PRO L 164 -66.37 -19.04 -65.93
N LEU L 165 -65.37 -18.99 -66.80
CA LEU L 165 -65.56 -19.22 -68.23
C LEU L 165 -65.02 -20.56 -68.70
N LEU L 166 -63.96 -21.06 -68.09
CA LEU L 166 -63.27 -22.24 -68.56
C LEU L 166 -62.39 -22.77 -67.44
N THR L 167 -62.27 -24.08 -67.33
CA THR L 167 -61.36 -24.68 -66.36
C THR L 167 -60.69 -25.89 -66.98
N VAL L 168 -59.48 -26.18 -66.50
CA VAL L 168 -58.82 -27.45 -66.75
C VAL L 168 -58.49 -28.10 -65.42
N ASP L 169 -58.73 -29.40 -65.34
CA ASP L 169 -58.43 -30.16 -64.13
C ASP L 169 -56.99 -30.67 -64.21
N VAL L 170 -56.15 -30.28 -63.25
CA VAL L 170 -54.77 -30.74 -63.27
C VAL L 170 -54.44 -31.64 -62.09
N TRP L 171 -55.46 -32.09 -61.35
CA TRP L 171 -55.28 -33.29 -60.54
C TRP L 171 -54.75 -34.39 -61.43
N GLU L 172 -53.80 -35.16 -60.91
CA GLU L 172 -53.10 -36.12 -61.75
C GLU L 172 -54.03 -37.21 -62.29
N HIS L 173 -55.10 -37.53 -61.55
CA HIS L 173 -56.03 -38.53 -62.04
C HIS L 173 -56.73 -38.08 -63.33
N ALA L 174 -56.72 -36.77 -63.60
CA ALA L 174 -57.29 -36.24 -64.83
C ALA L 174 -56.47 -36.63 -66.06
N TYR L 175 -55.21 -37.06 -65.88
CA TYR L 175 -54.35 -37.31 -67.03
C TYR L 175 -53.36 -38.46 -66.89
N TYR L 176 -53.23 -39.08 -65.72
CA TYR L 176 -52.08 -39.97 -65.53
C TYR L 176 -52.20 -41.26 -66.35
N LEU L 177 -53.40 -41.79 -66.55
CA LEU L 177 -53.57 -43.03 -67.30
C LEU L 177 -53.20 -42.86 -68.76
N ASP L 178 -53.43 -41.69 -69.34
CA ASP L 178 -53.09 -41.40 -70.72
C ASP L 178 -51.75 -40.71 -70.90
N HIS L 179 -51.34 -39.89 -69.93
CA HIS L 179 -50.17 -39.05 -70.11
C HIS L 179 -49.14 -39.19 -69.01
N GLN L 180 -49.42 -39.95 -67.95
CA GLN L 180 -48.53 -40.06 -66.80
C GLN L 180 -48.02 -38.68 -66.40
N ASN L 181 -46.70 -38.52 -66.31
CA ASN L 181 -46.09 -37.30 -65.80
C ASN L 181 -46.06 -36.17 -66.81
N ARG L 182 -46.57 -36.38 -68.03
CA ARG L 182 -46.51 -35.37 -69.09
C ARG L 182 -47.71 -34.43 -69.05
N ARG L 183 -47.82 -33.68 -67.95
CA ARG L 183 -48.90 -32.71 -67.85
C ARG L 183 -48.91 -31.69 -68.98
N PRO L 184 -47.77 -31.10 -69.41
CA PRO L 184 -47.82 -30.20 -70.58
C PRO L 184 -48.39 -30.85 -71.84
N GLU L 185 -48.07 -32.13 -72.08
CA GLU L 185 -48.62 -32.83 -73.23
C GLU L 185 -50.11 -33.09 -73.05
N TYR L 186 -50.56 -33.29 -71.82
CA TYR L 186 -51.99 -33.40 -71.53
C TYR L 186 -52.73 -32.13 -71.93
N LEU L 187 -52.19 -30.98 -71.54
CA LEU L 187 -52.89 -29.71 -71.78
C LEU L 187 -52.89 -29.33 -73.26
N ASN L 188 -51.79 -29.59 -73.97
CA ASN L 188 -51.72 -29.29 -75.40
C ASN L 188 -52.85 -30.00 -76.15
N LYS L 189 -52.98 -31.31 -75.95
CA LYS L 189 -54.07 -32.04 -76.57
C LYS L 189 -55.43 -31.60 -76.03
N TRP L 190 -55.48 -31.12 -74.78
CA TRP L 190 -56.73 -30.71 -74.15
C TRP L 190 -57.34 -29.49 -74.83
N TRP L 191 -56.50 -28.61 -75.40
CA TRP L 191 -57.03 -27.46 -76.14
C TRP L 191 -57.87 -27.90 -77.33
N GLU L 192 -57.56 -29.06 -77.90
CA GLU L 192 -58.30 -29.59 -79.04
C GLU L 192 -59.67 -30.11 -78.65
N VAL L 193 -59.96 -30.16 -77.34
CA VAL L 193 -61.23 -30.65 -76.79
C VAL L 193 -62.01 -29.55 -76.08
N VAL L 194 -61.50 -28.31 -76.09
CA VAL L 194 -62.18 -27.21 -75.42
C VAL L 194 -63.51 -26.92 -76.10
N ASN L 195 -64.60 -26.97 -75.33
CA ASN L 195 -65.96 -26.70 -75.81
C ASN L 195 -66.17 -25.19 -75.78
N TRP L 196 -65.79 -24.52 -76.86
CA TRP L 196 -65.91 -23.07 -76.95
C TRP L 196 -67.35 -22.59 -76.97
N LYS L 197 -68.33 -23.47 -77.25
CA LYS L 197 -69.73 -23.06 -77.15
C LYS L 197 -70.09 -22.75 -75.70
N PHE L 198 -69.55 -23.53 -74.78
CA PHE L 198 -69.86 -23.32 -73.37
C PHE L 198 -69.20 -22.04 -72.88
N VAL L 199 -67.94 -21.82 -73.25
CA VAL L 199 -67.22 -20.63 -72.82
C VAL L 199 -67.93 -19.36 -73.26
N ASP L 200 -68.35 -19.30 -74.53
CA ASP L 200 -69.06 -18.08 -74.94
C ASP L 200 -70.42 -17.98 -74.27
N GLN L 201 -71.06 -19.12 -74.01
CA GLN L 201 -72.33 -19.11 -73.27
C GLN L 201 -72.12 -18.66 -71.82
N GLN L 202 -70.94 -18.93 -71.24
CA GLN L 202 -70.70 -18.47 -69.88
C GLN L 202 -70.53 -16.95 -69.81
N LEU L 203 -69.97 -16.33 -70.86
CA LEU L 203 -69.82 -14.88 -70.79
C LEU L 203 -71.19 -14.21 -70.87
N LYS L 204 -72.14 -14.84 -71.56
CA LYS L 204 -73.52 -14.38 -71.57
C LYS L 204 -74.34 -15.11 -70.52
FE FE2 M . 12.56 14.30 10.57
FE FE2 N . 10.97 -2.25 17.66
FE FE2 O . 32.68 22.71 36.21
FE FE2 P . 46.55 15.24 27.31
FE FE2 Q . -10.34 3.37 -19.66
FE FE2 R . 67.82 17.04 60.65
FE FE2 S . 57.09 30.43 66.40
FE FE2 T . -5.69 -13.91 -16.28
FE FE2 U . -46.70 -10.52 -27.99
FE FE2 V . -58.90 -2.07 -38.38
FE FE2 W . -44.30 -39.19 -55.40
FE FE2 X . -60.71 -34.45 -61.33
#